data_2A1J
# 
_entry.id   2A1J 
# 
_audit_conform.dict_name       mmcif_pdbx.dic 
_audit_conform.dict_version    5.387 
_audit_conform.dict_location   http://mmcif.pdb.org/dictionaries/ascii/mmcif_pdbx.dic 
# 
loop_
_database_2.database_id 
_database_2.database_code 
_database_2.pdbx_database_accession 
_database_2.pdbx_DOI 
PDB   2A1J         pdb_00002a1j 10.2210/pdb2a1j/pdb 
RCSB  RCSB033375   ?            ?                   
WWPDB D_1000033375 ?            ?                   
# 
loop_
_pdbx_audit_revision_history.ordinal 
_pdbx_audit_revision_history.data_content_type 
_pdbx_audit_revision_history.major_revision 
_pdbx_audit_revision_history.minor_revision 
_pdbx_audit_revision_history.revision_date 
1 'Structure model' 1 0 2005-08-02 
2 'Structure model' 1 1 2008-04-30 
3 'Structure model' 1 2 2011-07-13 
4 'Structure model' 1 3 2024-02-14 
# 
_pdbx_audit_revision_details.ordinal             1 
_pdbx_audit_revision_details.revision_ordinal    1 
_pdbx_audit_revision_details.data_content_type   'Structure model' 
_pdbx_audit_revision_details.provider            repository 
_pdbx_audit_revision_details.type                'Initial release' 
_pdbx_audit_revision_details.description         ? 
_pdbx_audit_revision_details.details             ? 
# 
loop_
_pdbx_audit_revision_group.ordinal 
_pdbx_audit_revision_group.revision_ordinal 
_pdbx_audit_revision_group.data_content_type 
_pdbx_audit_revision_group.group 
1 2 'Structure model' 'Version format compliance' 
2 3 'Structure model' 'Version format compliance' 
3 4 'Structure model' 'Data collection'           
4 4 'Structure model' 'Database references'       
5 4 'Structure model' 'Derived calculations'      
# 
loop_
_pdbx_audit_revision_category.ordinal 
_pdbx_audit_revision_category.revision_ordinal 
_pdbx_audit_revision_category.data_content_type 
_pdbx_audit_revision_category.category 
1 4 'Structure model' chem_comp_atom         
2 4 'Structure model' chem_comp_bond         
3 4 'Structure model' database_2             
4 4 'Structure model' pdbx_struct_conn_angle 
5 4 'Structure model' struct_conn            
6 4 'Structure model' struct_ref_seq_dif     
7 4 'Structure model' struct_site            
# 
loop_
_pdbx_audit_revision_item.ordinal 
_pdbx_audit_revision_item.revision_ordinal 
_pdbx_audit_revision_item.data_content_type 
_pdbx_audit_revision_item.item 
1  4 'Structure model' '_database_2.pdbx_DOI'                        
2  4 'Structure model' '_database_2.pdbx_database_accession'         
3  4 'Structure model' '_pdbx_struct_conn_angle.ptnr1_auth_comp_id'  
4  4 'Structure model' '_pdbx_struct_conn_angle.ptnr1_auth_seq_id'   
5  4 'Structure model' '_pdbx_struct_conn_angle.ptnr1_label_atom_id' 
6  4 'Structure model' '_pdbx_struct_conn_angle.ptnr1_label_comp_id' 
7  4 'Structure model' '_pdbx_struct_conn_angle.ptnr1_label_seq_id'  
8  4 'Structure model' '_pdbx_struct_conn_angle.ptnr3_auth_comp_id'  
9  4 'Structure model' '_pdbx_struct_conn_angle.ptnr3_auth_seq_id'   
10 4 'Structure model' '_pdbx_struct_conn_angle.ptnr3_label_atom_id' 
11 4 'Structure model' '_pdbx_struct_conn_angle.ptnr3_label_comp_id' 
12 4 'Structure model' '_pdbx_struct_conn_angle.ptnr3_label_seq_id'  
13 4 'Structure model' '_struct_conn.pdbx_dist_value'                
14 4 'Structure model' '_struct_conn.ptnr2_auth_comp_id'             
15 4 'Structure model' '_struct_conn.ptnr2_auth_seq_id'              
16 4 'Structure model' '_struct_conn.ptnr2_label_atom_id'            
17 4 'Structure model' '_struct_conn.ptnr2_label_comp_id'            
18 4 'Structure model' '_struct_conn.ptnr2_label_seq_id'             
19 4 'Structure model' '_struct_ref_seq_dif.details'                 
20 4 'Structure model' '_struct_site.pdbx_auth_asym_id'              
21 4 'Structure model' '_struct_site.pdbx_auth_comp_id'              
22 4 'Structure model' '_struct_site.pdbx_auth_seq_id'               
# 
_pdbx_database_status.status_code                     REL 
_pdbx_database_status.entry_id                        2A1J 
_pdbx_database_status.recvd_initial_deposition_date   2005-06-20 
_pdbx_database_status.deposit_site                    RCSB 
_pdbx_database_status.process_site                    RCSB 
_pdbx_database_status.status_code_sf                  REL 
_pdbx_database_status.status_code_mr                  ? 
_pdbx_database_status.SG_entry                        ? 
_pdbx_database_status.pdb_format_compatible           Y 
_pdbx_database_status.status_code_cs                  ? 
_pdbx_database_status.status_code_nmr_data            ? 
_pdbx_database_status.methods_development_category    ? 
# 
loop_
_audit_author.name 
_audit_author.pdbx_ordinal 
'Tsodikov, O.V.'  1 
'Enzlin, J.H.'    2 
'Scharer, O.D.'   3 
'Ellenberger, T.' 4 
# 
_citation.id                        primary 
_citation.title                     
'Crystal structure and DNA binding functions of ERCC1, a subunit of the DNA structure-specific endonuclease XPF-ERCC1.' 
_citation.journal_abbrev            Proc.Natl.Acad.Sci.Usa 
_citation.journal_volume            102 
_citation.page_first                11236 
_citation.page_last                 11241 
_citation.year                      2005 
_citation.journal_id_ASTM           PNASA6 
_citation.country                   US 
_citation.journal_id_ISSN           0027-8424 
_citation.journal_id_CSD            0040 
_citation.book_publisher            ? 
_citation.pdbx_database_id_PubMed   16076955 
_citation.pdbx_database_id_DOI      10.1073/pnas.0504341102 
# 
loop_
_citation_author.citation_id 
_citation_author.name 
_citation_author.ordinal 
_citation_author.identifier_ORCID 
primary 'Tsodikov, O.V.'  1 ? 
primary 'Enzlin, J.H.'    2 ? 
primary 'Scharer, O.D.'   3 ? 
primary 'Ellenberger, T.' 4 ? 
# 
loop_
_entity.id 
_entity.type 
_entity.src_method 
_entity.pdbx_description 
_entity.formula_weight 
_entity.pdbx_number_of_molecules 
_entity.pdbx_ec 
_entity.pdbx_mutation 
_entity.pdbx_fragment 
_entity.details 
1 polymer     man 'DNA repair endonuclease XPF'        6964.031  1 3.1.-.- ? 'C-terminal domain' ? 
2 polymer     man 'DNA excision repair protein ERCC-1' 10205.601 1 ?       ? 'C-terminal domain' ? 
3 non-polymer syn 'MERCURY (II) ION'                   200.590   1 ?       ? ?                   ? 
# 
_entity_name_com.entity_id   1 
_entity_name_com.name        
'DNA excision repair protein ERCC-4, DNA-repair protein complementing XP-F cell, Xeroderma pigmentosum group F complementing protein' 
# 
loop_
_entity_poly.entity_id 
_entity_poly.type 
_entity_poly.nstd_linkage 
_entity_poly.nstd_monomer 
_entity_poly.pdbx_seq_one_letter_code 
_entity_poly.pdbx_seq_one_letter_code_can 
_entity_poly.pdbx_strand_id 
_entity_poly.pdbx_target_identifier 
1 'polypeptide(L)' no no MPQDFLLKMPGVNAKNCRSLMHHVKNIAELAALSQDELTSILGNAANAKQLYDFIHTSFAEVV                                
MPQDFLLKMPGVNAKNCRSLMHHVKNIAELAALSQDELTSILGNAANAKQLYDFIHTSFAEVV                                A ? 
2 'polypeptide(L)' no no 
;MGSSHHHHHHSQDPADLLMEKLEQDFVSRVTECLTTVKSVNKTDSQTLLTTFGSLEQLIAASREDLALCPGLGPQKARRL
FDVLHEPFLKV
;
;MGSSHHHHHHSQDPADLLMEKLEQDFVSRVTECLTTVKSVNKTDSQTLLTTFGSLEQLIAASREDLALCPGLGPQKARRL
FDVLHEPFLKV
;
B ? 
# 
_pdbx_entity_nonpoly.entity_id   3 
_pdbx_entity_nonpoly.name        'MERCURY (II) ION' 
_pdbx_entity_nonpoly.comp_id     HG 
# 
loop_
_entity_poly_seq.entity_id 
_entity_poly_seq.num 
_entity_poly_seq.mon_id 
_entity_poly_seq.hetero 
1 1  MET n 
1 2  PRO n 
1 3  GLN n 
1 4  ASP n 
1 5  PHE n 
1 6  LEU n 
1 7  LEU n 
1 8  LYS n 
1 9  MET n 
1 10 PRO n 
1 11 GLY n 
1 12 VAL n 
1 13 ASN n 
1 14 ALA n 
1 15 LYS n 
1 16 ASN n 
1 17 CYS n 
1 18 ARG n 
1 19 SER n 
1 20 LEU n 
1 21 MET n 
1 22 HIS n 
1 23 HIS n 
1 24 VAL n 
1 25 LYS n 
1 26 ASN n 
1 27 ILE n 
1 28 ALA n 
1 29 GLU n 
1 30 LEU n 
1 31 ALA n 
1 32 ALA n 
1 33 LEU n 
1 34 SER n 
1 35 GLN n 
1 36 ASP n 
1 37 GLU n 
1 38 LEU n 
1 39 THR n 
1 40 SER n 
1 41 ILE n 
1 42 LEU n 
1 43 GLY n 
1 44 ASN n 
1 45 ALA n 
1 46 ALA n 
1 47 ASN n 
1 48 ALA n 
1 49 LYS n 
1 50 GLN n 
1 51 LEU n 
1 52 TYR n 
1 53 ASP n 
1 54 PHE n 
1 55 ILE n 
1 56 HIS n 
1 57 THR n 
1 58 SER n 
1 59 PHE n 
1 60 ALA n 
1 61 GLU n 
1 62 VAL n 
1 63 VAL n 
2 1  MET n 
2 2  GLY n 
2 3  SER n 
2 4  SER n 
2 5  HIS n 
2 6  HIS n 
2 7  HIS n 
2 8  HIS n 
2 9  HIS n 
2 10 HIS n 
2 11 SER n 
2 12 GLN n 
2 13 ASP n 
2 14 PRO n 
2 15 ALA n 
2 16 ASP n 
2 17 LEU n 
2 18 LEU n 
2 19 MET n 
2 20 GLU n 
2 21 LYS n 
2 22 LEU n 
2 23 GLU n 
2 24 GLN n 
2 25 ASP n 
2 26 PHE n 
2 27 VAL n 
2 28 SER n 
2 29 ARG n 
2 30 VAL n 
2 31 THR n 
2 32 GLU n 
2 33 CYS n 
2 34 LEU n 
2 35 THR n 
2 36 THR n 
2 37 VAL n 
2 38 LYS n 
2 39 SER n 
2 40 VAL n 
2 41 ASN n 
2 42 LYS n 
2 43 THR n 
2 44 ASP n 
2 45 SER n 
2 46 GLN n 
2 47 THR n 
2 48 LEU n 
2 49 LEU n 
2 50 THR n 
2 51 THR n 
2 52 PHE n 
2 53 GLY n 
2 54 SER n 
2 55 LEU n 
2 56 GLU n 
2 57 GLN n 
2 58 LEU n 
2 59 ILE n 
2 60 ALA n 
2 61 ALA n 
2 62 SER n 
2 63 ARG n 
2 64 GLU n 
2 65 ASP n 
2 66 LEU n 
2 67 ALA n 
2 68 LEU n 
2 69 CYS n 
2 70 PRO n 
2 71 GLY n 
2 72 LEU n 
2 73 GLY n 
2 74 PRO n 
2 75 GLN n 
2 76 LYS n 
2 77 ALA n 
2 78 ARG n 
2 79 ARG n 
2 80 LEU n 
2 81 PHE n 
2 82 ASP n 
2 83 VAL n 
2 84 LEU n 
2 85 HIS n 
2 86 GLU n 
2 87 PRO n 
2 88 PHE n 
2 89 LEU n 
2 90 LYS n 
2 91 VAL n 
# 
loop_
_entity_src_gen.entity_id 
_entity_src_gen.pdbx_src_id 
_entity_src_gen.pdbx_alt_source_flag 
_entity_src_gen.pdbx_seq_type 
_entity_src_gen.pdbx_beg_seq_num 
_entity_src_gen.pdbx_end_seq_num 
_entity_src_gen.gene_src_common_name 
_entity_src_gen.gene_src_genus 
_entity_src_gen.pdbx_gene_src_gene 
_entity_src_gen.gene_src_species 
_entity_src_gen.gene_src_strain 
_entity_src_gen.gene_src_tissue 
_entity_src_gen.gene_src_tissue_fraction 
_entity_src_gen.gene_src_details 
_entity_src_gen.pdbx_gene_src_fragment 
_entity_src_gen.pdbx_gene_src_scientific_name 
_entity_src_gen.pdbx_gene_src_ncbi_taxonomy_id 
_entity_src_gen.pdbx_gene_src_variant 
_entity_src_gen.pdbx_gene_src_cell_line 
_entity_src_gen.pdbx_gene_src_atcc 
_entity_src_gen.pdbx_gene_src_organ 
_entity_src_gen.pdbx_gene_src_organelle 
_entity_src_gen.pdbx_gene_src_cell 
_entity_src_gen.pdbx_gene_src_cellular_location 
_entity_src_gen.host_org_common_name 
_entity_src_gen.pdbx_host_org_scientific_name 
_entity_src_gen.pdbx_host_org_ncbi_taxonomy_id 
_entity_src_gen.host_org_genus 
_entity_src_gen.pdbx_host_org_gene 
_entity_src_gen.pdbx_host_org_organ 
_entity_src_gen.host_org_species 
_entity_src_gen.pdbx_host_org_tissue 
_entity_src_gen.pdbx_host_org_tissue_fraction 
_entity_src_gen.pdbx_host_org_strain 
_entity_src_gen.pdbx_host_org_variant 
_entity_src_gen.pdbx_host_org_cell_line 
_entity_src_gen.pdbx_host_org_atcc 
_entity_src_gen.pdbx_host_org_culture_collection 
_entity_src_gen.pdbx_host_org_cell 
_entity_src_gen.pdbx_host_org_organelle 
_entity_src_gen.pdbx_host_org_cellular_location 
_entity_src_gen.pdbx_host_org_vector_type 
_entity_src_gen.pdbx_host_org_vector 
_entity_src_gen.host_org_details 
_entity_src_gen.expression_system_id 
_entity_src_gen.plasmid_name 
_entity_src_gen.plasmid_details 
_entity_src_gen.pdbx_description 
1 1 sample ? ? ? human Homo 'ERCC4, ERCC11, XPF' ? ? ? ? ? ? 'Homo sapiens' 9606 ? ? ? ? ? ? ? ? 'Escherichia coli' 562 
Escherichia ? ? ? ? ? 'BL21 (DE3/RIL)' ? ? ? ? ? ? ? ? ? ? ? ? ? ? 
2 1 sample ? ? ? human Homo ERCC1                ? ? ? ? ? ? 'Homo sapiens' 9606 ? ? ? ? ? ? ? ? 'Escherichia coli' 562 
Escherichia ? ? ? ? ? ?                ? ? ? ? ? ? ? ? ? ? ? ? ? ? 
# 
loop_
_chem_comp.id 
_chem_comp.type 
_chem_comp.mon_nstd_flag 
_chem_comp.name 
_chem_comp.pdbx_synonyms 
_chem_comp.formula 
_chem_comp.formula_weight 
ALA 'L-peptide linking' y ALANINE            ? 'C3 H7 N O2'     89.093  
ARG 'L-peptide linking' y ARGININE           ? 'C6 H15 N4 O2 1' 175.209 
ASN 'L-peptide linking' y ASPARAGINE         ? 'C4 H8 N2 O3'    132.118 
ASP 'L-peptide linking' y 'ASPARTIC ACID'    ? 'C4 H7 N O4'     133.103 
CYS 'L-peptide linking' y CYSTEINE           ? 'C3 H7 N O2 S'   121.158 
GLN 'L-peptide linking' y GLUTAMINE          ? 'C5 H10 N2 O3'   146.144 
GLU 'L-peptide linking' y 'GLUTAMIC ACID'    ? 'C5 H9 N O4'     147.129 
GLY 'peptide linking'   y GLYCINE            ? 'C2 H5 N O2'     75.067  
HG  non-polymer         . 'MERCURY (II) ION' ? 'Hg 2'           200.590 
HIS 'L-peptide linking' y HISTIDINE          ? 'C6 H10 N3 O2 1' 156.162 
ILE 'L-peptide linking' y ISOLEUCINE         ? 'C6 H13 N O2'    131.173 
LEU 'L-peptide linking' y LEUCINE            ? 'C6 H13 N O2'    131.173 
LYS 'L-peptide linking' y LYSINE             ? 'C6 H15 N2 O2 1' 147.195 
MET 'L-peptide linking' y METHIONINE         ? 'C5 H11 N O2 S'  149.211 
PHE 'L-peptide linking' y PHENYLALANINE      ? 'C9 H11 N O2'    165.189 
PRO 'L-peptide linking' y PROLINE            ? 'C5 H9 N O2'     115.130 
SER 'L-peptide linking' y SERINE             ? 'C3 H7 N O3'     105.093 
THR 'L-peptide linking' y THREONINE          ? 'C4 H9 N O3'     119.119 
TYR 'L-peptide linking' y TYROSINE           ? 'C9 H11 N O3'    181.189 
VAL 'L-peptide linking' y VALINE             ? 'C5 H11 N O2'    117.146 
# 
loop_
_pdbx_poly_seq_scheme.asym_id 
_pdbx_poly_seq_scheme.entity_id 
_pdbx_poly_seq_scheme.seq_id 
_pdbx_poly_seq_scheme.mon_id 
_pdbx_poly_seq_scheme.ndb_seq_num 
_pdbx_poly_seq_scheme.pdb_seq_num 
_pdbx_poly_seq_scheme.auth_seq_num 
_pdbx_poly_seq_scheme.pdb_mon_id 
_pdbx_poly_seq_scheme.auth_mon_id 
_pdbx_poly_seq_scheme.pdb_strand_id 
_pdbx_poly_seq_scheme.pdb_ins_code 
_pdbx_poly_seq_scheme.hetero 
A 1 1  MET 1  836 ?   ?   ?   A . n 
A 1 2  PRO 2  837 837 PRO PRO A . n 
A 1 3  GLN 3  838 838 GLN GLN A . n 
A 1 4  ASP 4  839 839 ASP ASP A . n 
A 1 5  PHE 5  840 840 PHE PHE A . n 
A 1 6  LEU 6  841 841 LEU LEU A . n 
A 1 7  LEU 7  842 842 LEU LEU A . n 
A 1 8  LYS 8  843 843 LYS LYS A . n 
A 1 9  MET 9  844 844 MET MET A . n 
A 1 10 PRO 10 845 845 PRO PRO A . n 
A 1 11 GLY 11 846 846 GLY GLY A . n 
A 1 12 VAL 12 847 847 VAL VAL A . n 
A 1 13 ASN 13 848 848 ASN ASN A . n 
A 1 14 ALA 14 849 849 ALA ALA A . n 
A 1 15 LYS 15 850 850 LYS LYS A . n 
A 1 16 ASN 16 851 851 ASN ASN A . n 
A 1 17 CYS 17 852 852 CYS CYS A . n 
A 1 18 ARG 18 853 853 ARG ARG A . n 
A 1 19 SER 19 854 854 SER SER A . n 
A 1 20 LEU 20 855 855 LEU LEU A . n 
A 1 21 MET 21 856 856 MET MET A . n 
A 1 22 HIS 22 857 857 HIS HIS A . n 
A 1 23 HIS 23 858 858 HIS HIS A . n 
A 1 24 VAL 24 859 859 VAL VAL A . n 
A 1 25 LYS 25 860 860 LYS LYS A . n 
A 1 26 ASN 26 861 861 ASN ASN A . n 
A 1 27 ILE 27 862 862 ILE ILE A . n 
A 1 28 ALA 28 863 863 ALA ALA A . n 
A 1 29 GLU 29 864 864 GLU GLU A . n 
A 1 30 LEU 30 865 865 LEU LEU A . n 
A 1 31 ALA 31 866 866 ALA ALA A . n 
A 1 32 ALA 32 867 867 ALA ALA A . n 
A 1 33 LEU 33 868 868 LEU LEU A . n 
A 1 34 SER 34 869 869 SER SER A . n 
A 1 35 GLN 35 870 870 GLN GLN A . n 
A 1 36 ASP 36 871 871 ASP ASP A . n 
A 1 37 GLU 37 872 872 GLU GLU A . n 
A 1 38 LEU 38 873 873 LEU LEU A . n 
A 1 39 THR 39 874 874 THR THR A . n 
A 1 40 SER 40 875 875 SER SER A . n 
A 1 41 ILE 41 876 876 ILE ILE A . n 
A 1 42 LEU 42 877 877 LEU LEU A . n 
A 1 43 GLY 43 878 878 GLY GLY A . n 
A 1 44 ASN 44 879 879 ASN ASN A . n 
A 1 45 ALA 45 880 880 ALA ALA A . n 
A 1 46 ALA 46 881 881 ALA ALA A . n 
A 1 47 ASN 47 882 882 ASN ASN A . n 
A 1 48 ALA 48 883 883 ALA ALA A . n 
A 1 49 LYS 49 884 884 LYS LYS A . n 
A 1 50 GLN 50 885 885 GLN GLN A . n 
A 1 51 LEU 51 886 886 LEU LEU A . n 
A 1 52 TYR 52 887 887 TYR TYR A . n 
A 1 53 ASP 53 888 888 ASP ASP A . n 
A 1 54 PHE 54 889 889 PHE PHE A . n 
A 1 55 ILE 55 890 890 ILE ILE A . n 
A 1 56 HIS 56 891 891 HIS HIS A . n 
A 1 57 THR 57 892 892 THR THR A . n 
A 1 58 SER 58 893 893 SER SER A . n 
A 1 59 PHE 59 894 894 PHE PHE A . n 
A 1 60 ALA 60 895 895 ALA ALA A . n 
A 1 61 GLU 61 896 896 GLU GLU A . n 
A 1 62 VAL 62 897 897 VAL VAL A . n 
A 1 63 VAL 63 898 898 VAL VAL A . n 
B 2 1  MET 1  206 ?   ?   ?   B . n 
B 2 2  GLY 2  207 ?   ?   ?   B . n 
B 2 3  SER 3  208 ?   ?   ?   B . n 
B 2 4  SER 4  209 ?   ?   ?   B . n 
B 2 5  HIS 5  210 ?   ?   ?   B . n 
B 2 6  HIS 6  211 ?   ?   ?   B . n 
B 2 7  HIS 7  212 ?   ?   ?   B . n 
B 2 8  HIS 8  213 ?   ?   ?   B . n 
B 2 9  HIS 9  214 ?   ?   ?   B . n 
B 2 10 HIS 10 215 ?   ?   ?   B . n 
B 2 11 SER 11 216 ?   ?   ?   B . n 
B 2 12 GLN 12 217 ?   ?   ?   B . n 
B 2 13 ASP 13 218 218 ASP ASP B . n 
B 2 14 PRO 14 219 219 PRO PRO B . n 
B 2 15 ALA 15 220 220 ALA ALA B . n 
B 2 16 ASP 16 221 221 ASP ASP B . n 
B 2 17 LEU 17 222 222 LEU LEU B . n 
B 2 18 LEU 18 223 223 LEU LEU B . n 
B 2 19 MET 19 224 224 MET MET B . n 
B 2 20 GLU 20 225 225 GLU GLU B . n 
B 2 21 LYS 21 226 226 LYS LYS B . n 
B 2 22 LEU 22 227 227 LEU LEU B . n 
B 2 23 GLU 23 228 228 GLU GLU B . n 
B 2 24 GLN 24 229 229 GLN GLN B . n 
B 2 25 ASP 25 230 230 ASP ASP B . n 
B 2 26 PHE 26 231 231 PHE PHE B . n 
B 2 27 VAL 27 232 232 VAL VAL B . n 
B 2 28 SER 28 233 233 SER SER B . n 
B 2 29 ARG 29 234 234 ARG ARG B . n 
B 2 30 VAL 30 235 235 VAL VAL B . n 
B 2 31 THR 31 236 236 THR THR B . n 
B 2 32 GLU 32 237 237 GLU GLU B . n 
B 2 33 CYS 33 238 238 CYS CYS B . n 
B 2 34 LEU 34 239 239 LEU LEU B . n 
B 2 35 THR 35 240 240 THR THR B . n 
B 2 36 THR 36 241 241 THR THR B . n 
B 2 37 VAL 37 242 242 VAL VAL B . n 
B 2 38 LYS 38 243 243 LYS LYS B . n 
B 2 39 SER 39 244 244 SER SER B . n 
B 2 40 VAL 40 245 245 VAL VAL B . n 
B 2 41 ASN 41 246 246 ASN ASN B . n 
B 2 42 LYS 42 247 247 LYS LYS B . n 
B 2 43 THR 43 248 248 THR THR B . n 
B 2 44 ASP 44 249 249 ASP ASP B . n 
B 2 45 SER 45 250 250 SER SER B . n 
B 2 46 GLN 46 251 251 GLN GLN B . n 
B 2 47 THR 47 252 252 THR THR B . n 
B 2 48 LEU 48 253 253 LEU LEU B . n 
B 2 49 LEU 49 254 254 LEU LEU B . n 
B 2 50 THR 50 255 255 THR THR B . n 
B 2 51 THR 51 256 256 THR THR B . n 
B 2 52 PHE 52 257 257 PHE PHE B . n 
B 2 53 GLY 53 258 258 GLY GLY B . n 
B 2 54 SER 54 259 259 SER SER B . n 
B 2 55 LEU 55 260 260 LEU LEU B . n 
B 2 56 GLU 56 261 261 GLU GLU B . n 
B 2 57 GLN 57 262 262 GLN GLN B . n 
B 2 58 LEU 58 263 263 LEU LEU B . n 
B 2 59 ILE 59 264 264 ILE ILE B . n 
B 2 60 ALA 60 265 265 ALA ALA B . n 
B 2 61 ALA 61 266 266 ALA ALA B . n 
B 2 62 SER 62 267 267 SER SER B . n 
B 2 63 ARG 63 268 268 ARG ARG B . n 
B 2 64 GLU 64 269 269 GLU GLU B . n 
B 2 65 ASP 65 270 270 ASP ASP B . n 
B 2 66 LEU 66 271 271 LEU LEU B . n 
B 2 67 ALA 67 272 272 ALA ALA B . n 
B 2 68 LEU 68 273 273 LEU LEU B . n 
B 2 69 CYS 69 274 274 CYS CYS B . n 
B 2 70 PRO 70 275 275 PRO PRO B . n 
B 2 71 GLY 71 276 276 GLY GLY B . n 
B 2 72 LEU 72 277 277 LEU LEU B . n 
B 2 73 GLY 73 278 278 GLY GLY B . n 
B 2 74 PRO 74 279 279 PRO PRO B . n 
B 2 75 GLN 75 280 280 GLN GLN B . n 
B 2 76 LYS 76 281 281 LYS LYS B . n 
B 2 77 ALA 77 282 282 ALA ALA B . n 
B 2 78 ARG 78 283 283 ARG ARG B . n 
B 2 79 ARG 79 284 284 ARG ARG B . n 
B 2 80 LEU 80 285 285 LEU LEU B . n 
B 2 81 PHE 81 286 286 PHE PHE B . n 
B 2 82 ASP 82 287 287 ASP ASP B . n 
B 2 83 VAL 83 288 288 VAL VAL B . n 
B 2 84 LEU 84 289 289 LEU LEU B . n 
B 2 85 HIS 85 290 290 HIS HIS B . n 
B 2 86 GLU 86 291 291 GLU GLU B . n 
B 2 87 PRO 87 292 292 PRO PRO B . n 
B 2 88 PHE 88 293 293 PHE PHE B . n 
B 2 89 LEU 89 294 294 LEU LEU B . n 
B 2 90 LYS 90 295 295 LYS LYS B . n 
B 2 91 VAL 91 296 296 VAL VAL B . n 
# 
_pdbx_nonpoly_scheme.asym_id         C 
_pdbx_nonpoly_scheme.entity_id       3 
_pdbx_nonpoly_scheme.mon_id          HG 
_pdbx_nonpoly_scheme.ndb_seq_num     1 
_pdbx_nonpoly_scheme.pdb_seq_num     1 
_pdbx_nonpoly_scheme.auth_seq_num    1 
_pdbx_nonpoly_scheme.pdb_mon_id      HG 
_pdbx_nonpoly_scheme.auth_mon_id     HG 
_pdbx_nonpoly_scheme.pdb_strand_id   B 
_pdbx_nonpoly_scheme.pdb_ins_code    . 
# 
loop_
_software.name 
_software.classification 
_software.version 
_software.citation_id 
_software.pdbx_ordinal 
REFMAC    refinement       5.1.24 ? 1 
HKL-2000  'data reduction' .      ? 2 
SCALEPACK 'data scaling'   .      ? 3 
SOLVE     phasing          .      ? 4 
# 
_cell.entry_id           2A1J 
_cell.length_a           69.848 
_cell.length_b           69.848 
_cell.length_c           104.109 
_cell.angle_alpha        90.00 
_cell.angle_beta         90.00 
_cell.angle_gamma        120.00 
_cell.Z_PDB              6 
_cell.pdbx_unique_axis   ? 
# 
_symmetry.entry_id                         2A1J 
_symmetry.space_group_name_H-M             'P 32 1 2' 
_symmetry.pdbx_full_space_group_name_H-M   ? 
_symmetry.cell_setting                     ? 
_symmetry.Int_Tables_number                153 
_symmetry.space_group_name_Hall            ? 
# 
_exptl.entry_id          2A1J 
_exptl.method            'X-RAY DIFFRACTION' 
_exptl.crystals_number   1 
# 
_exptl_crystal.id                    1 
_exptl_crystal.density_meas          ? 
_exptl_crystal.density_Matthews      4.2 
_exptl_crystal.density_percent_sol   70 
_exptl_crystal.description           ? 
_exptl_crystal.F_000                 ? 
_exptl_crystal.preparation           ? 
# 
_exptl_crystal_grow.crystal_id      1 
_exptl_crystal_grow.method          'VAPOR DIFFUSION, HANGING DROP' 
_exptl_crystal_grow.temp            295 
_exptl_crystal_grow.temp_details    ? 
_exptl_crystal_grow.pH              4.5 
_exptl_crystal_grow.pdbx_details    
'Sodium Citrate, Ammonium Sulfate, Sodium Chloride, pH 4.5, VAPOR DIFFUSION, HANGING DROP, temperature 295K' 
_exptl_crystal_grow.pdbx_pH_range   . 
# 
_diffrn.id                     1 
_diffrn.ambient_temp           116 
_diffrn.ambient_temp_details   ? 
_diffrn.crystal_id             1 
# 
_diffrn_detector.diffrn_id              1 
_diffrn_detector.detector               CCD 
_diffrn_detector.type                   'ADSC QUANTUM 315' 
_diffrn_detector.pdbx_collection_date   2004-11-20 
_diffrn_detector.details                ? 
# 
_diffrn_radiation.diffrn_id                        1 
_diffrn_radiation.wavelength_id                    1 
_diffrn_radiation.pdbx_monochromatic_or_laue_m_l   M 
_diffrn_radiation.monochromator                    'Si 111' 
_diffrn_radiation.pdbx_diffrn_protocol             MAD 
_diffrn_radiation.pdbx_scattering_type             x-ray 
# 
loop_
_diffrn_radiation_wavelength.id 
_diffrn_radiation_wavelength.wavelength 
_diffrn_radiation_wavelength.wt 
1 1.00696 1.0 
2 1.00930 1.0 
# 
_diffrn_source.diffrn_id                   1 
_diffrn_source.source                      SYNCHROTRON 
_diffrn_source.type                        'APS BEAMLINE 19-ID' 
_diffrn_source.pdbx_synchrotron_site       APS 
_diffrn_source.pdbx_synchrotron_beamline   19-ID 
_diffrn_source.pdbx_wavelength             ? 
_diffrn_source.pdbx_wavelength_list        '1.00696, 1.00930' 
# 
_reflns.entry_id                     2A1J 
_reflns.observed_criterion_sigma_F   2.0 
_reflns.observed_criterion_sigma_I   2.0 
_reflns.d_resolution_high            2.7 
_reflns.d_resolution_low             50 
_reflns.number_all                   8450 
_reflns.number_obs                   8442 
_reflns.percent_possible_obs         99.9 
_reflns.pdbx_Rmerge_I_obs            ? 
_reflns.pdbx_Rsym_value              ? 
_reflns.pdbx_netI_over_sigmaI        ? 
_reflns.B_iso_Wilson_estimate        ? 
_reflns.pdbx_redundancy              ? 
_reflns.R_free_details               ? 
_reflns.limit_h_max                  ? 
_reflns.limit_h_min                  ? 
_reflns.limit_k_max                  ? 
_reflns.limit_k_min                  ? 
_reflns.limit_l_max                  ? 
_reflns.limit_l_min                  ? 
_reflns.observed_criterion_F_max     ? 
_reflns.observed_criterion_F_min     ? 
_reflns.pdbx_chi_squared             ? 
_reflns.pdbx_scaling_rejects         ? 
_reflns.pdbx_diffrn_id               1 
_reflns.pdbx_ordinal                 1 
# 
_reflns_shell.d_res_high             2.7 
_reflns_shell.d_res_low              2.8 
_reflns_shell.percent_possible_all   99.4 
_reflns_shell.Rmerge_I_obs           ? 
_reflns_shell.pdbx_Rsym_value        ? 
_reflns_shell.meanI_over_sigI_obs    ? 
_reflns_shell.pdbx_redundancy        ? 
_reflns_shell.percent_possible_obs   ? 
_reflns_shell.number_unique_all      ? 
_reflns_shell.number_measured_all    ? 
_reflns_shell.number_measured_obs    ? 
_reflns_shell.number_unique_obs      ? 
_reflns_shell.pdbx_chi_squared       ? 
_reflns_shell.pdbx_diffrn_id         ? 
_reflns_shell.pdbx_ordinal           1 
# 
_refine.entry_id                                 2A1J 
_refine.ls_number_reflns_obs                     7812 
_refine.ls_number_reflns_all                     7820 
_refine.pdbx_ls_sigma_I                          ? 
_refine.pdbx_ls_sigma_F                          2.0 
_refine.pdbx_data_cutoff_high_absF               ? 
_refine.pdbx_data_cutoff_low_absF                ? 
_refine.pdbx_data_cutoff_high_rms_absF           ? 
_refine.ls_d_res_low                             34.71 
_refine.ls_d_res_high                            2.70 
_refine.ls_percent_reflns_obs                    99.95 
_refine.ls_R_factor_obs                          0.24073 
_refine.ls_R_factor_all                          0.25 
_refine.ls_R_factor_R_work                       0.23906 
_refine.ls_R_factor_R_free                       0.27483 
_refine.ls_R_factor_R_free_error                 ? 
_refine.ls_R_factor_R_free_error_details         ? 
_refine.ls_percent_reflns_R_free                 4.5 
_refine.ls_number_reflns_R_free                  372 
_refine.ls_number_parameters                     ? 
_refine.ls_number_restraints                     ? 
_refine.occupancy_min                            ? 
_refine.occupancy_max                            ? 
_refine.correlation_coeff_Fo_to_Fc               0.924 
_refine.correlation_coeff_Fo_to_Fc_free          0.923 
_refine.B_iso_mean                               54.887 
_refine.aniso_B[1][1]                            1.74 
_refine.aniso_B[2][2]                            1.74 
_refine.aniso_B[3][3]                            -2.61 
_refine.aniso_B[1][2]                            0.87 
_refine.aniso_B[1][3]                            0.00 
_refine.aniso_B[2][3]                            0.00 
_refine.solvent_model_details                    'BABINET MODEL WITH MASK' 
_refine.solvent_model_param_ksol                 ? 
_refine.solvent_model_param_bsol                 ? 
_refine.pdbx_solvent_vdw_probe_radii             1.40 
_refine.pdbx_solvent_ion_probe_radii             0.80 
_refine.pdbx_solvent_shrinkage_radii             0.80 
_refine.pdbx_ls_cross_valid_method               THROUGHOUT 
_refine.details                                  ? 
_refine.pdbx_starting_model                      ? 
_refine.pdbx_method_to_determine_struct          MAD 
_refine.pdbx_isotropic_thermal_model             ? 
_refine.pdbx_stereochemistry_target_values       'MAXIMUM LIKELIHOOD' 
_refine.pdbx_stereochem_target_val_spec_case     ? 
_refine.pdbx_R_Free_selection_details            RANDOM 
_refine.pdbx_overall_ESU_R                       0.372 
_refine.pdbx_overall_ESU_R_Free                  0.283 
_refine.overall_SU_ML                            0.232 
_refine.overall_SU_B                             12.001 
_refine.ls_redundancy_reflns_obs                 ? 
_refine.B_iso_min                                ? 
_refine.B_iso_max                                ? 
_refine.overall_SU_R_Cruickshank_DPI             ? 
_refine.overall_SU_R_free                        ? 
_refine.ls_wR_factor_R_free                      ? 
_refine.ls_wR_factor_R_work                      ? 
_refine.overall_FOM_free_R_set                   ? 
_refine.overall_FOM_work_R_set                   ? 
_refine.pdbx_refine_id                           'X-RAY DIFFRACTION' 
_refine.pdbx_diffrn_id                           1 
_refine.pdbx_TLS_residual_ADP_flag               ? 
_refine.pdbx_overall_phase_error                 ? 
_refine.pdbx_overall_SU_R_free_Cruickshank_DPI   ? 
_refine.pdbx_overall_SU_R_Blow_DPI               ? 
_refine.pdbx_overall_SU_R_free_Blow_DPI          ? 
# 
_refine_hist.pdbx_refine_id                   'X-RAY DIFFRACTION' 
_refine_hist.cycle_id                         LAST 
_refine_hist.pdbx_number_atoms_protein        1093 
_refine_hist.pdbx_number_atoms_nucleic_acid   0 
_refine_hist.pdbx_number_atoms_ligand         1 
_refine_hist.number_atoms_solvent             0 
_refine_hist.number_atoms_total               1094 
_refine_hist.d_res_high                       2.70 
_refine_hist.d_res_low                        34.71 
# 
loop_
_refine_ls_restr.type 
_refine_ls_restr.dev_ideal 
_refine_ls_restr.dev_ideal_target 
_refine_ls_restr.weight 
_refine_ls_restr.number 
_refine_ls_restr.pdbx_refine_id 
_refine_ls_restr.pdbx_restraint_function 
r_bond_refined_d         0.022 0.021 ? 1122 'X-RAY DIFFRACTION' ? 
r_angle_refined_deg      2.123 1.980 ? 1537 'X-RAY DIFFRACTION' ? 
r_dihedral_angle_1_deg   9.365 5.000 ? 145  'X-RAY DIFFRACTION' ? 
r_chiral_restr           0.132 0.200 ? 188  'X-RAY DIFFRACTION' ? 
r_gen_planes_refined     0.007 0.020 ? 806  'X-RAY DIFFRACTION' ? 
r_nbd_refined            0.283 0.200 ? 534  'X-RAY DIFFRACTION' ? 
r_xyhbond_nbd_refined    0.174 0.200 ? 22   'X-RAY DIFFRACTION' ? 
r_symmetry_vdw_refined   0.292 0.200 ? 22   'X-RAY DIFFRACTION' ? 
r_symmetry_hbond_refined 0.056 0.200 ? 1    'X-RAY DIFFRACTION' ? 
r_mcbond_it              0.955 1.500 ? 717  'X-RAY DIFFRACTION' ? 
r_mcangle_it             1.971 2.000 ? 1151 'X-RAY DIFFRACTION' ? 
r_scbond_it              3.115 3.000 ? 405  'X-RAY DIFFRACTION' ? 
r_scangle_it             5.379 4.500 ? 365  'X-RAY DIFFRACTION' ? 
# 
_refine_ls_shell.pdbx_total_number_of_bins_used   20 
_refine_ls_shell.d_res_high                       2.700 
_refine_ls_shell.d_res_low                        2.770 
_refine_ls_shell.number_reflns_R_work             550 
_refine_ls_shell.R_factor_R_work                  0.362 
_refine_ls_shell.percent_reflns_obs               ? 
_refine_ls_shell.R_factor_R_free                  0.499 
_refine_ls_shell.R_factor_R_free_error            ? 
_refine_ls_shell.percent_reflns_R_free            ? 
_refine_ls_shell.number_reflns_R_free             36 
_refine_ls_shell.number_reflns_obs                821 
_refine_ls_shell.redundancy_reflns_obs            ? 
_refine_ls_shell.number_reflns_all                ? 
_refine_ls_shell.pdbx_refine_id                   'X-RAY DIFFRACTION' 
_refine_ls_shell.R_factor_all                     ? 
# 
_struct.entry_id                  2A1J 
_struct.title                     'Crystal Structure of the Complex between the C-Terminal Domains of Human XPF and ERCC1' 
_struct.pdbx_model_details        ? 
_struct.pdbx_CASP_flag            ? 
_struct.pdbx_model_type_details   ? 
# 
_struct_keywords.entry_id        2A1J 
_struct_keywords.pdbx_keywords   'DNA BINDING PROTEIN' 
_struct_keywords.text            
'XPF, ERCC1, Xeroderma pigmentosum, NER, DNA repair, endonuclease, helix-hairpin-helix, DNA BINDING PROTEIN' 
# 
loop_
_struct_asym.id 
_struct_asym.pdbx_blank_PDB_chainid_flag 
_struct_asym.pdbx_modified 
_struct_asym.entity_id 
_struct_asym.details 
A N N 1 ? 
B N N 2 ? 
C N N 3 ? 
# 
loop_
_struct_ref.id 
_struct_ref.db_name 
_struct_ref.db_code 
_struct_ref.pdbx_db_accession 
_struct_ref.entity_id 
_struct_ref.pdbx_seq_one_letter_code 
_struct_ref.pdbx_align_begin 
_struct_ref.pdbx_db_isoform 
1 UNP ERCC4_HUMAN Q92889 1 PQDFLLKMPGVNAKNCRSLMHHVKNIAELAALSQDELTSILGNAANAKQLYDFIHTSFAEVV                        837 ? 
2 UNP ERCC1_HUMAN P07992 2 
;YEQKPADLLMEKLEQDFVSRVTECLTTVKSVNKTDSQTLLTTFGSLEQLIAASREDLALCPGLGPQKARRLFDVLHEPFL
KV
;
215 ? 
# 
loop_
_struct_ref_seq.align_id 
_struct_ref_seq.ref_id 
_struct_ref_seq.pdbx_PDB_id_code 
_struct_ref_seq.pdbx_strand_id 
_struct_ref_seq.seq_align_beg 
_struct_ref_seq.pdbx_seq_align_beg_ins_code 
_struct_ref_seq.seq_align_end 
_struct_ref_seq.pdbx_seq_align_end_ins_code 
_struct_ref_seq.pdbx_db_accession 
_struct_ref_seq.db_align_beg 
_struct_ref_seq.pdbx_db_align_beg_ins_code 
_struct_ref_seq.db_align_end 
_struct_ref_seq.pdbx_db_align_end_ins_code 
_struct_ref_seq.pdbx_auth_seq_align_beg 
_struct_ref_seq.pdbx_auth_seq_align_end 
1 1 2A1J A 2  ? 63 ? Q92889 837 ? 898 ? 837 898 
2 2 2A1J B 15 ? 91 ? P07992 220 ? 296 ? 220 296 
# 
loop_
_struct_ref_seq_dif.align_id 
_struct_ref_seq_dif.pdbx_pdb_id_code 
_struct_ref_seq_dif.mon_id 
_struct_ref_seq_dif.pdbx_pdb_strand_id 
_struct_ref_seq_dif.seq_num 
_struct_ref_seq_dif.pdbx_pdb_ins_code 
_struct_ref_seq_dif.pdbx_seq_db_name 
_struct_ref_seq_dif.pdbx_seq_db_accession_code 
_struct_ref_seq_dif.db_mon_id 
_struct_ref_seq_dif.pdbx_seq_db_seq_num 
_struct_ref_seq_dif.details 
_struct_ref_seq_dif.pdbx_auth_seq_num 
_struct_ref_seq_dif.pdbx_ordinal 
1 2A1J MET A 1  ? UNP Q92889 ? ? 'cloning artifact' 836 1  
2 2A1J MET B 1  ? UNP P07992 ? ? 'cloning artifact' 206 2  
2 2A1J GLY B 2  ? UNP P07992 ? ? 'cloning artifact' 207 3  
2 2A1J SER B 3  ? UNP P07992 ? ? 'cloning artifact' 208 4  
2 2A1J SER B 4  ? UNP P07992 ? ? 'cloning artifact' 209 5  
2 2A1J HIS B 5  ? UNP P07992 ? ? 'expression tag'   210 6  
2 2A1J HIS B 6  ? UNP P07992 ? ? 'expression tag'   211 7  
2 2A1J HIS B 7  ? UNP P07992 ? ? 'expression tag'   212 8  
2 2A1J HIS B 8  ? UNP P07992 ? ? 'expression tag'   213 9  
2 2A1J HIS B 9  ? UNP P07992 ? ? 'expression tag'   214 10 
2 2A1J HIS B 10 ? UNP P07992 ? ? 'expression tag'   215 11 
2 2A1J SER B 11 ? UNP P07992 ? ? 'cloning artifact' 216 12 
2 2A1J GLN B 12 ? UNP P07992 ? ? 'cloning artifact' 217 13 
2 2A1J ASP B 13 ? UNP P07992 ? ? 'cloning artifact' 218 14 
2 2A1J PRO B 14 ? UNP P07992 ? ? 'cloning artifact' 219 15 
# 
loop_
_pdbx_struct_assembly.id 
_pdbx_struct_assembly.details 
_pdbx_struct_assembly.method_details 
_pdbx_struct_assembly.oligomeric_details 
_pdbx_struct_assembly.oligomeric_count 
1 author_and_software_defined_assembly PISA dimeric    2 
2 software_defined_assembly            PISA tetrameric 4 
# 
loop_
_pdbx_struct_assembly_prop.biol_id 
_pdbx_struct_assembly_prop.type 
_pdbx_struct_assembly_prop.value 
_pdbx_struct_assembly_prop.details 
1 'ABSA (A^2)' 2350  ? 
1 MORE         -49   ? 
1 'SSA (A^2)'  8100  ? 
2 'ABSA (A^2)' 7120  ? 
2 MORE         -115  ? 
2 'SSA (A^2)'  13790 ? 
# 
loop_
_pdbx_struct_assembly_gen.assembly_id 
_pdbx_struct_assembly_gen.oper_expression 
_pdbx_struct_assembly_gen.asym_id_list 
1 1   A,B,C 
2 1,2 A,B,C 
# 
loop_
_pdbx_struct_oper_list.id 
_pdbx_struct_oper_list.type 
_pdbx_struct_oper_list.name 
_pdbx_struct_oper_list.symmetry_operation 
_pdbx_struct_oper_list.matrix[1][1] 
_pdbx_struct_oper_list.matrix[1][2] 
_pdbx_struct_oper_list.matrix[1][3] 
_pdbx_struct_oper_list.vector[1] 
_pdbx_struct_oper_list.matrix[2][1] 
_pdbx_struct_oper_list.matrix[2][2] 
_pdbx_struct_oper_list.matrix[2][3] 
_pdbx_struct_oper_list.vector[2] 
_pdbx_struct_oper_list.matrix[3][1] 
_pdbx_struct_oper_list.matrix[3][2] 
_pdbx_struct_oper_list.matrix[3][3] 
_pdbx_struct_oper_list.vector[3] 
1 'identity operation'         1_555 x,y,z    1.0000000000  0.0000000000  0.0000000000  0.0000000000  0.0000000000  1.0000000000  0.0000000000 0.0000000000 0.0000000000  0.0000000000 1.0000000000 0.0000000000  
2 'crystal symmetry operation' 6_555 x,x-y,-z -0.4769878001 -0.3655529442 -0.7992832311 26.2076334144 -0.3655529442 -0.7445012658 0.5586491835 3.1794779879 -0.7992832311 0.5586491835 0.2214890659 15.6948675737 
# 
loop_
_struct_conf.conf_type_id 
_struct_conf.id 
_struct_conf.pdbx_PDB_helix_id 
_struct_conf.beg_label_comp_id 
_struct_conf.beg_label_asym_id 
_struct_conf.beg_label_seq_id 
_struct_conf.pdbx_beg_PDB_ins_code 
_struct_conf.end_label_comp_id 
_struct_conf.end_label_asym_id 
_struct_conf.end_label_seq_id 
_struct_conf.pdbx_end_PDB_ins_code 
_struct_conf.beg_auth_comp_id 
_struct_conf.beg_auth_asym_id 
_struct_conf.beg_auth_seq_id 
_struct_conf.end_auth_comp_id 
_struct_conf.end_auth_asym_id 
_struct_conf.end_auth_seq_id 
_struct_conf.pdbx_PDB_helix_class 
_struct_conf.details 
_struct_conf.pdbx_PDB_helix_length 
HELX_P HELX_P1  1  GLN A 3  ? LYS A 8  ? GLN A 838 LYS A 843 1 ? 6  
HELX_P HELX_P2  2  ASN A 13 ? VAL A 24 ? ASN A 848 VAL A 859 1 ? 12 
HELX_P HELX_P3  3  ASN A 26 ? ALA A 32 ? ASN A 861 ALA A 867 1 ? 7  
HELX_P HELX_P4  4  SER A 34 ? GLY A 43 ? SER A 869 GLY A 878 1 ? 10 
HELX_P HELX_P5  5  ASN A 44 ? THR A 57 ? ASN A 879 THR A 892 1 ? 14 
HELX_P HELX_P6  6  ALA B 15 ? THR B 35 ? ALA B 220 THR B 240 1 ? 21 
HELX_P HELX_P7  7  ASN B 41 ? GLY B 53 ? ASN B 246 GLY B 258 1 ? 13 
HELX_P HELX_P8  8  SER B 54 ? ALA B 60 ? SER B 259 ALA B 265 1 ? 7  
HELX_P HELX_P9  9  SER B 62 ? LEU B 68 ? SER B 267 LEU B 273 1 ? 7  
HELX_P HELX_P10 10 PRO B 74 ? GLU B 86 ? PRO B 279 GLU B 291 1 ? 13 
# 
_struct_conf_type.id          HELX_P 
_struct_conf_type.criteria    ? 
_struct_conf_type.reference   ? 
# 
loop_
_struct_conn.id 
_struct_conn.conn_type_id 
_struct_conn.pdbx_leaving_atom_flag 
_struct_conn.pdbx_PDB_id 
_struct_conn.ptnr1_label_asym_id 
_struct_conn.ptnr1_label_comp_id 
_struct_conn.ptnr1_label_seq_id 
_struct_conn.ptnr1_label_atom_id 
_struct_conn.pdbx_ptnr1_label_alt_id 
_struct_conn.pdbx_ptnr1_PDB_ins_code 
_struct_conn.pdbx_ptnr1_standard_comp_id 
_struct_conn.ptnr1_symmetry 
_struct_conn.ptnr2_label_asym_id 
_struct_conn.ptnr2_label_comp_id 
_struct_conn.ptnr2_label_seq_id 
_struct_conn.ptnr2_label_atom_id 
_struct_conn.pdbx_ptnr2_label_alt_id 
_struct_conn.pdbx_ptnr2_PDB_ins_code 
_struct_conn.ptnr1_auth_asym_id 
_struct_conn.ptnr1_auth_comp_id 
_struct_conn.ptnr1_auth_seq_id 
_struct_conn.ptnr2_auth_asym_id 
_struct_conn.ptnr2_auth_comp_id 
_struct_conn.ptnr2_auth_seq_id 
_struct_conn.ptnr2_symmetry 
_struct_conn.pdbx_ptnr3_label_atom_id 
_struct_conn.pdbx_ptnr3_label_seq_id 
_struct_conn.pdbx_ptnr3_label_comp_id 
_struct_conn.pdbx_ptnr3_label_asym_id 
_struct_conn.pdbx_ptnr3_label_alt_id 
_struct_conn.pdbx_ptnr3_PDB_ins_code 
_struct_conn.details 
_struct_conn.pdbx_dist_value 
_struct_conn.pdbx_value_order 
_struct_conn.pdbx_role 
metalc1 metalc ? ? C HG . HG ? ? ? 1_555 B CYS 69 SG ? ? B HG 1 B CYS 274 1_555 ? ? ? ? ? ? ? 2.189 ? ? 
metalc2 metalc ? ? C HG . HG ? ? ? 1_555 B PRO 70 O  ? ? B HG 1 B PRO 275 1_555 ? ? ? ? ? ? ? 3.232 ? ? 
# 
_struct_conn_type.id          metalc 
_struct_conn_type.criteria    ? 
_struct_conn_type.reference   ? 
# 
_pdbx_struct_conn_angle.id                    1 
_pdbx_struct_conn_angle.ptnr1_label_atom_id   SG 
_pdbx_struct_conn_angle.ptnr1_label_alt_id    ? 
_pdbx_struct_conn_angle.ptnr1_label_asym_id   B 
_pdbx_struct_conn_angle.ptnr1_label_comp_id   CYS 
_pdbx_struct_conn_angle.ptnr1_label_seq_id    69 
_pdbx_struct_conn_angle.ptnr1_auth_atom_id    ? 
_pdbx_struct_conn_angle.ptnr1_auth_asym_id    B 
_pdbx_struct_conn_angle.ptnr1_auth_comp_id    CYS 
_pdbx_struct_conn_angle.ptnr1_auth_seq_id     274 
_pdbx_struct_conn_angle.ptnr1_PDB_ins_code    ? 
_pdbx_struct_conn_angle.ptnr1_symmetry        1_555 
_pdbx_struct_conn_angle.ptnr2_label_atom_id   HG 
_pdbx_struct_conn_angle.ptnr2_label_alt_id    ? 
_pdbx_struct_conn_angle.ptnr2_label_asym_id   C 
_pdbx_struct_conn_angle.ptnr2_label_comp_id   HG 
_pdbx_struct_conn_angle.ptnr2_label_seq_id    . 
_pdbx_struct_conn_angle.ptnr2_auth_atom_id    ? 
_pdbx_struct_conn_angle.ptnr2_auth_asym_id    B 
_pdbx_struct_conn_angle.ptnr2_auth_comp_id    HG 
_pdbx_struct_conn_angle.ptnr2_auth_seq_id     1 
_pdbx_struct_conn_angle.ptnr2_PDB_ins_code    ? 
_pdbx_struct_conn_angle.ptnr2_symmetry        1_555 
_pdbx_struct_conn_angle.ptnr3_label_atom_id   O 
_pdbx_struct_conn_angle.ptnr3_label_alt_id    ? 
_pdbx_struct_conn_angle.ptnr3_label_asym_id   B 
_pdbx_struct_conn_angle.ptnr3_label_comp_id   PRO 
_pdbx_struct_conn_angle.ptnr3_label_seq_id    70 
_pdbx_struct_conn_angle.ptnr3_auth_atom_id    ? 
_pdbx_struct_conn_angle.ptnr3_auth_asym_id    B 
_pdbx_struct_conn_angle.ptnr3_auth_comp_id    PRO 
_pdbx_struct_conn_angle.ptnr3_auth_seq_id     275 
_pdbx_struct_conn_angle.ptnr3_PDB_ins_code    ? 
_pdbx_struct_conn_angle.ptnr3_symmetry        1_555 
_pdbx_struct_conn_angle.value                 92.3 
_pdbx_struct_conn_angle.value_esd             ? 
# 
_struct_site.id                   AC1 
_struct_site.pdbx_evidence_code   Software 
_struct_site.pdbx_auth_asym_id    B 
_struct_site.pdbx_auth_comp_id    HG 
_struct_site.pdbx_auth_seq_id     1 
_struct_site.pdbx_auth_ins_code   ? 
_struct_site.pdbx_num_residues    3 
_struct_site.details              'BINDING SITE FOR RESIDUE HG B 1' 
# 
loop_
_struct_site_gen.id 
_struct_site_gen.site_id 
_struct_site_gen.pdbx_num_res 
_struct_site_gen.label_comp_id 
_struct_site_gen.label_asym_id 
_struct_site_gen.label_seq_id 
_struct_site_gen.pdbx_auth_ins_code 
_struct_site_gen.auth_comp_id 
_struct_site_gen.auth_asym_id 
_struct_site_gen.auth_seq_id 
_struct_site_gen.label_atom_id 
_struct_site_gen.label_alt_id 
_struct_site_gen.symmetry 
_struct_site_gen.details 
1 AC1 3 THR B 47 ? THR B 252 . ? 1_555 ? 
2 AC1 3 CYS B 69 ? CYS B 274 . ? 1_555 ? 
3 AC1 3 PRO B 70 ? PRO B 275 . ? 1_555 ? 
# 
loop_
_pdbx_validate_rmsd_angle.id 
_pdbx_validate_rmsd_angle.PDB_model_num 
_pdbx_validate_rmsd_angle.auth_atom_id_1 
_pdbx_validate_rmsd_angle.auth_asym_id_1 
_pdbx_validate_rmsd_angle.auth_comp_id_1 
_pdbx_validate_rmsd_angle.auth_seq_id_1 
_pdbx_validate_rmsd_angle.PDB_ins_code_1 
_pdbx_validate_rmsd_angle.label_alt_id_1 
_pdbx_validate_rmsd_angle.auth_atom_id_2 
_pdbx_validate_rmsd_angle.auth_asym_id_2 
_pdbx_validate_rmsd_angle.auth_comp_id_2 
_pdbx_validate_rmsd_angle.auth_seq_id_2 
_pdbx_validate_rmsd_angle.PDB_ins_code_2 
_pdbx_validate_rmsd_angle.label_alt_id_2 
_pdbx_validate_rmsd_angle.auth_atom_id_3 
_pdbx_validate_rmsd_angle.auth_asym_id_3 
_pdbx_validate_rmsd_angle.auth_comp_id_3 
_pdbx_validate_rmsd_angle.auth_seq_id_3 
_pdbx_validate_rmsd_angle.PDB_ins_code_3 
_pdbx_validate_rmsd_angle.label_alt_id_3 
_pdbx_validate_rmsd_angle.angle_value 
_pdbx_validate_rmsd_angle.angle_target_value 
_pdbx_validate_rmsd_angle.angle_deviation 
_pdbx_validate_rmsd_angle.angle_standard_deviation 
_pdbx_validate_rmsd_angle.linker_flag 
1 1 CB A ASP 871 ? ? CG A ASP 871 ? ? OD2 A ASP 871 ? ? 124.17 118.30 5.87   0.90 N 
2 1 CB B ASP 221 ? ? CG B ASP 221 ? ? OD2 B ASP 221 ? ? 124.07 118.30 5.77   0.90 N 
3 1 CB B SER 244 ? ? CA B SER 244 ? ? C   B SER 244 ? ? 124.82 110.10 14.72  1.90 N 
4 1 N  B ASN 246 ? ? CA B ASN 246 ? ? CB  B ASN 246 ? ? 99.45  110.60 -11.15 1.80 N 
5 1 CB B ASP 249 ? ? CG B ASP 249 ? ? OD2 B ASP 249 ? ? 124.42 118.30 6.12   0.90 N 
6 1 CB B ASP 270 ? ? CG B ASP 270 ? ? OD2 B ASP 270 ? ? 124.74 118.30 6.44   0.90 N 
# 
loop_
_pdbx_validate_torsion.id 
_pdbx_validate_torsion.PDB_model_num 
_pdbx_validate_torsion.auth_comp_id 
_pdbx_validate_torsion.auth_asym_id 
_pdbx_validate_torsion.auth_seq_id 
_pdbx_validate_torsion.PDB_ins_code 
_pdbx_validate_torsion.label_alt_id 
_pdbx_validate_torsion.phi 
_pdbx_validate_torsion.psi 
1 1 ALA A 895 ? ? 165.25  27.21   
2 1 GLU A 896 ? ? -105.92 -108.68 
3 1 VAL A 897 ? ? 43.45   11.11   
4 1 PRO B 219 ? ? -59.61  -82.34  
5 1 ALA B 220 ? ? -141.78 46.04   
6 1 SER B 244 ? ? -4.24   89.55   
7 1 ALA B 265 ? ? -53.59  -9.32   
8 1 LEU B 277 ? ? 92.11   119.51  
# 
loop_
_pdbx_validate_peptide_omega.id 
_pdbx_validate_peptide_omega.PDB_model_num 
_pdbx_validate_peptide_omega.auth_comp_id_1 
_pdbx_validate_peptide_omega.auth_asym_id_1 
_pdbx_validate_peptide_omega.auth_seq_id_1 
_pdbx_validate_peptide_omega.PDB_ins_code_1 
_pdbx_validate_peptide_omega.label_alt_id_1 
_pdbx_validate_peptide_omega.auth_comp_id_2 
_pdbx_validate_peptide_omega.auth_asym_id_2 
_pdbx_validate_peptide_omega.auth_seq_id_2 
_pdbx_validate_peptide_omega.PDB_ins_code_2 
_pdbx_validate_peptide_omega.label_alt_id_2 
_pdbx_validate_peptide_omega.omega 
1 1 ALA B 220 ? ? ASP B 221 ? ? 143.22 
2 1 GLY B 278 ? ? PRO B 279 ? ? 137.87 
# 
loop_
_pdbx_unobs_or_zero_occ_residues.id 
_pdbx_unobs_or_zero_occ_residues.PDB_model_num 
_pdbx_unobs_or_zero_occ_residues.polymer_flag 
_pdbx_unobs_or_zero_occ_residues.occupancy_flag 
_pdbx_unobs_or_zero_occ_residues.auth_asym_id 
_pdbx_unobs_or_zero_occ_residues.auth_comp_id 
_pdbx_unobs_or_zero_occ_residues.auth_seq_id 
_pdbx_unobs_or_zero_occ_residues.PDB_ins_code 
_pdbx_unobs_or_zero_occ_residues.label_asym_id 
_pdbx_unobs_or_zero_occ_residues.label_comp_id 
_pdbx_unobs_or_zero_occ_residues.label_seq_id 
1  1 Y 1 A MET 836 ? A MET 1  
2  1 Y 1 B MET 206 ? B MET 1  
3  1 Y 1 B GLY 207 ? B GLY 2  
4  1 Y 1 B SER 208 ? B SER 3  
5  1 Y 1 B SER 209 ? B SER 4  
6  1 Y 1 B HIS 210 ? B HIS 5  
7  1 Y 1 B HIS 211 ? B HIS 6  
8  1 Y 1 B HIS 212 ? B HIS 7  
9  1 Y 1 B HIS 213 ? B HIS 8  
10 1 Y 1 B HIS 214 ? B HIS 9  
11 1 Y 1 B HIS 215 ? B HIS 10 
12 1 Y 1 B SER 216 ? B SER 11 
13 1 Y 1 B GLN 217 ? B GLN 12 
# 
loop_
_chem_comp_atom.comp_id 
_chem_comp_atom.atom_id 
_chem_comp_atom.type_symbol 
_chem_comp_atom.pdbx_aromatic_flag 
_chem_comp_atom.pdbx_stereo_config 
_chem_comp_atom.pdbx_ordinal 
ALA N    N  N N 1   
ALA CA   C  N S 2   
ALA C    C  N N 3   
ALA O    O  N N 4   
ALA CB   C  N N 5   
ALA OXT  O  N N 6   
ALA H    H  N N 7   
ALA H2   H  N N 8   
ALA HA   H  N N 9   
ALA HB1  H  N N 10  
ALA HB2  H  N N 11  
ALA HB3  H  N N 12  
ALA HXT  H  N N 13  
ARG N    N  N N 14  
ARG CA   C  N S 15  
ARG C    C  N N 16  
ARG O    O  N N 17  
ARG CB   C  N N 18  
ARG CG   C  N N 19  
ARG CD   C  N N 20  
ARG NE   N  N N 21  
ARG CZ   C  N N 22  
ARG NH1  N  N N 23  
ARG NH2  N  N N 24  
ARG OXT  O  N N 25  
ARG H    H  N N 26  
ARG H2   H  N N 27  
ARG HA   H  N N 28  
ARG HB2  H  N N 29  
ARG HB3  H  N N 30  
ARG HG2  H  N N 31  
ARG HG3  H  N N 32  
ARG HD2  H  N N 33  
ARG HD3  H  N N 34  
ARG HE   H  N N 35  
ARG HH11 H  N N 36  
ARG HH12 H  N N 37  
ARG HH21 H  N N 38  
ARG HH22 H  N N 39  
ARG HXT  H  N N 40  
ASN N    N  N N 41  
ASN CA   C  N S 42  
ASN C    C  N N 43  
ASN O    O  N N 44  
ASN CB   C  N N 45  
ASN CG   C  N N 46  
ASN OD1  O  N N 47  
ASN ND2  N  N N 48  
ASN OXT  O  N N 49  
ASN H    H  N N 50  
ASN H2   H  N N 51  
ASN HA   H  N N 52  
ASN HB2  H  N N 53  
ASN HB3  H  N N 54  
ASN HD21 H  N N 55  
ASN HD22 H  N N 56  
ASN HXT  H  N N 57  
ASP N    N  N N 58  
ASP CA   C  N S 59  
ASP C    C  N N 60  
ASP O    O  N N 61  
ASP CB   C  N N 62  
ASP CG   C  N N 63  
ASP OD1  O  N N 64  
ASP OD2  O  N N 65  
ASP OXT  O  N N 66  
ASP H    H  N N 67  
ASP H2   H  N N 68  
ASP HA   H  N N 69  
ASP HB2  H  N N 70  
ASP HB3  H  N N 71  
ASP HD2  H  N N 72  
ASP HXT  H  N N 73  
CYS N    N  N N 74  
CYS CA   C  N R 75  
CYS C    C  N N 76  
CYS O    O  N N 77  
CYS CB   C  N N 78  
CYS SG   S  N N 79  
CYS OXT  O  N N 80  
CYS H    H  N N 81  
CYS H2   H  N N 82  
CYS HA   H  N N 83  
CYS HB2  H  N N 84  
CYS HB3  H  N N 85  
CYS HG   H  N N 86  
CYS HXT  H  N N 87  
GLN N    N  N N 88  
GLN CA   C  N S 89  
GLN C    C  N N 90  
GLN O    O  N N 91  
GLN CB   C  N N 92  
GLN CG   C  N N 93  
GLN CD   C  N N 94  
GLN OE1  O  N N 95  
GLN NE2  N  N N 96  
GLN OXT  O  N N 97  
GLN H    H  N N 98  
GLN H2   H  N N 99  
GLN HA   H  N N 100 
GLN HB2  H  N N 101 
GLN HB3  H  N N 102 
GLN HG2  H  N N 103 
GLN HG3  H  N N 104 
GLN HE21 H  N N 105 
GLN HE22 H  N N 106 
GLN HXT  H  N N 107 
GLU N    N  N N 108 
GLU CA   C  N S 109 
GLU C    C  N N 110 
GLU O    O  N N 111 
GLU CB   C  N N 112 
GLU CG   C  N N 113 
GLU CD   C  N N 114 
GLU OE1  O  N N 115 
GLU OE2  O  N N 116 
GLU OXT  O  N N 117 
GLU H    H  N N 118 
GLU H2   H  N N 119 
GLU HA   H  N N 120 
GLU HB2  H  N N 121 
GLU HB3  H  N N 122 
GLU HG2  H  N N 123 
GLU HG3  H  N N 124 
GLU HE2  H  N N 125 
GLU HXT  H  N N 126 
GLY N    N  N N 127 
GLY CA   C  N N 128 
GLY C    C  N N 129 
GLY O    O  N N 130 
GLY OXT  O  N N 131 
GLY H    H  N N 132 
GLY H2   H  N N 133 
GLY HA2  H  N N 134 
GLY HA3  H  N N 135 
GLY HXT  H  N N 136 
HG  HG   HG N N 137 
HIS N    N  N N 138 
HIS CA   C  N S 139 
HIS C    C  N N 140 
HIS O    O  N N 141 
HIS CB   C  N N 142 
HIS CG   C  Y N 143 
HIS ND1  N  Y N 144 
HIS CD2  C  Y N 145 
HIS CE1  C  Y N 146 
HIS NE2  N  Y N 147 
HIS OXT  O  N N 148 
HIS H    H  N N 149 
HIS H2   H  N N 150 
HIS HA   H  N N 151 
HIS HB2  H  N N 152 
HIS HB3  H  N N 153 
HIS HD1  H  N N 154 
HIS HD2  H  N N 155 
HIS HE1  H  N N 156 
HIS HE2  H  N N 157 
HIS HXT  H  N N 158 
ILE N    N  N N 159 
ILE CA   C  N S 160 
ILE C    C  N N 161 
ILE O    O  N N 162 
ILE CB   C  N S 163 
ILE CG1  C  N N 164 
ILE CG2  C  N N 165 
ILE CD1  C  N N 166 
ILE OXT  O  N N 167 
ILE H    H  N N 168 
ILE H2   H  N N 169 
ILE HA   H  N N 170 
ILE HB   H  N N 171 
ILE HG12 H  N N 172 
ILE HG13 H  N N 173 
ILE HG21 H  N N 174 
ILE HG22 H  N N 175 
ILE HG23 H  N N 176 
ILE HD11 H  N N 177 
ILE HD12 H  N N 178 
ILE HD13 H  N N 179 
ILE HXT  H  N N 180 
LEU N    N  N N 181 
LEU CA   C  N S 182 
LEU C    C  N N 183 
LEU O    O  N N 184 
LEU CB   C  N N 185 
LEU CG   C  N N 186 
LEU CD1  C  N N 187 
LEU CD2  C  N N 188 
LEU OXT  O  N N 189 
LEU H    H  N N 190 
LEU H2   H  N N 191 
LEU HA   H  N N 192 
LEU HB2  H  N N 193 
LEU HB3  H  N N 194 
LEU HG   H  N N 195 
LEU HD11 H  N N 196 
LEU HD12 H  N N 197 
LEU HD13 H  N N 198 
LEU HD21 H  N N 199 
LEU HD22 H  N N 200 
LEU HD23 H  N N 201 
LEU HXT  H  N N 202 
LYS N    N  N N 203 
LYS CA   C  N S 204 
LYS C    C  N N 205 
LYS O    O  N N 206 
LYS CB   C  N N 207 
LYS CG   C  N N 208 
LYS CD   C  N N 209 
LYS CE   C  N N 210 
LYS NZ   N  N N 211 
LYS OXT  O  N N 212 
LYS H    H  N N 213 
LYS H2   H  N N 214 
LYS HA   H  N N 215 
LYS HB2  H  N N 216 
LYS HB3  H  N N 217 
LYS HG2  H  N N 218 
LYS HG3  H  N N 219 
LYS HD2  H  N N 220 
LYS HD3  H  N N 221 
LYS HE2  H  N N 222 
LYS HE3  H  N N 223 
LYS HZ1  H  N N 224 
LYS HZ2  H  N N 225 
LYS HZ3  H  N N 226 
LYS HXT  H  N N 227 
MET N    N  N N 228 
MET CA   C  N S 229 
MET C    C  N N 230 
MET O    O  N N 231 
MET CB   C  N N 232 
MET CG   C  N N 233 
MET SD   S  N N 234 
MET CE   C  N N 235 
MET OXT  O  N N 236 
MET H    H  N N 237 
MET H2   H  N N 238 
MET HA   H  N N 239 
MET HB2  H  N N 240 
MET HB3  H  N N 241 
MET HG2  H  N N 242 
MET HG3  H  N N 243 
MET HE1  H  N N 244 
MET HE2  H  N N 245 
MET HE3  H  N N 246 
MET HXT  H  N N 247 
PHE N    N  N N 248 
PHE CA   C  N S 249 
PHE C    C  N N 250 
PHE O    O  N N 251 
PHE CB   C  N N 252 
PHE CG   C  Y N 253 
PHE CD1  C  Y N 254 
PHE CD2  C  Y N 255 
PHE CE1  C  Y N 256 
PHE CE2  C  Y N 257 
PHE CZ   C  Y N 258 
PHE OXT  O  N N 259 
PHE H    H  N N 260 
PHE H2   H  N N 261 
PHE HA   H  N N 262 
PHE HB2  H  N N 263 
PHE HB3  H  N N 264 
PHE HD1  H  N N 265 
PHE HD2  H  N N 266 
PHE HE1  H  N N 267 
PHE HE2  H  N N 268 
PHE HZ   H  N N 269 
PHE HXT  H  N N 270 
PRO N    N  N N 271 
PRO CA   C  N S 272 
PRO C    C  N N 273 
PRO O    O  N N 274 
PRO CB   C  N N 275 
PRO CG   C  N N 276 
PRO CD   C  N N 277 
PRO OXT  O  N N 278 
PRO H    H  N N 279 
PRO HA   H  N N 280 
PRO HB2  H  N N 281 
PRO HB3  H  N N 282 
PRO HG2  H  N N 283 
PRO HG3  H  N N 284 
PRO HD2  H  N N 285 
PRO HD3  H  N N 286 
PRO HXT  H  N N 287 
SER N    N  N N 288 
SER CA   C  N S 289 
SER C    C  N N 290 
SER O    O  N N 291 
SER CB   C  N N 292 
SER OG   O  N N 293 
SER OXT  O  N N 294 
SER H    H  N N 295 
SER H2   H  N N 296 
SER HA   H  N N 297 
SER HB2  H  N N 298 
SER HB3  H  N N 299 
SER HG   H  N N 300 
SER HXT  H  N N 301 
THR N    N  N N 302 
THR CA   C  N S 303 
THR C    C  N N 304 
THR O    O  N N 305 
THR CB   C  N R 306 
THR OG1  O  N N 307 
THR CG2  C  N N 308 
THR OXT  O  N N 309 
THR H    H  N N 310 
THR H2   H  N N 311 
THR HA   H  N N 312 
THR HB   H  N N 313 
THR HG1  H  N N 314 
THR HG21 H  N N 315 
THR HG22 H  N N 316 
THR HG23 H  N N 317 
THR HXT  H  N N 318 
TYR N    N  N N 319 
TYR CA   C  N S 320 
TYR C    C  N N 321 
TYR O    O  N N 322 
TYR CB   C  N N 323 
TYR CG   C  Y N 324 
TYR CD1  C  Y N 325 
TYR CD2  C  Y N 326 
TYR CE1  C  Y N 327 
TYR CE2  C  Y N 328 
TYR CZ   C  Y N 329 
TYR OH   O  N N 330 
TYR OXT  O  N N 331 
TYR H    H  N N 332 
TYR H2   H  N N 333 
TYR HA   H  N N 334 
TYR HB2  H  N N 335 
TYR HB3  H  N N 336 
TYR HD1  H  N N 337 
TYR HD2  H  N N 338 
TYR HE1  H  N N 339 
TYR HE2  H  N N 340 
TYR HH   H  N N 341 
TYR HXT  H  N N 342 
VAL N    N  N N 343 
VAL CA   C  N S 344 
VAL C    C  N N 345 
VAL O    O  N N 346 
VAL CB   C  N N 347 
VAL CG1  C  N N 348 
VAL CG2  C  N N 349 
VAL OXT  O  N N 350 
VAL H    H  N N 351 
VAL H2   H  N N 352 
VAL HA   H  N N 353 
VAL HB   H  N N 354 
VAL HG11 H  N N 355 
VAL HG12 H  N N 356 
VAL HG13 H  N N 357 
VAL HG21 H  N N 358 
VAL HG22 H  N N 359 
VAL HG23 H  N N 360 
VAL HXT  H  N N 361 
# 
loop_
_chem_comp_bond.comp_id 
_chem_comp_bond.atom_id_1 
_chem_comp_bond.atom_id_2 
_chem_comp_bond.value_order 
_chem_comp_bond.pdbx_aromatic_flag 
_chem_comp_bond.pdbx_stereo_config 
_chem_comp_bond.pdbx_ordinal 
ALA N   CA   sing N N 1   
ALA N   H    sing N N 2   
ALA N   H2   sing N N 3   
ALA CA  C    sing N N 4   
ALA CA  CB   sing N N 5   
ALA CA  HA   sing N N 6   
ALA C   O    doub N N 7   
ALA C   OXT  sing N N 8   
ALA CB  HB1  sing N N 9   
ALA CB  HB2  sing N N 10  
ALA CB  HB3  sing N N 11  
ALA OXT HXT  sing N N 12  
ARG N   CA   sing N N 13  
ARG N   H    sing N N 14  
ARG N   H2   sing N N 15  
ARG CA  C    sing N N 16  
ARG CA  CB   sing N N 17  
ARG CA  HA   sing N N 18  
ARG C   O    doub N N 19  
ARG C   OXT  sing N N 20  
ARG CB  CG   sing N N 21  
ARG CB  HB2  sing N N 22  
ARG CB  HB3  sing N N 23  
ARG CG  CD   sing N N 24  
ARG CG  HG2  sing N N 25  
ARG CG  HG3  sing N N 26  
ARG CD  NE   sing N N 27  
ARG CD  HD2  sing N N 28  
ARG CD  HD3  sing N N 29  
ARG NE  CZ   sing N N 30  
ARG NE  HE   sing N N 31  
ARG CZ  NH1  sing N N 32  
ARG CZ  NH2  doub N N 33  
ARG NH1 HH11 sing N N 34  
ARG NH1 HH12 sing N N 35  
ARG NH2 HH21 sing N N 36  
ARG NH2 HH22 sing N N 37  
ARG OXT HXT  sing N N 38  
ASN N   CA   sing N N 39  
ASN N   H    sing N N 40  
ASN N   H2   sing N N 41  
ASN CA  C    sing N N 42  
ASN CA  CB   sing N N 43  
ASN CA  HA   sing N N 44  
ASN C   O    doub N N 45  
ASN C   OXT  sing N N 46  
ASN CB  CG   sing N N 47  
ASN CB  HB2  sing N N 48  
ASN CB  HB3  sing N N 49  
ASN CG  OD1  doub N N 50  
ASN CG  ND2  sing N N 51  
ASN ND2 HD21 sing N N 52  
ASN ND2 HD22 sing N N 53  
ASN OXT HXT  sing N N 54  
ASP N   CA   sing N N 55  
ASP N   H    sing N N 56  
ASP N   H2   sing N N 57  
ASP CA  C    sing N N 58  
ASP CA  CB   sing N N 59  
ASP CA  HA   sing N N 60  
ASP C   O    doub N N 61  
ASP C   OXT  sing N N 62  
ASP CB  CG   sing N N 63  
ASP CB  HB2  sing N N 64  
ASP CB  HB3  sing N N 65  
ASP CG  OD1  doub N N 66  
ASP CG  OD2  sing N N 67  
ASP OD2 HD2  sing N N 68  
ASP OXT HXT  sing N N 69  
CYS N   CA   sing N N 70  
CYS N   H    sing N N 71  
CYS N   H2   sing N N 72  
CYS CA  C    sing N N 73  
CYS CA  CB   sing N N 74  
CYS CA  HA   sing N N 75  
CYS C   O    doub N N 76  
CYS C   OXT  sing N N 77  
CYS CB  SG   sing N N 78  
CYS CB  HB2  sing N N 79  
CYS CB  HB3  sing N N 80  
CYS SG  HG   sing N N 81  
CYS OXT HXT  sing N N 82  
GLN N   CA   sing N N 83  
GLN N   H    sing N N 84  
GLN N   H2   sing N N 85  
GLN CA  C    sing N N 86  
GLN CA  CB   sing N N 87  
GLN CA  HA   sing N N 88  
GLN C   O    doub N N 89  
GLN C   OXT  sing N N 90  
GLN CB  CG   sing N N 91  
GLN CB  HB2  sing N N 92  
GLN CB  HB3  sing N N 93  
GLN CG  CD   sing N N 94  
GLN CG  HG2  sing N N 95  
GLN CG  HG3  sing N N 96  
GLN CD  OE1  doub N N 97  
GLN CD  NE2  sing N N 98  
GLN NE2 HE21 sing N N 99  
GLN NE2 HE22 sing N N 100 
GLN OXT HXT  sing N N 101 
GLU N   CA   sing N N 102 
GLU N   H    sing N N 103 
GLU N   H2   sing N N 104 
GLU CA  C    sing N N 105 
GLU CA  CB   sing N N 106 
GLU CA  HA   sing N N 107 
GLU C   O    doub N N 108 
GLU C   OXT  sing N N 109 
GLU CB  CG   sing N N 110 
GLU CB  HB2  sing N N 111 
GLU CB  HB3  sing N N 112 
GLU CG  CD   sing N N 113 
GLU CG  HG2  sing N N 114 
GLU CG  HG3  sing N N 115 
GLU CD  OE1  doub N N 116 
GLU CD  OE2  sing N N 117 
GLU OE2 HE2  sing N N 118 
GLU OXT HXT  sing N N 119 
GLY N   CA   sing N N 120 
GLY N   H    sing N N 121 
GLY N   H2   sing N N 122 
GLY CA  C    sing N N 123 
GLY CA  HA2  sing N N 124 
GLY CA  HA3  sing N N 125 
GLY C   O    doub N N 126 
GLY C   OXT  sing N N 127 
GLY OXT HXT  sing N N 128 
HIS N   CA   sing N N 129 
HIS N   H    sing N N 130 
HIS N   H2   sing N N 131 
HIS CA  C    sing N N 132 
HIS CA  CB   sing N N 133 
HIS CA  HA   sing N N 134 
HIS C   O    doub N N 135 
HIS C   OXT  sing N N 136 
HIS CB  CG   sing N N 137 
HIS CB  HB2  sing N N 138 
HIS CB  HB3  sing N N 139 
HIS CG  ND1  sing Y N 140 
HIS CG  CD2  doub Y N 141 
HIS ND1 CE1  doub Y N 142 
HIS ND1 HD1  sing N N 143 
HIS CD2 NE2  sing Y N 144 
HIS CD2 HD2  sing N N 145 
HIS CE1 NE2  sing Y N 146 
HIS CE1 HE1  sing N N 147 
HIS NE2 HE2  sing N N 148 
HIS OXT HXT  sing N N 149 
ILE N   CA   sing N N 150 
ILE N   H    sing N N 151 
ILE N   H2   sing N N 152 
ILE CA  C    sing N N 153 
ILE CA  CB   sing N N 154 
ILE CA  HA   sing N N 155 
ILE C   O    doub N N 156 
ILE C   OXT  sing N N 157 
ILE CB  CG1  sing N N 158 
ILE CB  CG2  sing N N 159 
ILE CB  HB   sing N N 160 
ILE CG1 CD1  sing N N 161 
ILE CG1 HG12 sing N N 162 
ILE CG1 HG13 sing N N 163 
ILE CG2 HG21 sing N N 164 
ILE CG2 HG22 sing N N 165 
ILE CG2 HG23 sing N N 166 
ILE CD1 HD11 sing N N 167 
ILE CD1 HD12 sing N N 168 
ILE CD1 HD13 sing N N 169 
ILE OXT HXT  sing N N 170 
LEU N   CA   sing N N 171 
LEU N   H    sing N N 172 
LEU N   H2   sing N N 173 
LEU CA  C    sing N N 174 
LEU CA  CB   sing N N 175 
LEU CA  HA   sing N N 176 
LEU C   O    doub N N 177 
LEU C   OXT  sing N N 178 
LEU CB  CG   sing N N 179 
LEU CB  HB2  sing N N 180 
LEU CB  HB3  sing N N 181 
LEU CG  CD1  sing N N 182 
LEU CG  CD2  sing N N 183 
LEU CG  HG   sing N N 184 
LEU CD1 HD11 sing N N 185 
LEU CD1 HD12 sing N N 186 
LEU CD1 HD13 sing N N 187 
LEU CD2 HD21 sing N N 188 
LEU CD2 HD22 sing N N 189 
LEU CD2 HD23 sing N N 190 
LEU OXT HXT  sing N N 191 
LYS N   CA   sing N N 192 
LYS N   H    sing N N 193 
LYS N   H2   sing N N 194 
LYS CA  C    sing N N 195 
LYS CA  CB   sing N N 196 
LYS CA  HA   sing N N 197 
LYS C   O    doub N N 198 
LYS C   OXT  sing N N 199 
LYS CB  CG   sing N N 200 
LYS CB  HB2  sing N N 201 
LYS CB  HB3  sing N N 202 
LYS CG  CD   sing N N 203 
LYS CG  HG2  sing N N 204 
LYS CG  HG3  sing N N 205 
LYS CD  CE   sing N N 206 
LYS CD  HD2  sing N N 207 
LYS CD  HD3  sing N N 208 
LYS CE  NZ   sing N N 209 
LYS CE  HE2  sing N N 210 
LYS CE  HE3  sing N N 211 
LYS NZ  HZ1  sing N N 212 
LYS NZ  HZ2  sing N N 213 
LYS NZ  HZ3  sing N N 214 
LYS OXT HXT  sing N N 215 
MET N   CA   sing N N 216 
MET N   H    sing N N 217 
MET N   H2   sing N N 218 
MET CA  C    sing N N 219 
MET CA  CB   sing N N 220 
MET CA  HA   sing N N 221 
MET C   O    doub N N 222 
MET C   OXT  sing N N 223 
MET CB  CG   sing N N 224 
MET CB  HB2  sing N N 225 
MET CB  HB3  sing N N 226 
MET CG  SD   sing N N 227 
MET CG  HG2  sing N N 228 
MET CG  HG3  sing N N 229 
MET SD  CE   sing N N 230 
MET CE  HE1  sing N N 231 
MET CE  HE2  sing N N 232 
MET CE  HE3  sing N N 233 
MET OXT HXT  sing N N 234 
PHE N   CA   sing N N 235 
PHE N   H    sing N N 236 
PHE N   H2   sing N N 237 
PHE CA  C    sing N N 238 
PHE CA  CB   sing N N 239 
PHE CA  HA   sing N N 240 
PHE C   O    doub N N 241 
PHE C   OXT  sing N N 242 
PHE CB  CG   sing N N 243 
PHE CB  HB2  sing N N 244 
PHE CB  HB3  sing N N 245 
PHE CG  CD1  doub Y N 246 
PHE CG  CD2  sing Y N 247 
PHE CD1 CE1  sing Y N 248 
PHE CD1 HD1  sing N N 249 
PHE CD2 CE2  doub Y N 250 
PHE CD2 HD2  sing N N 251 
PHE CE1 CZ   doub Y N 252 
PHE CE1 HE1  sing N N 253 
PHE CE2 CZ   sing Y N 254 
PHE CE2 HE2  sing N N 255 
PHE CZ  HZ   sing N N 256 
PHE OXT HXT  sing N N 257 
PRO N   CA   sing N N 258 
PRO N   CD   sing N N 259 
PRO N   H    sing N N 260 
PRO CA  C    sing N N 261 
PRO CA  CB   sing N N 262 
PRO CA  HA   sing N N 263 
PRO C   O    doub N N 264 
PRO C   OXT  sing N N 265 
PRO CB  CG   sing N N 266 
PRO CB  HB2  sing N N 267 
PRO CB  HB3  sing N N 268 
PRO CG  CD   sing N N 269 
PRO CG  HG2  sing N N 270 
PRO CG  HG3  sing N N 271 
PRO CD  HD2  sing N N 272 
PRO CD  HD3  sing N N 273 
PRO OXT HXT  sing N N 274 
SER N   CA   sing N N 275 
SER N   H    sing N N 276 
SER N   H2   sing N N 277 
SER CA  C    sing N N 278 
SER CA  CB   sing N N 279 
SER CA  HA   sing N N 280 
SER C   O    doub N N 281 
SER C   OXT  sing N N 282 
SER CB  OG   sing N N 283 
SER CB  HB2  sing N N 284 
SER CB  HB3  sing N N 285 
SER OG  HG   sing N N 286 
SER OXT HXT  sing N N 287 
THR N   CA   sing N N 288 
THR N   H    sing N N 289 
THR N   H2   sing N N 290 
THR CA  C    sing N N 291 
THR CA  CB   sing N N 292 
THR CA  HA   sing N N 293 
THR C   O    doub N N 294 
THR C   OXT  sing N N 295 
THR CB  OG1  sing N N 296 
THR CB  CG2  sing N N 297 
THR CB  HB   sing N N 298 
THR OG1 HG1  sing N N 299 
THR CG2 HG21 sing N N 300 
THR CG2 HG22 sing N N 301 
THR CG2 HG23 sing N N 302 
THR OXT HXT  sing N N 303 
TYR N   CA   sing N N 304 
TYR N   H    sing N N 305 
TYR N   H2   sing N N 306 
TYR CA  C    sing N N 307 
TYR CA  CB   sing N N 308 
TYR CA  HA   sing N N 309 
TYR C   O    doub N N 310 
TYR C   OXT  sing N N 311 
TYR CB  CG   sing N N 312 
TYR CB  HB2  sing N N 313 
TYR CB  HB3  sing N N 314 
TYR CG  CD1  doub Y N 315 
TYR CG  CD2  sing Y N 316 
TYR CD1 CE1  sing Y N 317 
TYR CD1 HD1  sing N N 318 
TYR CD2 CE2  doub Y N 319 
TYR CD2 HD2  sing N N 320 
TYR CE1 CZ   doub Y N 321 
TYR CE1 HE1  sing N N 322 
TYR CE2 CZ   sing Y N 323 
TYR CE2 HE2  sing N N 324 
TYR CZ  OH   sing N N 325 
TYR OH  HH   sing N N 326 
TYR OXT HXT  sing N N 327 
VAL N   CA   sing N N 328 
VAL N   H    sing N N 329 
VAL N   H2   sing N N 330 
VAL CA  C    sing N N 331 
VAL CA  CB   sing N N 332 
VAL CA  HA   sing N N 333 
VAL C   O    doub N N 334 
VAL C   OXT  sing N N 335 
VAL CB  CG1  sing N N 336 
VAL CB  CG2  sing N N 337 
VAL CB  HB   sing N N 338 
VAL CG1 HG11 sing N N 339 
VAL CG1 HG12 sing N N 340 
VAL CG1 HG13 sing N N 341 
VAL CG2 HG21 sing N N 342 
VAL CG2 HG22 sing N N 343 
VAL CG2 HG23 sing N N 344 
VAL OXT HXT  sing N N 345 
# 
_atom_sites.entry_id                    2A1J 
_atom_sites.fract_transf_matrix[1][1]   0.00845407 
_atom_sites.fract_transf_matrix[1][2]   -0.00590885 
_atom_sites.fract_transf_matrix[1][3]   -0.01291965 
_atom_sites.fract_transf_matrix[2][1]   0.01517069 
_atom_sites.fract_transf_matrix[2][2]   -0.00619590 
_atom_sites.fract_transf_matrix[2][3]   0.00218359 
_atom_sites.fract_transf_matrix[3][1]   -0.00377204 
_atom_sites.fract_transf_matrix[3][2]   -0.00870295 
_atom_sites.fract_transf_matrix[3][3]   0.00151207 
_atom_sites.fract_transf_vector[1]      0.066315 
_atom_sites.fract_transf_vector[2]      -0.172922 
_atom_sites.fract_transf_vector[3]      0.051398 
# 
loop_
_atom_type.symbol 
C  
HG 
N  
O  
S  
# 
loop_
_atom_site.group_PDB 
_atom_site.id 
_atom_site.type_symbol 
_atom_site.label_atom_id 
_atom_site.label_alt_id 
_atom_site.label_comp_id 
_atom_site.label_asym_id 
_atom_site.label_entity_id 
_atom_site.label_seq_id 
_atom_site.pdbx_PDB_ins_code 
_atom_site.Cartn_x 
_atom_site.Cartn_y 
_atom_site.Cartn_z 
_atom_site.occupancy 
_atom_site.B_iso_or_equiv 
_atom_site.pdbx_formal_charge 
_atom_site.auth_seq_id 
_atom_site.auth_comp_id 
_atom_site.auth_asym_id 
_atom_site.auth_atom_id 
_atom_site.pdbx_PDB_model_num 
ATOM   1    N  N   . PRO A 1 2  ? -0.688  3.100   -12.072 1.00 69.39 ? 837 PRO A N   1 
ATOM   2    C  CA  . PRO A 1 2  ? -1.416  3.228   -10.772 1.00 69.19 ? 837 PRO A CA  1 
ATOM   3    C  C   . PRO A 1 2  ? -2.511  2.200   -10.631 1.00 69.44 ? 837 PRO A C   1 
ATOM   4    O  O   . PRO A 1 2  ? -3.267  2.285   -9.667  1.00 69.67 ? 837 PRO A O   1 
ATOM   5    C  CB  . PRO A 1 2  ? -2.046  4.624   -10.835 1.00 68.55 ? 837 PRO A CB  1 
ATOM   6    C  CG  . PRO A 1 2  ? -2.178  4.875   -12.232 1.00 69.34 ? 837 PRO A CG  1 
ATOM   7    C  CD  . PRO A 1 2  ? -0.992  4.219   -12.970 1.00 69.60 ? 837 PRO A CD  1 
ATOM   8    N  N   . GLN A 1 3  ? -2.615  1.275   -11.581 1.00 69.70 ? 838 GLN A N   1 
ATOM   9    C  CA  . GLN A 1 3  ? -3.599  0.192   -11.494 1.00 69.94 ? 838 GLN A CA  1 
ATOM   10   C  C   . GLN A 1 3  ? -2.760  -1.044  -11.419 1.00 69.00 ? 838 GLN A C   1 
ATOM   11   O  O   . GLN A 1 3  ? -3.164  -2.086  -10.881 1.00 68.83 ? 838 GLN A O   1 
ATOM   12   C  CB  . GLN A 1 3  ? -4.522  0.149   -12.724 1.00 70.68 ? 838 GLN A CB  1 
ATOM   13   C  CG  . GLN A 1 3  ? -3.829  -0.205  -14.087 1.00 74.25 ? 838 GLN A CG  1 
ATOM   14   C  CD  . GLN A 1 3  ? -4.569  0.365   -15.333 1.00 77.53 ? 838 GLN A CD  1 
ATOM   15   O  OE1 . GLN A 1 3  ? -4.706  1.601   -15.480 1.00 77.61 ? 838 GLN A OE1 1 
ATOM   16   N  NE2 . GLN A 1 3  ? -5.039  -0.538  -16.219 1.00 75.57 ? 838 GLN A NE2 1 
ATOM   17   N  N   . ASP A 1 4  ? -1.577  -0.904  -11.996 1.00 67.74 ? 839 ASP A N   1 
ATOM   18   C  CA  . ASP A 1 4  ? -0.499  -1.829  -11.750 1.00 66.86 ? 839 ASP A CA  1 
ATOM   19   C  C   . ASP A 1 4  ? -0.238  -1.994  -10.239 1.00 64.56 ? 839 ASP A C   1 
ATOM   20   O  O   . ASP A 1 4  ? -0.103  -3.123  -9.751  1.00 64.00 ? 839 ASP A O   1 
ATOM   21   C  CB  . ASP A 1 4  ? 0.730   -1.297  -12.458 1.00 68.23 ? 839 ASP A CB  1 
ATOM   22   C  CG  . ASP A 1 4  ? 0.797   -1.752  -13.892 1.00 72.23 ? 839 ASP A CG  1 
ATOM   23   O  OD1 . ASP A 1 4  ? 0.047   -1.180  -14.743 1.00 74.66 ? 839 ASP A OD1 1 
ATOM   24   O  OD2 . ASP A 1 4  ? 1.568   -2.694  -14.237 1.00 76.38 ? 839 ASP A OD2 1 
ATOM   25   N  N   . PHE A 1 5  ? -0.179  -0.861  -9.520  1.00 61.83 ? 840 PHE A N   1 
ATOM   26   C  CA  . PHE A 1 5  ? -0.080  -0.837  -8.068  1.00 59.39 ? 840 PHE A CA  1 
ATOM   27   C  C   . PHE A 1 5  ? -1.281  -1.576  -7.497  1.00 58.78 ? 840 PHE A C   1 
ATOM   28   O  O   . PHE A 1 5  ? -1.156  -2.556  -6.764  1.00 58.46 ? 840 PHE A O   1 
ATOM   29   C  CB  . PHE A 1 5  ? 0.001   0.610   -7.553  1.00 58.33 ? 840 PHE A CB  1 
ATOM   30   C  CG  . PHE A 1 5  ? 0.350   0.740   -6.068  1.00 56.78 ? 840 PHE A CG  1 
ATOM   31   C  CD1 . PHE A 1 5  ? 1.623   1.159   -5.664  1.00 55.01 ? 840 PHE A CD1 1 
ATOM   32   C  CD2 . PHE A 1 5  ? -0.599  0.486   -5.070  1.00 55.91 ? 840 PHE A CD2 1 
ATOM   33   C  CE1 . PHE A 1 5  ? 1.940   1.292   -4.319  1.00 52.52 ? 840 PHE A CE1 1 
ATOM   34   C  CE2 . PHE A 1 5  ? -0.270  0.606   -3.709  1.00 53.69 ? 840 PHE A CE2 1 
ATOM   35   C  CZ  . PHE A 1 5  ? 0.997   1.002   -3.344  1.00 52.40 ? 840 PHE A CZ  1 
ATOM   36   N  N   . LEU A 1 6  ? -2.453  -1.127  -7.905  1.00 58.74 ? 841 LEU A N   1 
ATOM   37   C  CA  . LEU A 1 6  ? -3.701  -1.576  -7.330  1.00 58.24 ? 841 LEU A CA  1 
ATOM   38   C  C   . LEU A 1 6  ? -3.876  -3.079  -7.408  1.00 58.81 ? 841 LEU A C   1 
ATOM   39   O  O   . LEU A 1 6  ? -4.314  -3.705  -6.452  1.00 58.70 ? 841 LEU A O   1 
ATOM   40   C  CB  . LEU A 1 6  ? -4.846  -0.855  -8.007  1.00 57.23 ? 841 LEU A CB  1 
ATOM   41   C  CG  . LEU A 1 6  ? -6.161  -1.074  -7.296  1.00 56.09 ? 841 LEU A CG  1 
ATOM   42   C  CD1 . LEU A 1 6  ? -6.055  -0.833  -5.810  1.00 55.32 ? 841 LEU A CD1 1 
ATOM   43   C  CD2 . LEU A 1 6  ? -7.152  -0.162  -7.892  1.00 56.00 ? 841 LEU A CD2 1 
ATOM   44   N  N   . LEU A 1 7  ? -3.482  -3.659  -8.530  1.00 59.76 ? 842 LEU A N   1 
ATOM   45   C  CA  . LEU A 1 7  ? -3.725  -5.076  -8.776  1.00 61.29 ? 842 LEU A CA  1 
ATOM   46   C  C   . LEU A 1 7  ? -2.840  -6.019  -7.967  1.00 61.80 ? 842 LEU A C   1 
ATOM   47   O  O   . LEU A 1 7  ? -3.206  -7.159  -7.725  1.00 62.18 ? 842 LEU A O   1 
ATOM   48   C  CB  . LEU A 1 7  ? -3.583  -5.389  -10.272 1.00 61.81 ? 842 LEU A CB  1 
ATOM   49   C  CG  . LEU A 1 7  ? -4.842  -5.640  -11.117 1.00 62.86 ? 842 LEU A CG  1 
ATOM   50   C  CD1 . LEU A 1 7  ? -4.898  -4.630  -12.289 1.00 64.18 ? 842 LEU A CD1 1 
ATOM   51   C  CD2 . LEU A 1 7  ? -4.885  -7.090  -11.632 1.00 63.72 ? 842 LEU A CD2 1 
ATOM   52   N  N   . LYS A 1 8  ? -1.667  -5.554  -7.568  1.00 62.57 ? 843 LYS A N   1 
ATOM   53   C  CA  . LYS A 1 8  ? -0.751  -6.384  -6.812  1.00 63.21 ? 843 LYS A CA  1 
ATOM   54   C  C   . LYS A 1 8  ? -1.107  -6.272  -5.345  1.00 64.16 ? 843 LYS A C   1 
ATOM   55   O  O   . LYS A 1 8  ? -0.421  -6.825  -4.464  1.00 64.58 ? 843 LYS A O   1 
ATOM   56   C  CB  . LYS A 1 8  ? 0.679   -5.929  -7.045  1.00 63.02 ? 843 LYS A CB  1 
ATOM   57   C  CG  . LYS A 1 8  ? 1.113   -5.970  -8.497  1.00 63.43 ? 843 LYS A CG  1 
ATOM   58   C  CD  . LYS A 1 8  ? 2.586   -6.282  -8.622  1.00 63.41 ? 843 LYS A CD  1 
ATOM   59   C  CE  . LYS A 1 8  ? 3.039   -6.341  -10.071 1.00 63.68 ? 843 LYS A CE  1 
ATOM   60   N  NZ  . LYS A 1 8  ? 3.371   -7.747  -10.432 1.00 64.38 ? 843 LYS A NZ  1 
ATOM   61   N  N   . MET A 1 9  ? -2.165  -5.513  -5.083  1.00 65.17 ? 844 MET A N   1 
ATOM   62   C  CA  . MET A 1 9  ? -2.668  -5.414  -3.738  1.00 66.53 ? 844 MET A CA  1 
ATOM   63   C  C   . MET A 1 9  ? -3.435  -6.682  -3.439  1.00 67.98 ? 844 MET A C   1 
ATOM   64   O  O   . MET A 1 9  ? -4.116  -7.243  -4.315  1.00 67.59 ? 844 MET A O   1 
ATOM   65   C  CB  . MET A 1 9  ? -3.517  -4.171  -3.527  1.00 66.01 ? 844 MET A CB  1 
ATOM   66   C  CG  . MET A 1 9  ? -2.801  -2.884  -3.862  1.00 64.80 ? 844 MET A CG  1 
ATOM   67   S  SD  . MET A 1 9  ? -3.657  -1.473  -3.156  1.00 60.63 ? 844 MET A SD  1 
ATOM   68   C  CE  . MET A 1 9  ? -3.014  -1.457  -1.578  1.00 60.81 ? 844 MET A CE  1 
ATOM   69   N  N   . PRO A 1 10 ? -3.243  -7.168  -2.216  1.00 69.21 ? 845 PRO A N   1 
ATOM   70   C  CA  . PRO A 1 10 ? -3.906  -8.386  -1.710  1.00 69.80 ? 845 PRO A CA  1 
ATOM   71   C  C   . PRO A 1 10 ? -5.448  -8.327  -1.727  1.00 70.03 ? 845 PRO A C   1 
ATOM   72   O  O   . PRO A 1 10 ? -6.045  -7.312  -1.331  1.00 70.82 ? 845 PRO A O   1 
ATOM   73   C  CB  . PRO A 1 10 ? -3.391  -8.494  -0.266  1.00 69.38 ? 845 PRO A CB  1 
ATOM   74   C  CG  . PRO A 1 10 ? -2.129  -7.784  -0.277  1.00 69.07 ? 845 PRO A CG  1 
ATOM   75   C  CD  . PRO A 1 10 ? -2.270  -6.636  -1.250  1.00 69.27 ? 845 PRO A CD  1 
ATOM   76   N  N   . GLY A 1 11 ? -6.063  -9.418  -2.212  1.00 69.53 ? 846 GLY A N   1 
ATOM   77   C  CA  . GLY A 1 11 ? -7.515  -9.547  -2.310  1.00 67.07 ? 846 GLY A CA  1 
ATOM   78   C  C   . GLY A 1 11 ? -8.148  -8.678  -3.386  1.00 65.00 ? 846 GLY A C   1 
ATOM   79   O  O   . GLY A 1 11 ? -9.335  -8.380  -3.288  1.00 64.26 ? 846 GLY A O   1 
ATOM   80   N  N   . VAL A 1 12 ? -7.347  -8.273  -4.379  1.00 63.50 ? 847 VAL A N   1 
ATOM   81   C  CA  . VAL A 1 12 ? -7.767  -7.467  -5.522  1.00 62.40 ? 847 VAL A CA  1 
ATOM   82   C  C   . VAL A 1 12 ? -7.420  -8.313  -6.731  1.00 62.92 ? 847 VAL A C   1 
ATOM   83   O  O   . VAL A 1 12 ? -6.315  -8.818  -6.817  1.00 62.96 ? 847 VAL A O   1 
ATOM   84   C  CB  . VAL A 1 12 ? -7.009  -6.084  -5.610  1.00 62.15 ? 847 VAL A CB  1 
ATOM   85   C  CG1 . VAL A 1 12 ? -7.245  -5.385  -6.951  1.00 60.06 ? 847 VAL A CG1 1 
ATOM   86   C  CG2 . VAL A 1 12 ? -7.362  -5.159  -4.452  1.00 59.58 ? 847 VAL A CG2 1 
ATOM   87   N  N   . ASN A 1 13 ? -8.375  -8.485  -7.643  1.00 63.65 ? 848 ASN A N   1 
ATOM   88   C  CA  . ASN A 1 13 ? -8.211  -9.313  -8.829  1.00 64.27 ? 848 ASN A CA  1 
ATOM   89   C  C   . ASN A 1 13 ? -8.819  -8.563  -9.971  1.00 65.07 ? 848 ASN A C   1 
ATOM   90   O  O   . ASN A 1 13 ? -9.332  -7.471  -9.762  1.00 64.37 ? 848 ASN A O   1 
ATOM   91   C  CB  . ASN A 1 13 ? -8.890  -10.676 -8.671  1.00 64.32 ? 848 ASN A CB  1 
ATOM   92   C  CG  . ASN A 1 13 ? -10.368 -10.560 -8.379  1.00 64.11 ? 848 ASN A CG  1 
ATOM   93   O  OD1 . ASN A 1 13 ? -10.800 -10.694 -7.238  1.00 63.48 ? 848 ASN A OD1 1 
ATOM   94   N  ND2 . ASN A 1 13 ? -11.154 -10.312 -9.412  1.00 64.90 ? 848 ASN A ND2 1 
ATOM   95   N  N   . ALA A 1 14 ? -8.761  -9.158  -11.170 1.00 66.93 ? 849 ALA A N   1 
ATOM   96   C  CA  . ALA A 1 14 ? -9.122  -8.481  -12.421 1.00 68.38 ? 849 ALA A CA  1 
ATOM   97   C  C   . ALA A 1 14 ? -10.598 -8.045  -12.417 1.00 69.88 ? 849 ALA A C   1 
ATOM   98   O  O   . ALA A 1 14 ? -10.904 -6.871  -12.729 1.00 70.15 ? 849 ALA A O   1 
ATOM   99   C  CB  . ALA A 1 14 ? -8.822  -9.359  -13.597 1.00 68.16 ? 849 ALA A CB  1 
ATOM   100  N  N   . LYS A 1 15 ? -11.484 -8.982  -12.027 1.00 71.09 ? 850 LYS A N   1 
ATOM   101  C  CA  . LYS A 1 15 ? -12.914 -8.708  -11.775 1.00 72.03 ? 850 LYS A CA  1 
ATOM   102  C  C   . LYS A 1 15 ? -13.126 -7.441  -10.919 1.00 71.86 ? 850 LYS A C   1 
ATOM   103  O  O   . LYS A 1 15 ? -13.622 -6.442  -11.437 1.00 72.23 ? 850 LYS A O   1 
ATOM   104  C  CB  . LYS A 1 15 ? -13.650 -9.980  -11.261 1.00 72.44 ? 850 LYS A CB  1 
ATOM   105  C  CG  . LYS A 1 15 ? -14.614 -9.844  -10.053 1.00 75.01 ? 850 LYS A CG  1 
ATOM   106  C  CD  . LYS A 1 15 ? -14.673 -11.174 -9.194  1.00 77.95 ? 850 LYS A CD  1 
ATOM   107  C  CE  . LYS A 1 15 ? -14.425 -10.911 -7.644  1.00 79.24 ? 850 LYS A CE  1 
ATOM   108  N  NZ  . LYS A 1 15 ? -14.558 -12.088 -6.670  1.00 77.27 ? 850 LYS A NZ  1 
ATOM   109  N  N   . ASN A 1 16 ? -12.691 -7.433  -9.658  1.00 71.98 ? 851 ASN A N   1 
ATOM   110  C  CA  . ASN A 1 16 ? -12.930 -6.262  -8.783  1.00 72.06 ? 851 ASN A CA  1 
ATOM   111  C  C   . ASN A 1 16 ? -12.067 -4.989  -8.971  1.00 72.82 ? 851 ASN A C   1 
ATOM   112  O  O   . ASN A 1 16 ? -12.352 -3.974  -8.351  1.00 72.70 ? 851 ASN A O   1 
ATOM   113  C  CB  . ASN A 1 16 ? -12.997 -6.662  -7.304  1.00 71.24 ? 851 ASN A CB  1 
ATOM   114  C  CG  . ASN A 1 16 ? -11.696 -7.253  -6.789  1.00 70.52 ? 851 ASN A CG  1 
ATOM   115  O  OD1 . ASN A 1 16 ? -11.680 -7.943  -5.787  1.00 68.99 ? 851 ASN A OD1 1 
ATOM   116  N  ND2 . ASN A 1 16 ? -10.603 -6.981  -7.470  1.00 71.09 ? 851 ASN A ND2 1 
ATOM   117  N  N   . CYS A 1 17 ? -11.029 -5.038  -9.809  1.00 73.85 ? 852 CYS A N   1 
ATOM   118  C  CA  . CYS A 1 17 ? -10.230 -3.843  -10.086 1.00 75.53 ? 852 CYS A CA  1 
ATOM   119  C  C   . CYS A 1 17 ? -11.096 -2.806  -10.809 1.00 75.62 ? 852 CYS A C   1 
ATOM   120  O  O   . CYS A 1 17 ? -11.059 -1.614  -10.481 1.00 75.61 ? 852 CYS A O   1 
ATOM   121  C  CB  . CYS A 1 17 ? -8.936  -4.183  -10.867 1.00 75.94 ? 852 CYS A CB  1 
ATOM   122  S  SG  . CYS A 1 17 ? -8.540  -3.177  -12.345 1.00 79.93 ? 852 CYS A SG  1 
ATOM   123  N  N   . ARG A 1 18 ? -11.863 -3.283  -11.791 1.00 75.97 ? 853 ARG A N   1 
ATOM   124  C  CA  . ARG A 1 18 ? -12.928 -2.515  -12.443 1.00 76.45 ? 853 ARG A CA  1 
ATOM   125  C  C   . ARG A 1 18 ? -13.810 -1.804  -11.397 1.00 75.95 ? 853 ARG A C   1 
ATOM   126  O  O   . ARG A 1 18 ? -13.824 -0.576  -11.311 1.00 76.00 ? 853 ARG A O   1 
ATOM   127  C  CB  . ARG A 1 18 ? -13.809 -3.470  -13.270 1.00 77.03 ? 853 ARG A CB  1 
ATOM   128  C  CG  . ARG A 1 18 ? -14.116 -3.086  -14.740 1.00 80.09 ? 853 ARG A CG  1 
ATOM   129  C  CD  . ARG A 1 18 ? -15.396 -3.811  -15.394 1.00 85.75 ? 853 ARG A CD  1 
ATOM   130  N  NE  . ARG A 1 18 ? -15.623 -5.267  -15.112 1.00 88.25 ? 853 ARG A NE  1 
ATOM   131  C  CZ  . ARG A 1 18 ? -14.803 -6.293  -15.456 1.00 88.45 ? 853 ARG A CZ  1 
ATOM   132  N  NH1 . ARG A 1 18 ? -13.645 -6.079  -16.079 1.00 88.94 ? 853 ARG A NH1 1 
ATOM   133  N  NH2 . ARG A 1 18 ? -15.135 -7.545  -15.158 1.00 87.93 ? 853 ARG A NH2 1 
ATOM   134  N  N   . SER A 1 19 ? -14.510 -2.600  -10.586 1.00 75.26 ? 854 SER A N   1 
ATOM   135  C  CA  . SER A 1 19 ? -15.604 -2.149  -9.719  1.00 74.39 ? 854 SER A CA  1 
ATOM   136  C  C   . SER A 1 19 ? -15.125 -1.154  -8.686  1.00 73.93 ? 854 SER A C   1 
ATOM   137  O  O   . SER A 1 19 ? -15.878 -0.316  -8.188  1.00 74.18 ? 854 SER A O   1 
ATOM   138  C  CB  . SER A 1 19 ? -16.261 -3.379  -9.044  1.00 74.81 ? 854 SER A CB  1 
ATOM   139  O  OG  . SER A 1 19 ? -16.184 -3.374  -7.623  1.00 73.70 ? 854 SER A OG  1 
ATOM   140  N  N   . LEU A 1 20 ? -13.849 -1.261  -8.374  1.00 73.20 ? 855 LEU A N   1 
ATOM   141  C  CA  . LEU A 1 20 ? -13.260 -0.515  -7.293  1.00 72.39 ? 855 LEU A CA  1 
ATOM   142  C  C   . LEU A 1 20 ? -12.693 0.776   -7.844  1.00 71.99 ? 855 LEU A C   1 
ATOM   143  O  O   . LEU A 1 20 ? -12.740 1.793   -7.170  1.00 72.21 ? 855 LEU A O   1 
ATOM   144  C  CB  . LEU A 1 20 ? -12.175 -1.382  -6.659  1.00 72.72 ? 855 LEU A CB  1 
ATOM   145  C  CG  . LEU A 1 20 ? -11.107 -0.863  -5.716  1.00 71.49 ? 855 LEU A CG  1 
ATOM   146  C  CD1 . LEU A 1 20 ? -11.346 -1.396  -4.324  1.00 71.22 ? 855 LEU A CD1 1 
ATOM   147  C  CD2 . LEU A 1 20 ? -9.822  -1.367  -6.248  1.00 71.99 ? 855 LEU A CD2 1 
ATOM   148  N  N   . MET A 1 21 ? -12.157 0.731   -9.060  1.00 71.04 ? 856 MET A N   1 
ATOM   149  C  CA  . MET A 1 21 ? -11.806 1.930   -9.791  1.00 70.87 ? 856 MET A CA  1 
ATOM   150  C  C   . MET A 1 21 ? -13.013 2.882   -10.042 1.00 71.69 ? 856 MET A C   1 
ATOM   151  O  O   . MET A 1 21 ? -12.846 4.039   -10.469 1.00 71.41 ? 856 MET A O   1 
ATOM   152  C  CB  . MET A 1 21 ? -11.145 1.527   -11.097 1.00 70.24 ? 856 MET A CB  1 
ATOM   153  C  CG  . MET A 1 21 ? -9.667  1.409   -10.937 1.00 69.69 ? 856 MET A CG  1 
ATOM   154  S  SD  . MET A 1 21 ? -8.823  0.468   -12.190 1.00 69.64 ? 856 MET A SD  1 
ATOM   155  C  CE  . MET A 1 21 ? -7.603  1.749   -12.828 1.00 66.91 ? 856 MET A CE  1 
ATOM   156  N  N   . HIS A 1 22 ? -14.222 2.384   -9.756  1.00 72.39 ? 857 HIS A N   1 
ATOM   157  C  CA  . HIS A 1 22 ? -15.464 3.116   -9.977  1.00 73.22 ? 857 HIS A CA  1 
ATOM   158  C  C   . HIS A 1 22 ? -15.920 3.853   -8.734  1.00 73.11 ? 857 HIS A C   1 
ATOM   159  O  O   . HIS A 1 22 ? -16.553 4.894   -8.837  1.00 74.06 ? 857 HIS A O   1 
ATOM   160  C  CB  . HIS A 1 22 ? -16.609 2.186   -10.439 1.00 73.79 ? 857 HIS A CB  1 
ATOM   161  C  CG  . HIS A 1 22 ? -16.581 1.830   -11.905 1.00 76.62 ? 857 HIS A CG  1 
ATOM   162  N  ND1 . HIS A 1 22 ? -15.658 2.349   -12.798 1.00 76.88 ? 857 HIS A ND1 1 
ATOM   163  C  CD2 . HIS A 1 22 ? -17.368 0.986   -12.626 1.00 78.34 ? 857 HIS A CD2 1 
ATOM   164  C  CE1 . HIS A 1 22 ? -15.872 1.839   -14.000 1.00 77.66 ? 857 HIS A CE1 1 
ATOM   165  N  NE2 . HIS A 1 22 ? -16.903 1.009   -13.922 1.00 79.79 ? 857 HIS A NE2 1 
ATOM   166  N  N   . HIS A 1 23 ? -15.655 3.326   -7.552  1.00 72.81 ? 858 HIS A N   1 
ATOM   167  C  CA  . HIS A 1 23 ? -16.207 3.981   -6.375  1.00 72.79 ? 858 HIS A CA  1 
ATOM   168  C  C   . HIS A 1 23 ? -15.182 4.730   -5.506  1.00 71.77 ? 858 HIS A C   1 
ATOM   169  O  O   . HIS A 1 23 ? -15.539 5.267   -4.445  1.00 72.55 ? 858 HIS A O   1 
ATOM   170  C  CB  . HIS A 1 23 ? -17.086 3.011   -5.558  1.00 73.69 ? 858 HIS A CB  1 
ATOM   171  C  CG  . HIS A 1 23 ? -18.133 2.296   -6.372  1.00 77.09 ? 858 HIS A CG  1 
ATOM   172  N  ND1 . HIS A 1 23 ? -18.701 1.099   -5.972  1.00 79.57 ? 858 HIS A ND1 1 
ATOM   173  C  CD2 . HIS A 1 23 ? -18.716 2.607   -7.561  1.00 79.40 ? 858 HIS A CD2 1 
ATOM   174  C  CE1 . HIS A 1 23 ? -19.572 0.696   -6.883  1.00 80.19 ? 858 HIS A CE1 1 
ATOM   175  N  NE2 . HIS A 1 23 ? -19.596 1.591   -7.858  1.00 80.97 ? 858 HIS A NE2 1 
ATOM   176  N  N   . VAL A 1 24 ? -13.929 4.799   -5.965  1.00 69.92 ? 859 VAL A N   1 
ATOM   177  C  CA  . VAL A 1 24 ? -12.844 5.422   -5.197  1.00 67.89 ? 859 VAL A CA  1 
ATOM   178  C  C   . VAL A 1 24 ? -11.911 6.181   -6.150  1.00 67.16 ? 859 VAL A C   1 
ATOM   179  O  O   . VAL A 1 24 ? -11.580 5.677   -7.206  1.00 66.76 ? 859 VAL A O   1 
ATOM   180  C  CB  . VAL A 1 24 ? -12.151 4.371   -4.196  1.00 67.95 ? 859 VAL A CB  1 
ATOM   181  C  CG1 . VAL A 1 24 ? -12.664 2.934   -4.419  1.00 67.00 ? 859 VAL A CG1 1 
ATOM   182  C  CG2 . VAL A 1 24 ? -10.608 4.422   -4.182  1.00 66.98 ? 859 VAL A CG2 1 
ATOM   183  N  N   . LYS A 1 25 ? -11.515 7.396   -5.787  1.00 66.47 ? 860 LYS A N   1 
ATOM   184  C  CA  . LYS A 1 25 ? -10.867 8.316   -6.726  1.00 66.85 ? 860 LYS A CA  1 
ATOM   185  C  C   . LYS A 1 25 ? -9.507  7.804   -7.202  1.00 65.93 ? 860 LYS A C   1 
ATOM   186  O  O   . LYS A 1 25 ? -9.148  7.858   -8.401  1.00 65.32 ? 860 LYS A O   1 
ATOM   187  C  CB  . LYS A 1 25 ? -10.662 9.707   -6.078  1.00 67.66 ? 860 LYS A CB  1 
ATOM   188  C  CG  . LYS A 1 25 ? -11.919 10.398  -5.442  1.00 72.28 ? 860 LYS A CG  1 
ATOM   189  C  CD  . LYS A 1 25 ? -12.146 10.089  -3.904  1.00 78.06 ? 860 LYS A CD  1 
ATOM   190  C  CE  . LYS A 1 25 ? -13.034 8.805   -3.665  1.00 79.30 ? 860 LYS A CE  1 
ATOM   191  N  NZ  . LYS A 1 25 ? -14.492 9.042   -3.388  1.00 79.75 ? 860 LYS A NZ  1 
ATOM   192  N  N   . ASN A 1 26 ? -8.756  7.324   -6.219  1.00 64.83 ? 861 ASN A N   1 
ATOM   193  C  CA  . ASN A 1 26 ? -7.321  7.082   -6.327  1.00 63.65 ? 861 ASN A CA  1 
ATOM   194  C  C   . ASN A 1 26 ? -6.936  6.213   -5.153  1.00 63.28 ? 861 ASN A C   1 
ATOM   195  O  O   . ASN A 1 26 ? -7.759  5.984   -4.237  1.00 62.78 ? 861 ASN A O   1 
ATOM   196  C  CB  . ASN A 1 26 ? -6.549  8.399   -6.263  1.00 62.88 ? 861 ASN A CB  1 
ATOM   197  C  CG  . ASN A 1 26 ? -6.869  9.228   -4.999  1.00 61.60 ? 861 ASN A CG  1 
ATOM   198  O  OD1 . ASN A 1 26 ? -6.314  10.299  -4.834  1.00 60.39 ? 861 ASN A OD1 1 
ATOM   199  N  ND2 . ASN A 1 26 ? -7.751  8.737   -4.117  1.00 58.74 ? 861 ASN A ND2 1 
ATOM   200  N  N   . ILE A 1 27 ? -5.691  5.746   -5.161  1.00 62.88 ? 862 ILE A N   1 
ATOM   201  C  CA  . ILE A 1 27 ? -5.211  4.873   -4.087  1.00 62.67 ? 862 ILE A CA  1 
ATOM   202  C  C   . ILE A 1 27 ? -5.371  5.542   -2.715  1.00 63.04 ? 862 ILE A C   1 
ATOM   203  O  O   . ILE A 1 27 ? -5.973  4.977   -1.808  1.00 62.78 ? 862 ILE A O   1 
ATOM   204  C  CB  . ILE A 1 27 ? -3.748  4.445   -4.331  1.00 62.42 ? 862 ILE A CB  1 
ATOM   205  C  CG1 . ILE A 1 27 ? -3.655  3.402   -5.449  1.00 61.19 ? 862 ILE A CG1 1 
ATOM   206  C  CG2 . ILE A 1 27 ? -3.171  3.868   -3.072  1.00 62.91 ? 862 ILE A CG2 1 
ATOM   207  C  CD1 . ILE A 1 27 ? -2.398  3.481   -6.294  1.00 58.81 ? 862 ILE A CD1 1 
ATOM   208  N  N   . ALA A 1 28 ? -4.860  6.765   -2.590  1.00 63.75 ? 863 ALA A N   1 
ATOM   209  C  CA  . ALA A 1 28 ? -4.957  7.539   -1.351  1.00 64.89 ? 863 ALA A CA  1 
ATOM   210  C  C   . ALA A 1 28 ? -6.290  7.377   -0.633  1.00 65.78 ? 863 ALA A C   1 
ATOM   211  O  O   . ALA A 1 28 ? -6.317  7.261   0.579   1.00 66.05 ? 863 ALA A O   1 
ATOM   212  C  CB  . ALA A 1 28 ? -4.682  9.010   -1.615  1.00 64.68 ? 863 ALA A CB  1 
ATOM   213  N  N   . GLU A 1 29 ? -7.391  7.370   -1.382  1.00 66.77 ? 864 GLU A N   1 
ATOM   214  C  CA  . GLU A 1 29 ? -8.717  7.322   -0.787  1.00 67.55 ? 864 GLU A CA  1 
ATOM   215  C  C   . GLU A 1 29 ? -8.978  5.945   -0.182  1.00 67.13 ? 864 GLU A C   1 
ATOM   216  O  O   . GLU A 1 29 ? -9.836  5.791   0.687   1.00 66.75 ? 864 GLU A O   1 
ATOM   217  C  CB  . GLU A 1 29 ? -9.769  7.723   -1.834  1.00 68.25 ? 864 GLU A CB  1 
ATOM   218  C  CG  . GLU A 1 29 ? -11.193 7.239   -1.559  1.00 72.14 ? 864 GLU A CG  1 
ATOM   219  C  CD  . GLU A 1 29 ? -11.919 8.039   -0.467  1.00 77.22 ? 864 GLU A CD  1 
ATOM   220  O  OE1 . GLU A 1 29 ? -12.575 7.396   0.401   1.00 77.02 ? 864 GLU A OE1 1 
ATOM   221  O  OE2 . GLU A 1 29 ? -11.848 9.308   -0.480  1.00 79.21 ? 864 GLU A OE2 1 
ATOM   222  N  N   . LEU A 1 30 ? -8.208  4.954   -0.648  1.00 67.31 ? 865 LEU A N   1 
ATOM   223  C  CA  . LEU A 1 30 ? -8.276  3.558   -0.169  1.00 66.63 ? 865 LEU A CA  1 
ATOM   224  C  C   . LEU A 1 30 ? -7.965  3.528   1.303   1.00 66.23 ? 865 LEU A C   1 
ATOM   225  O  O   . LEU A 1 30 ? -8.650  2.847   2.076   1.00 65.88 ? 865 LEU A O   1 
ATOM   226  C  CB  . LEU A 1 30 ? -7.252  2.682   -0.896  1.00 66.49 ? 865 LEU A CB  1 
ATOM   227  C  CG  . LEU A 1 30 ? -7.643  1.504   -1.794  1.00 66.01 ? 865 LEU A CG  1 
ATOM   228  C  CD1 . LEU A 1 30 ? -9.169  1.327   -1.982  1.00 64.89 ? 865 LEU A CD1 1 
ATOM   229  C  CD2 . LEU A 1 30 ? -6.937  1.646   -3.125  1.00 63.53 ? 865 LEU A CD2 1 
ATOM   230  N  N   . ALA A 1 31 ? -6.925  4.275   1.678   1.00 65.80 ? 866 ALA A N   1 
ATOM   231  C  CA  . ALA A 1 31 ? -6.609  4.477   3.087   1.00 66.07 ? 866 ALA A CA  1 
ATOM   232  C  C   . ALA A 1 31 ? -7.874  4.850   3.824   1.00 66.42 ? 866 ALA A C   1 
ATOM   233  O  O   . ALA A 1 31 ? -8.102  4.370   4.940   1.00 67.21 ? 866 ALA A O   1 
ATOM   234  C  CB  . ALA A 1 31 ? -5.548  5.563   3.294   1.00 65.69 ? 866 ALA A CB  1 
ATOM   235  N  N   . ALA A 1 32 ? -8.713  5.665   3.176   1.00 66.33 ? 867 ALA A N   1 
ATOM   236  C  CA  . ALA A 1 32 ? -9.801  6.344   3.872   1.00 65.99 ? 867 ALA A CA  1 
ATOM   237  C  C   . ALA A 1 32 ? -11.063 5.500   4.155   1.00 65.53 ? 867 ALA A C   1 
ATOM   238  O  O   . ALA A 1 32 ? -11.893 5.913   4.937   1.00 65.75 ? 867 ALA A O   1 
ATOM   239  C  CB  . ALA A 1 32 ? -10.133 7.676   3.185   1.00 65.68 ? 867 ALA A CB  1 
ATOM   240  N  N   . LEU A 1 33 ? -11.172 4.307   3.588   1.00 65.00 ? 868 LEU A N   1 
ATOM   241  C  CA  . LEU A 1 33 ? -12.382 3.497   3.737   1.00 65.20 ? 868 LEU A CA  1 
ATOM   242  C  C   . LEU A 1 33 ? -12.420 2.476   4.875   1.00 65.74 ? 868 LEU A C   1 
ATOM   243  O  O   . LEU A 1 33 ? -11.394 1.961   5.279   1.00 66.54 ? 868 LEU A O   1 
ATOM   244  C  CB  . LEU A 1 33 ? -12.649 2.783   2.430   1.00 64.76 ? 868 LEU A CB  1 
ATOM   245  C  CG  . LEU A 1 33 ? -12.486 3.759   1.284   1.00 64.28 ? 868 LEU A CG  1 
ATOM   246  C  CD1 . LEU A 1 33 ? -11.932 3.001   0.121   1.00 65.40 ? 868 LEU A CD1 1 
ATOM   247  C  CD2 . LEU A 1 33 ? -13.806 4.408   0.963   1.00 61.60 ? 868 LEU A CD2 1 
ATOM   248  N  N   . SER A 1 34 ? -13.611 2.163   5.375   1.00 66.56 ? 869 SER A N   1 
ATOM   249  C  CA  . SER A 1 34 ? -13.751 1.116   6.389   1.00 67.77 ? 869 SER A CA  1 
ATOM   250  C  C   . SER A 1 34 ? -13.825 -0.275  5.768   1.00 67.84 ? 869 SER A C   1 
ATOM   251  O  O   . SER A 1 34 ? -13.945 -0.415  4.541   1.00 67.89 ? 869 SER A O   1 
ATOM   252  C  CB  . SER A 1 34 ? -14.955 1.350   7.314   1.00 68.26 ? 869 SER A CB  1 
ATOM   253  O  OG  . SER A 1 34 ? -14.536 1.340   8.685   1.00 70.95 ? 869 SER A OG  1 
ATOM   254  N  N   . GLN A 1 35 ? -13.738 -1.304  6.614   1.00 67.75 ? 870 GLN A N   1 
ATOM   255  C  CA  . GLN A 1 35 ? -13.748 -2.676  6.117   1.00 67.36 ? 870 GLN A CA  1 
ATOM   256  C  C   . GLN A 1 35 ? -15.089 -2.986  5.470   1.00 67.65 ? 870 GLN A C   1 
ATOM   257  O  O   . GLN A 1 35 ? -15.140 -3.513  4.357   1.00 67.29 ? 870 GLN A O   1 
ATOM   258  C  CB  . GLN A 1 35 ? -13.466 -3.648  7.242   1.00 66.98 ? 870 GLN A CB  1 
ATOM   259  C  CG  . GLN A 1 35 ? -12.933 -4.938  6.757   1.00 66.36 ? 870 GLN A CG  1 
ATOM   260  C  CD  . GLN A 1 35 ? -12.319 -5.740  7.867   1.00 68.39 ? 870 GLN A CD  1 
ATOM   261  O  OE1 . GLN A 1 35 ? -11.818 -5.174  8.865   1.00 68.78 ? 870 GLN A OE1 1 
ATOM   262  N  NE2 . GLN A 1 35 ? -12.340 -7.066  7.716   1.00 68.75 ? 870 GLN A NE2 1 
ATOM   263  N  N   . ASP A 1 36 ? -16.166 -2.624  6.171   1.00 68.07 ? 871 ASP A N   1 
ATOM   264  C  CA  . ASP A 1 36 ? -17.521 -2.771  5.656   1.00 68.52 ? 871 ASP A CA  1 
ATOM   265  C  C   . ASP A 1 36 ? -17.739 -2.023  4.332   1.00 68.65 ? 871 ASP A C   1 
ATOM   266  O  O   . ASP A 1 36 ? -18.309 -2.587  3.395   1.00 68.66 ? 871 ASP A O   1 
ATOM   267  C  CB  . ASP A 1 36 ? -18.517 -2.355  6.721   1.00 68.22 ? 871 ASP A CB  1 
ATOM   268  C  CG  . ASP A 1 36 ? -18.656 -3.401  7.791   1.00 70.01 ? 871 ASP A CG  1 
ATOM   269  O  OD1 . ASP A 1 36 ? -18.556 -4.599  7.447   1.00 71.23 ? 871 ASP A OD1 1 
ATOM   270  O  OD2 . ASP A 1 36 ? -18.863 -3.148  9.000   1.00 72.19 ? 871 ASP A OD2 1 
ATOM   271  N  N   . GLU A 1 37 ? -17.252 -0.783  4.236   1.00 68.71 ? 872 GLU A N   1 
ATOM   272  C  CA  . GLU A 1 37 ? -17.361 -0.033  2.979   1.00 69.46 ? 872 GLU A CA  1 
ATOM   273  C  C   . GLU A 1 37 ? -16.555 -0.691  1.868   1.00 69.12 ? 872 GLU A C   1 
ATOM   274  O  O   . GLU A 1 37 ? -16.849 -0.492  0.697   1.00 69.66 ? 872 GLU A O   1 
ATOM   275  C  CB  . GLU A 1 37 ? -16.984 1.458   3.118   1.00 69.64 ? 872 GLU A CB  1 
ATOM   276  C  CG  . GLU A 1 37 ? -17.170 2.026   4.521   1.00 73.15 ? 872 GLU A CG  1 
ATOM   277  C  CD  . GLU A 1 37 ? -16.851 3.519   4.651   1.00 77.72 ? 872 GLU A CD  1 
ATOM   278  O  OE1 . GLU A 1 37 ? -16.017 4.063   3.884   1.00 78.31 ? 872 GLU A OE1 1 
ATOM   279  O  OE2 . GLU A 1 37 ? -17.433 4.155   5.561   1.00 80.25 ? 872 GLU A OE2 1 
ATOM   280  N  N   . LEU A 1 38 ? -15.546 -1.480  2.233   1.00 68.79 ? 873 LEU A N   1 
ATOM   281  C  CA  . LEU A 1 38 ? -14.725 -2.157  1.243   1.00 67.81 ? 873 LEU A CA  1 
ATOM   282  C  C   . LEU A 1 38 ? -15.390 -3.431  0.787   1.00 67.92 ? 873 LEU A C   1 
ATOM   283  O  O   . LEU A 1 38 ? -15.383 -3.741  -0.403  1.00 66.91 ? 873 LEU A O   1 
ATOM   284  C  CB  . LEU A 1 38 ? -13.358 -2.454  1.817   1.00 67.47 ? 873 LEU A CB  1 
ATOM   285  C  CG  . LEU A 1 38 ? -12.263 -1.424  1.521   1.00 66.47 ? 873 LEU A CG  1 
ATOM   286  C  CD1 . LEU A 1 38 ? -10.916 -1.890  2.061   1.00 66.25 ? 873 LEU A CD1 1 
ATOM   287  C  CD2 . LEU A 1 38 ? -12.153 -1.095  0.052   1.00 65.48 ? 873 LEU A CD2 1 
ATOM   288  N  N   . THR A 1 39 ? -15.968 -4.152  1.748   1.00 68.77 ? 874 THR A N   1 
ATOM   289  C  CA  . THR A 1 39 ? -16.808 -5.329  1.486   1.00 70.16 ? 874 THR A CA  1 
ATOM   290  C  C   . THR A 1 39 ? -17.884 -5.027  0.474   1.00 70.69 ? 874 THR A C   1 
ATOM   291  O  O   . THR A 1 39 ? -17.955 -5.664  -0.571  1.00 70.93 ? 874 THR A O   1 
ATOM   292  C  CB  . THR A 1 39 ? -17.525 -5.812  2.746   1.00 70.29 ? 874 THR A CB  1 
ATOM   293  O  OG1 . THR A 1 39 ? -16.578 -6.014  3.807   1.00 71.80 ? 874 THR A OG1 1 
ATOM   294  C  CG2 . THR A 1 39 ? -18.137 -7.194  2.487   1.00 70.08 ? 874 THR A CG2 1 
ATOM   295  N  N   . SER A 1 40 ? -18.734 -4.061  0.804   1.00 71.24 ? 875 SER A N   1 
ATOM   296  C  CA  . SER A 1 40 ? -19.777 -3.637  -0.115  1.00 71.69 ? 875 SER A CA  1 
ATOM   297  C  C   . SER A 1 40 ? -19.221 -3.298  -1.520  1.00 70.90 ? 875 SER A C   1 
ATOM   298  O  O   . SER A 1 40 ? -19.734 -3.813  -2.496  1.00 70.87 ? 875 SER A O   1 
ATOM   299  C  CB  . SER A 1 40 ? -20.650 -2.528  0.517   1.00 72.41 ? 875 SER A CB  1 
ATOM   300  O  OG  . SER A 1 40 ? -20.478 -1.254  -0.099  1.00 74.03 ? 875 SER A OG  1 
ATOM   301  N  N   . ILE A 1 41 ? -18.154 -2.499  -1.609  1.00 70.48 ? 876 ILE A N   1 
ATOM   302  C  CA  . ILE A 1 41 ? -17.505 -2.166  -2.899  1.00 70.07 ? 876 ILE A CA  1 
ATOM   303  C  C   . ILE A 1 41 ? -16.887 -3.373  -3.645  1.00 70.42 ? 876 ILE A C   1 
ATOM   304  O  O   . ILE A 1 41 ? -16.697 -3.345  -4.864  1.00 70.28 ? 876 ILE A O   1 
ATOM   305  C  CB  . ILE A 1 41 ? -16.441 -1.059  -2.692  1.00 69.67 ? 876 ILE A CB  1 
ATOM   306  C  CG1 . ILE A 1 41 ? -17.119 0.232   -2.233  1.00 69.37 ? 876 ILE A CG1 1 
ATOM   307  C  CG2 . ILE A 1 41 ? -15.588 -0.848  -3.964  1.00 69.27 ? 876 ILE A CG2 1 
ATOM   308  C  CD1 . ILE A 1 41 ? -16.308 1.500   -2.446  1.00 69.00 ? 876 ILE A CD1 1 
ATOM   309  N  N   . LEU A 1 42 ? -16.553 -4.421  -2.909  1.00 70.78 ? 877 LEU A N   1 
ATOM   310  C  CA  . LEU A 1 42 ? -15.973 -5.609  -3.518  1.00 71.08 ? 877 LEU A CA  1 
ATOM   311  C  C   . LEU A 1 42 ? -16.953 -6.808  -3.477  1.00 71.27 ? 877 LEU A C   1 
ATOM   312  O  O   . LEU A 1 42 ? -16.736 -7.841  -4.140  1.00 71.72 ? 877 LEU A O   1 
ATOM   313  C  CB  . LEU A 1 42 ? -14.665 -5.985  -2.807  1.00 71.11 ? 877 LEU A CB  1 
ATOM   314  C  CG  . LEU A 1 42 ? -13.416 -5.112  -2.771  1.00 70.87 ? 877 LEU A CG  1 
ATOM   315  C  CD1 . LEU A 1 42 ? -12.682 -5.434  -1.493  1.00 72.41 ? 877 LEU A CD1 1 
ATOM   316  C  CD2 . LEU A 1 42 ? -12.525 -5.439  -3.912  1.00 70.30 ? 877 LEU A CD2 1 
ATOM   317  N  N   . GLY A 1 43 ? -18.013 -6.696  -2.681  1.00 70.79 ? 878 GLY A N   1 
ATOM   318  C  CA  . GLY A 1 43 ? -18.951 -7.794  -2.531  1.00 70.14 ? 878 GLY A CA  1 
ATOM   319  C  C   . GLY A 1 43 ? -18.339 -9.053  -1.946  1.00 69.50 ? 878 GLY A C   1 
ATOM   320  O  O   . GLY A 1 43 ? -19.033 -10.050 -1.787  1.00 70.09 ? 878 GLY A O   1 
ATOM   321  N  N   . ASN A 1 44 ? -17.047 -9.023  -1.640  1.00 68.62 ? 879 ASN A N   1 
ATOM   322  C  CA  . ASN A 1 44 ? -16.394 -10.135 -0.953  1.00 67.68 ? 879 ASN A CA  1 
ATOM   323  C  C   . ASN A 1 44 ? -15.786 -9.740  0.404   1.00 67.01 ? 879 ASN A C   1 
ATOM   324  O  O   . ASN A 1 44 ? -14.780 -9.024  0.476   1.00 66.76 ? 879 ASN A O   1 
ATOM   325  C  CB  . ASN A 1 44 ? -15.344 -10.779 -1.844  1.00 67.50 ? 879 ASN A CB  1 
ATOM   326  C  CG  . ASN A 1 44 ? -14.870 -12.103 -1.303  1.00 67.62 ? 879 ASN A CG  1 
ATOM   327  O  OD1 . ASN A 1 44 ? -14.610 -12.265 -0.090  1.00 66.25 ? 879 ASN A OD1 1 
ATOM   328  N  ND2 . ASN A 1 44 ? -14.746 -13.072 -2.200  1.00 67.99 ? 879 ASN A ND2 1 
ATOM   329  N  N   . ALA A 1 45 ? -16.407 -10.244 1.467   1.00 66.41 ? 880 ALA A N   1 
ATOM   330  C  CA  . ALA A 1 45 ? -16.107 -9.850  2.845   1.00 65.55 ? 880 ALA A CA  1 
ATOM   331  C  C   . ALA A 1 45 ? -14.690 -10.219 3.249   1.00 64.90 ? 880 ALA A C   1 
ATOM   332  O  O   . ALA A 1 45 ? -14.041 -9.506  4.031   1.00 65.20 ? 880 ALA A O   1 
ATOM   333  C  CB  . ALA A 1 45 ? -17.122 -10.461 3.814   1.00 65.64 ? 880 ALA A CB  1 
ATOM   334  N  N   . ALA A 1 46 ? -14.209 -11.332 2.710   1.00 63.67 ? 881 ALA A N   1 
ATOM   335  C  CA  . ALA A 1 46 ? -12.874 -11.788 3.030   1.00 62.04 ? 881 ALA A CA  1 
ATOM   336  C  C   . ALA A 1 46 ? -11.810 -11.139 2.108   1.00 60.61 ? 881 ALA A C   1 
ATOM   337  O  O   . ALA A 1 46 ? -10.670 -10.906 2.545   1.00 60.18 ? 881 ALA A O   1 
ATOM   338  C  CB  . ALA A 1 46 ? -12.808 -13.312 3.007   1.00 62.20 ? 881 ALA A CB  1 
ATOM   339  N  N   . ASN A 1 47 ? -12.174 -10.851 0.857   1.00 58.30 ? 882 ASN A N   1 
ATOM   340  C  CA  . ASN A 1 47 ? -11.314 -10.039 0.016   1.00 56.68 ? 882 ASN A CA  1 
ATOM   341  C  C   . ASN A 1 47 ? -11.083 -8.700  0.682   1.00 55.81 ? 882 ASN A C   1 
ATOM   342  O  O   . ASN A 1 47 ? -9.973  -8.162  0.659   1.00 55.95 ? 882 ASN A O   1 
ATOM   343  C  CB  . ASN A 1 47 ? -11.965 -9.777  -1.308  1.00 56.66 ? 882 ASN A CB  1 
ATOM   344  C  CG  . ASN A 1 47 ? -11.661 -10.827 -2.305  1.00 58.45 ? 882 ASN A CG  1 
ATOM   345  O  OD1 . ASN A 1 47 ? -11.060 -11.836 -1.982  1.00 60.08 ? 882 ASN A OD1 1 
ATOM   346  N  ND2 . ASN A 1 47 ? -12.064 -10.601 -3.554  1.00 61.97 ? 882 ASN A ND2 1 
ATOM   347  N  N   . ALA A 1 48 ? -12.144 -8.174  1.288   1.00 54.38 ? 883 ALA A N   1 
ATOM   348  C  CA  . ALA A 1 48 ? -12.096 -6.904  1.975   1.00 52.62 ? 883 ALA A CA  1 
ATOM   349  C  C   . ALA A 1 48 ? -11.188 -6.999  3.200   1.00 51.31 ? 883 ALA A C   1 
ATOM   350  O  O   . ALA A 1 48 ? -10.451 -6.073  3.502   1.00 51.35 ? 883 ALA A O   1 
ATOM   351  C  CB  . ALA A 1 48 ? -13.466 -6.494  2.359   1.00 52.78 ? 883 ALA A CB  1 
ATOM   352  N  N   . LYS A 1 49 ? -11.226 -8.125  3.887   1.00 49.73 ? 884 LYS A N   1 
ATOM   353  C  CA  . LYS A 1 49 ? -10.319 -8.361  4.991   1.00 48.52 ? 884 LYS A CA  1 
ATOM   354  C  C   . LYS A 1 49 ? -8.880  -8.276  4.507   1.00 47.36 ? 884 LYS A C   1 
ATOM   355  O  O   . LYS A 1 49 ? -8.059  -7.618  5.097   1.00 47.29 ? 884 LYS A O   1 
ATOM   356  C  CB  . LYS A 1 49 ? -10.577 -9.743  5.595   1.00 48.65 ? 884 LYS A CB  1 
ATOM   357  C  CG  . LYS A 1 49 ? -10.533 -9.788  7.124   1.00 48.37 ? 884 LYS A CG  1 
ATOM   358  C  CD  . LYS A 1 49 ? -9.769  -11.017 7.585   1.00 50.88 ? 884 LYS A CD  1 
ATOM   359  C  CE  . LYS A 1 49 ? -9.089  -10.772 8.918   1.00 54.59 ? 884 LYS A CE  1 
ATOM   360  N  NZ  . LYS A 1 49 ? -10.069 -10.521 10.057  1.00 60.62 ? 884 LYS A NZ  1 
ATOM   361  N  N   . GLN A 1 50 ? -8.595  -8.910  3.392   1.00 46.24 ? 885 GLN A N   1 
ATOM   362  C  CA  . GLN A 1 50 ? -7.239  -8.996  2.928   1.00 45.72 ? 885 GLN A CA  1 
ATOM   363  C  C   . GLN A 1 50 ? -6.663  -7.633  2.572   1.00 44.97 ? 885 GLN A C   1 
ATOM   364  O  O   . GLN A 1 50 ? -5.489  -7.340  2.842   1.00 45.06 ? 885 GLN A O   1 
ATOM   365  C  CB  . GLN A 1 50 ? -7.133  -9.994  1.779   1.00 44.75 ? 885 GLN A CB  1 
ATOM   366  C  CG  . GLN A 1 50 ? -7.169  -11.442 2.307   1.00 48.89 ? 885 GLN A CG  1 
ATOM   367  C  CD  . GLN A 1 50 ? -6.053  -11.817 3.413   1.00 53.17 ? 885 GLN A CD  1 
ATOM   368  O  OE1 . GLN A 1 50 ? -6.382  -12.180 4.583   1.00 50.42 ? 885 GLN A OE1 1 
ATOM   369  N  NE2 . GLN A 1 50 ? -4.756  -11.774 2.996   1.00 54.58 ? 885 GLN A NE2 1 
ATOM   370  N  N   . LEU A 1 51 ? -7.491  -6.796  1.969   1.00 43.85 ? 886 LEU A N   1 
ATOM   371  C  CA  . LEU A 1 51 ? -6.956  -5.589  1.406   1.00 42.52 ? 886 LEU A CA  1 
ATOM   372  C  C   . LEU A 1 51 ? -6.923  -4.564  2.509   1.00 41.69 ? 886 LEU A C   1 
ATOM   373  O  O   . LEU A 1 51 ? -6.002  -3.750  2.586   1.00 41.37 ? 886 LEU A O   1 
ATOM   374  C  CB  . LEU A 1 51 ? -7.746  -5.141  0.184   1.00 42.32 ? 886 LEU A CB  1 
ATOM   375  C  CG  . LEU A 1 51 ? -7.566  -3.677  -0.239  1.00 42.18 ? 886 LEU A CG  1 
ATOM   376  C  CD1 . LEU A 1 51 ? -6.404  -3.475  -1.145  1.00 41.09 ? 886 LEU A CD1 1 
ATOM   377  C  CD2 . LEU A 1 51 ? -8.830  -3.243  -0.946  1.00 42.40 ? 886 LEU A CD2 1 
ATOM   378  N  N   . TYR A 1 52 ? -7.908  -4.640  3.383   1.00 40.57 ? 887 TYR A N   1 
ATOM   379  C  CA  . TYR A 1 52 ? -7.981  -3.710  4.483   1.00 40.55 ? 887 TYR A CA  1 
ATOM   380  C  C   . TYR A 1 52 ? -6.823  -3.900  5.449   1.00 41.14 ? 887 TYR A C   1 
ATOM   381  O  O   . TYR A 1 52 ? -6.252  -2.922  5.933   1.00 40.50 ? 887 TYR A O   1 
ATOM   382  C  CB  . TYR A 1 52 ? -9.295  -3.852  5.218   1.00 40.04 ? 887 TYR A CB  1 
ATOM   383  C  CG  . TYR A 1 52 ? -9.442  -2.884  6.346   1.00 39.70 ? 887 TYR A CG  1 
ATOM   384  C  CD1 . TYR A 1 52 ? -9.978  -1.619  6.131   1.00 40.21 ? 887 TYR A CD1 1 
ATOM   385  C  CD2 . TYR A 1 52 ? -9.030  -3.221  7.634   1.00 41.24 ? 887 TYR A CD2 1 
ATOM   386  C  CE1 . TYR A 1 52 ? -10.104 -0.711  7.169   1.00 40.90 ? 887 TYR A CE1 1 
ATOM   387  C  CE2 . TYR A 1 52 ? -9.167  -2.316  8.705   1.00 41.45 ? 887 TYR A CE2 1 
ATOM   388  C  CZ  . TYR A 1 52 ? -9.706  -1.072  8.446   1.00 42.58 ? 887 TYR A CZ  1 
ATOM   389  O  OH  . TYR A 1 52 ? -9.819  -0.172  9.455   1.00 47.09 ? 887 TYR A OH  1 
ATOM   390  N  N   . ASP A 1 53 ? -6.507  -5.169  5.719   1.00 41.99 ? 888 ASP A N   1 
ATOM   391  C  CA  . ASP A 1 53 ? -5.383  -5.570  6.569   1.00 42.63 ? 888 ASP A CA  1 
ATOM   392  C  C   . ASP A 1 53 ? -4.026  -5.212  5.963   1.00 42.31 ? 888 ASP A C   1 
ATOM   393  O  O   . ASP A 1 53 ? -3.117  -4.732  6.651   1.00 42.41 ? 888 ASP A O   1 
ATOM   394  C  CB  . ASP A 1 53 ? -5.454  -7.063  6.867   1.00 43.07 ? 888 ASP A CB  1 
ATOM   395  C  CG  . ASP A 1 53 ? -6.673  -7.428  7.734   1.00 47.45 ? 888 ASP A CG  1 
ATOM   396  O  OD1 . ASP A 1 53 ? -7.114  -6.595  8.565   1.00 51.83 ? 888 ASP A OD1 1 
ATOM   397  O  OD2 . ASP A 1 53 ? -7.285  -8.520  7.650   1.00 52.56 ? 888 ASP A OD2 1 
ATOM   398  N  N   . PHE A 1 54 ? -3.882  -5.429  4.668   1.00 41.70 ? 889 PHE A N   1 
ATOM   399  C  CA  . PHE A 1 54 ? -2.671  -5.033  4.015   1.00 41.06 ? 889 PHE A CA  1 
ATOM   400  C  C   . PHE A 1 54 ? -2.414  -3.557  4.352   1.00 41.56 ? 889 PHE A C   1 
ATOM   401  O  O   . PHE A 1 54 ? -1.287  -3.148  4.605   1.00 42.91 ? 889 PHE A O   1 
ATOM   402  C  CB  . PHE A 1 54 ? -2.874  -5.205  2.527   1.00 40.46 ? 889 PHE A CB  1 
ATOM   403  C  CG  . PHE A 1 54 ? -1.651  -4.943  1.691   1.00 38.65 ? 889 PHE A CG  1 
ATOM   404  C  CD1 . PHE A 1 54 ? -0.487  -5.691  1.863   1.00 37.42 ? 889 PHE A CD1 1 
ATOM   405  C  CD2 . PHE A 1 54 ? -1.698  -3.997  0.671   1.00 37.52 ? 889 PHE A CD2 1 
ATOM   406  C  CE1 . PHE A 1 54 ? 0.637   -5.477  1.039   1.00 37.02 ? 889 PHE A CE1 1 
ATOM   407  C  CE2 . PHE A 1 54 ? -0.592  -3.778  -0.172  1.00 36.64 ? 889 PHE A CE2 1 
ATOM   408  C  CZ  . PHE A 1 54 ? 0.584   -4.521  0.020   1.00 36.58 ? 889 PHE A CZ  1 
ATOM   409  N  N   . ILE A 1 55 ? -3.464  -2.761  4.351   1.00 41.26 ? 890 ILE A N   1 
ATOM   410  C  CA  . ILE A 1 55 ? -3.306  -1.331  4.363   1.00 40.96 ? 890 ILE A CA  1 
ATOM   411  C  C   . ILE A 1 55 ? -3.129  -0.839  5.793   1.00 41.26 ? 890 ILE A C   1 
ATOM   412  O  O   . ILE A 1 55 ? -2.362  0.069   6.051   1.00 41.48 ? 890 ILE A O   1 
ATOM   413  C  CB  . ILE A 1 55 ? -4.549  -0.690  3.696   1.00 41.06 ? 890 ILE A CB  1 
ATOM   414  C  CG1 . ILE A 1 55 ? -4.507  -0.890  2.189   1.00 39.42 ? 890 ILE A CG1 1 
ATOM   415  C  CG2 . ILE A 1 55 ? -4.695  0.797   4.029   1.00 39.45 ? 890 ILE A CG2 1 
ATOM   416  C  CD1 . ILE A 1 55 ? -5.799  -0.367  1.567   1.00 38.05 ? 890 ILE A CD1 1 
ATOM   417  N  N   . HIS A 1 56 ? -3.819  -1.454  6.732   1.00 41.55 ? 891 HIS A N   1 
ATOM   418  C  CA  . HIS A 1 56 ? -3.800  -0.951  8.090   1.00 42.15 ? 891 HIS A CA  1 
ATOM   419  C  C   . HIS A 1 56 ? -2.848  -1.629  9.031   1.00 42.15 ? 891 HIS A C   1 
ATOM   420  O  O   . HIS A 1 56 ? -2.787  -1.221  10.178  1.00 43.08 ? 891 HIS A O   1 
ATOM   421  C  CB  . HIS A 1 56 ? -5.202  -0.940  8.676   1.00 42.47 ? 891 HIS A CB  1 
ATOM   422  C  CG  . HIS A 1 56 ? -6.074  0.105   8.059   1.00 46.39 ? 891 HIS A CG  1 
ATOM   423  N  ND1 . HIS A 1 56 ? -6.655  -0.052  6.810   1.00 48.51 ? 891 HIS A ND1 1 
ATOM   424  C  CD2 . HIS A 1 56 ? -6.406  1.349   8.479   1.00 47.33 ? 891 HIS A CD2 1 
ATOM   425  C  CE1 . HIS A 1 56 ? -7.325  1.044   6.496   1.00 49.49 ? 891 HIS A CE1 1 
ATOM   426  N  NE2 . HIS A 1 56 ? -7.183  1.909   7.488   1.00 51.86 ? 891 HIS A NE2 1 
ATOM   427  N  N   . THR A 1 57 ? -2.091  -2.627  8.567   1.00 42.34 ? 892 THR A N   1 
ATOM   428  C  CA  . THR A 1 57 ? -1.109  -3.339  9.405   1.00 42.78 ? 892 THR A CA  1 
ATOM   429  C  C   . THR A 1 57 ? 0.097   -2.448  9.669   1.00 43.53 ? 892 THR A C   1 
ATOM   430  O  O   . THR A 1 57 ? 0.633   -1.841  8.725   1.00 43.59 ? 892 THR A O   1 
ATOM   431  C  CB  . THR A 1 57 ? -0.707  -4.681  8.718   1.00 42.79 ? 892 THR A CB  1 
ATOM   432  O  OG1 . THR A 1 57 ? -1.830  -5.599  8.761   1.00 43.08 ? 892 THR A OG1 1 
ATOM   433  C  CG2 . THR A 1 57 ? 0.440   -5.391  9.454   1.00 41.01 ? 892 THR A CG2 1 
ATOM   434  N  N   . SER A 1 58 ? 0.504   -2.340  10.936  1.00 44.07 ? 893 SER A N   1 
ATOM   435  C  CA  . SER A 1 58 ? 1.608   -1.439  11.290  1.00 45.20 ? 893 SER A CA  1 
ATOM   436  C  C   . SER A 1 58 ? 2.818   -2.059  12.036  1.00 46.02 ? 893 SER A C   1 
ATOM   437  O  O   . SER A 1 58 ? 2.623   -2.794  12.999  1.00 46.91 ? 893 SER A O   1 
ATOM   438  C  CB  . SER A 1 58 ? 1.073   -0.278  12.123  1.00 44.63 ? 893 SER A CB  1 
ATOM   439  O  OG  . SER A 1 58 ? 2.056   0.733   12.242  1.00 45.36 ? 893 SER A OG  1 
ATOM   440  N  N   . PHE A 1 59 ? 4.048   -1.728  11.638  1.00 46.81 ? 894 PHE A N   1 
ATOM   441  C  CA  . PHE A 1 59 ? 5.229   -1.878  12.520  1.00 48.44 ? 894 PHE A CA  1 
ATOM   442  C  C   . PHE A 1 59 ? 5.420   -0.597  13.316  1.00 50.80 ? 894 PHE A C   1 
ATOM   443  O  O   . PHE A 1 59 ? 5.126   0.502   12.829  1.00 52.81 ? 894 PHE A O   1 
ATOM   444  C  CB  . PHE A 1 59 ? 6.432   -2.243  11.690  1.00 47.08 ? 894 PHE A CB  1 
ATOM   445  C  CG  . PHE A 1 59 ? 6.107   -3.279  10.640  1.00 47.22 ? 894 PHE A CG  1 
ATOM   446  C  CD1 . PHE A 1 59 ? 5.189   -3.007  9.634   1.00 48.55 ? 894 PHE A CD1 1 
ATOM   447  C  CD2 . PHE A 1 59 ? 6.646   -4.564  10.697  1.00 45.80 ? 894 PHE A CD2 1 
ATOM   448  C  CE1 . PHE A 1 59 ? 4.842   -4.009  8.672   1.00 48.77 ? 894 PHE A CE1 1 
ATOM   449  C  CE2 . PHE A 1 59 ? 6.298   -5.542  9.753   1.00 43.79 ? 894 PHE A CE2 1 
ATOM   450  C  CZ  . PHE A 1 59 ? 5.417   -5.272  8.749   1.00 45.74 ? 894 PHE A CZ  1 
ATOM   451  N  N   . ALA A 1 60 ? 5.829   -0.690  14.561  1.00 52.99 ? 895 ALA A N   1 
ATOM   452  C  CA  . ALA A 1 60 ? 5.791   0.496   15.426  1.00 55.54 ? 895 ALA A CA  1 
ATOM   453  C  C   . ALA A 1 60 ? 5.964   -0.094  16.795  1.00 58.23 ? 895 ALA A C   1 
ATOM   454  O  O   . ALA A 1 60 ? 5.517   0.454   17.806  1.00 58.67 ? 895 ALA A O   1 
ATOM   455  C  CB  . ALA A 1 60 ? 4.451   1.217   15.319  1.00 54.48 ? 895 ALA A CB  1 
ATOM   456  N  N   . GLU A 1 61 ? 6.636   -1.243  16.796  1.00 60.89 ? 896 GLU A N   1 
ATOM   457  C  CA  . GLU A 1 61 ? 6.893   -2.001  17.981  1.00 63.26 ? 896 GLU A CA  1 
ATOM   458  C  C   . GLU A 1 61 ? 8.344   -1.888  18.421  1.00 65.41 ? 896 GLU A C   1 
ATOM   459  O  O   . GLU A 1 61 ? 8.752   -0.808  18.915  1.00 66.61 ? 896 GLU A O   1 
ATOM   460  C  CB  . GLU A 1 61 ? 6.660   -3.438  17.648  1.00 63.98 ? 896 GLU A CB  1 
ATOM   461  C  CG  . GLU A 1 61 ? 7.838   -4.127  16.987  1.00 64.25 ? 896 GLU A CG  1 
ATOM   462  C  CD  . GLU A 1 61 ? 7.400   -4.663  15.676  1.00 66.02 ? 896 GLU A CD  1 
ATOM   463  O  OE1 . GLU A 1 61 ? 6.310   -4.174  15.266  1.00 65.68 ? 896 GLU A OE1 1 
ATOM   464  O  OE2 . GLU A 1 61 ? 8.095   -5.561  15.104  1.00 65.64 ? 896 GLU A OE2 1 
ATOM   465  N  N   . VAL A 1 62 ? 9.106   -3.003  18.249  1.00 66.18 ? 897 VAL A N   1 
ATOM   466  C  CA  . VAL A 1 62 ? 10.508  -3.153  18.682  1.00 66.67 ? 897 VAL A CA  1 
ATOM   467  C  C   . VAL A 1 62 ? 10.812  -2.601  20.109  1.00 67.83 ? 897 VAL A C   1 
ATOM   468  O  O   . VAL A 1 62 ? 11.974  -2.542  20.519  1.00 68.02 ? 897 VAL A O   1 
ATOM   469  C  CB  . VAL A 1 62 ? 11.544  -2.622  17.620  1.00 66.37 ? 897 VAL A CB  1 
ATOM   470  C  CG1 . VAL A 1 62 ? 11.726  -3.609  16.477  1.00 64.89 ? 897 VAL A CG1 1 
ATOM   471  C  CG2 . VAL A 1 62 ? 11.183  -1.199  17.101  1.00 66.50 ? 897 VAL A CG2 1 
ATOM   472  N  N   . VAL A 1 63 ? 9.753   -2.270  20.869  1.00 69.32 ? 898 VAL A N   1 
ATOM   473  C  CA  . VAL A 1 63 ? 9.811   -1.678  22.232  1.00 70.54 ? 898 VAL A CA  1 
ATOM   474  C  C   . VAL A 1 63 ? 10.945  -0.626  22.416  1.00 71.49 ? 898 VAL A C   1 
ATOM   475  O  O   . VAL A 1 63 ? 10.862  0.514   21.913  1.00 72.17 ? 898 VAL A O   1 
ATOM   476  C  CB  . VAL A 1 63 ? 9.786   -2.752  23.450  1.00 70.63 ? 898 VAL A CB  1 
ATOM   477  C  CG1 . VAL A 1 63 ? 8.390   -2.770  24.203  1.00 70.55 ? 898 VAL A CG1 1 
ATOM   478  C  CG2 . VAL A 1 63 ? 10.291  -4.198  23.042  1.00 69.93 ? 898 VAL A CG2 1 
ATOM   479  N  N   . ASP B 2 13 ? 15.301  -19.872 17.652  1.00 76.41 ? 218 ASP B N   1 
ATOM   480  C  CA  . ASP B 2 13 ? 14.418  -19.402 18.771  1.00 76.92 ? 218 ASP B CA  1 
ATOM   481  C  C   . ASP B 2 13 ? 13.012  -20.055 18.586  1.00 75.95 ? 218 ASP B C   1 
ATOM   482  O  O   . ASP B 2 13 ? 12.824  -20.812 17.624  1.00 76.40 ? 218 ASP B O   1 
ATOM   483  C  CB  . ASP B 2 13 ? 14.416  -17.838 18.929  1.00 77.69 ? 218 ASP B CB  1 
ATOM   484  C  CG  . ASP B 2 13 ? 15.588  -17.100 18.121  1.00 81.24 ? 218 ASP B CG  1 
ATOM   485  O  OD1 . ASP B 2 13 ? 16.700  -17.701 17.941  1.00 82.27 ? 218 ASP B OD1 1 
ATOM   486  O  OD2 . ASP B 2 13 ? 15.470  -15.911 17.641  1.00 82.02 ? 218 ASP B OD2 1 
ATOM   487  N  N   . PRO B 2 14 ? 12.043  -19.821 19.479  1.00 74.79 ? 219 PRO B N   1 
ATOM   488  C  CA  . PRO B 2 14 ? 10.852  -20.704 19.537  1.00 73.79 ? 219 PRO B CA  1 
ATOM   489  C  C   . PRO B 2 14 ? 9.948   -20.831 18.239  1.00 71.83 ? 219 PRO B C   1 
ATOM   490  O  O   . PRO B 2 14 ? 10.011  -21.860 17.524  1.00 70.58 ? 219 PRO B O   1 
ATOM   491  C  CB  . PRO B 2 14 ? 10.087  -20.183 20.795  1.00 74.37 ? 219 PRO B CB  1 
ATOM   492  C  CG  . PRO B 2 14 ? 10.571  -18.730 20.993  1.00 74.44 ? 219 PRO B CG  1 
ATOM   493  C  CD  . PRO B 2 14 ? 11.997  -18.762 20.510  1.00 74.87 ? 219 PRO B CD  1 
ATOM   494  N  N   . ALA B 2 15 ? 9.049   -19.844 18.069  1.00 69.26 ? 220 ALA B N   1 
ATOM   495  C  CA  . ALA B 2 15 ? 8.510   -19.397 16.792  1.00 65.94 ? 220 ALA B CA  1 
ATOM   496  C  C   . ALA B 2 15 ? 8.361   -17.832 16.838  1.00 64.18 ? 220 ALA B C   1 
ATOM   497  O  O   . ALA B 2 15 ? 7.364   -17.211 16.474  1.00 63.31 ? 220 ALA B O   1 
ATOM   498  C  CB  . ALA B 2 15 ? 7.297   -20.073 16.469  1.00 65.35 ? 220 ALA B CB  1 
ATOM   499  N  N   . ASP B 2 16 ? 9.429   -17.222 17.328  1.00 61.46 ? 221 ASP B N   1 
ATOM   500  C  CA  . ASP B 2 16 ? 9.888   -15.965 16.818  1.00 58.25 ? 221 ASP B CA  1 
ATOM   501  C  C   . ASP B 2 16 ? 10.198  -16.202 15.344  1.00 55.80 ? 221 ASP B C   1 
ATOM   502  O  O   . ASP B 2 16 ? 10.154  -15.253 14.532  1.00 56.30 ? 221 ASP B O   1 
ATOM   503  C  CB  . ASP B 2 16 ? 11.235  -15.610 17.465  1.00 58.89 ? 221 ASP B CB  1 
ATOM   504  C  CG  . ASP B 2 16 ? 11.133  -15.296 18.944  1.00 60.99 ? 221 ASP B CG  1 
ATOM   505  O  OD1 . ASP B 2 16 ? 12.134  -15.576 19.654  1.00 64.13 ? 221 ASP B OD1 1 
ATOM   506  O  OD2 . ASP B 2 16 ? 10.127  -14.765 19.484  1.00 62.60 ? 221 ASP B OD2 1 
ATOM   507  N  N   . LEU B 2 17 ? 10.563  -17.442 14.999  1.00 51.58 ? 222 LEU B N   1 
ATOM   508  C  CA  . LEU B 2 17 ? 10.915  -17.764 13.637  1.00 48.20 ? 222 LEU B CA  1 
ATOM   509  C  C   . LEU B 2 17 ? 9.747   -17.582 12.677  1.00 45.33 ? 222 LEU B C   1 
ATOM   510  O  O   . LEU B 2 17 ? 9.926   -17.131 11.544  1.00 44.61 ? 222 LEU B O   1 
ATOM   511  C  CB  . LEU B 2 17 ? 11.440  -19.172 13.561  1.00 48.86 ? 222 LEU B CB  1 
ATOM   512  C  CG  . LEU B 2 17 ? 12.977  -19.290 13.571  1.00 51.90 ? 222 LEU B CG  1 
ATOM   513  C  CD1 . LEU B 2 17 ? 13.706  -18.287 14.538  1.00 51.74 ? 222 LEU B CD1 1 
ATOM   514  C  CD2 . LEU B 2 17 ? 13.422  -20.774 13.863  1.00 52.76 ? 222 LEU B CD2 1 
ATOM   515  N  N   . LEU B 2 18 ? 8.559   -17.936 13.154  1.00 42.02 ? 223 LEU B N   1 
ATOM   516  C  CA  . LEU B 2 18 ? 7.318   -17.767 12.448  1.00 38.78 ? 223 LEU B CA  1 
ATOM   517  C  C   . LEU B 2 18 ? 6.985   -16.283 12.336  1.00 38.76 ? 223 LEU B C   1 
ATOM   518  O  O   . LEU B 2 18 ? 6.539   -15.828 11.263  1.00 38.89 ? 223 LEU B O   1 
ATOM   519  C  CB  . LEU B 2 18 ? 6.198   -18.508 13.150  1.00 36.75 ? 223 LEU B CB  1 
ATOM   520  C  CG  . LEU B 2 18 ? 4.843   -18.313 12.498  1.00 36.52 ? 223 LEU B CG  1 
ATOM   521  C  CD1 . LEU B 2 18 ? 4.792   -18.927 11.136  1.00 35.02 ? 223 LEU B CD1 1 
ATOM   522  C  CD2 . LEU B 2 18 ? 3.712   -18.818 13.358  1.00 37.04 ? 223 LEU B CD2 1 
ATOM   523  N  N   . MET B 2 19 ? 7.181   -15.521 13.411  1.00 38.05 ? 224 MET B N   1 
ATOM   524  C  CA  . MET B 2 19 ? 6.933   -14.091 13.334  1.00 38.28 ? 224 MET B CA  1 
ATOM   525  C  C   . MET B 2 19 ? 7.872   -13.480 12.279  1.00 37.88 ? 224 MET B C   1 
ATOM   526  O  O   . MET B 2 19 ? 7.463   -12.624 11.493  1.00 37.61 ? 224 MET B O   1 
ATOM   527  C  CB  . MET B 2 19 ? 7.005   -13.423 14.704  1.00 38.43 ? 224 MET B CB  1 
ATOM   528  C  CG  . MET B 2 19 ? 7.461   -12.003 14.745  1.00 42.96 ? 224 MET B CG  1 
ATOM   529  S  SD  . MET B 2 19 ? 6.215   -10.660 14.946  1.00 53.35 ? 224 MET B SD  1 
ATOM   530  C  CE  . MET B 2 19 ? 5.099   -11.041 13.562  1.00 49.89 ? 224 MET B CE  1 
ATOM   531  N  N   . GLU B 2 20 ? 9.109   -13.950 12.230  1.00 37.30 ? 225 GLU B N   1 
ATOM   532  C  CA  . GLU B 2 20 ? 10.022  -13.436 11.259  1.00 37.75 ? 225 GLU B CA  1 
ATOM   533  C  C   . GLU B 2 20 ? 9.553   -13.730 9.813   1.00 37.60 ? 225 GLU B C   1 
ATOM   534  O  O   . GLU B 2 20 ? 9.649   -12.855 8.928   1.00 37.87 ? 225 GLU B O   1 
ATOM   535  C  CB  . GLU B 2 20 ? 11.417  -13.972 11.528  1.00 37.72 ? 225 GLU B CB  1 
ATOM   536  C  CG  . GLU B 2 20 ? 12.169  -13.181 12.591  1.00 43.25 ? 225 GLU B CG  1 
ATOM   537  C  CD  . GLU B 2 20 ? 13.117  -14.027 13.484  1.00 49.70 ? 225 GLU B CD  1 
ATOM   538  O  OE1 . GLU B 2 20 ? 13.937  -14.832 12.954  1.00 50.59 ? 225 GLU B OE1 1 
ATOM   539  O  OE2 . GLU B 2 20 ? 13.027  -13.889 14.741  1.00 50.98 ? 225 GLU B OE2 1 
ATOM   540  N  N   . LYS B 2 21 ? 9.072   -14.949 9.581   1.00 37.11 ? 226 LYS B N   1 
ATOM   541  C  CA  . LYS B 2 21 ? 8.612   -15.418 8.283   1.00 37.05 ? 226 LYS B CA  1 
ATOM   542  C  C   . LYS B 2 21 ? 7.361   -14.608 7.858   1.00 36.11 ? 226 LYS B C   1 
ATOM   543  O  O   . LYS B 2 21 ? 7.277   -14.096 6.744   1.00 35.61 ? 226 LYS B O   1 
ATOM   544  C  CB  . LYS B 2 21 ? 8.278   -16.910 8.419   1.00 37.95 ? 226 LYS B CB  1 
ATOM   545  C  CG  . LYS B 2 21 ? 7.883   -17.726 7.109   1.00 45.28 ? 226 LYS B CG  1 
ATOM   546  C  CD  . LYS B 2 21 ? 9.139   -18.401 6.384   1.00 55.10 ? 226 LYS B CD  1 
ATOM   547  C  CE  . LYS B 2 21 ? 8.877   -19.076 4.986   1.00 57.46 ? 226 LYS B CE  1 
ATOM   548  N  NZ  . LYS B 2 21 ? 8.376   -20.525 5.043   1.00 58.35 ? 226 LYS B NZ  1 
ATOM   549  N  N   . LEU B 2 22 ? 6.398   -14.447 8.760   1.00 34.72 ? 227 LEU B N   1 
ATOM   550  C  CA  . LEU B 2 22 ? 5.183   -13.722 8.408   1.00 33.76 ? 227 LEU B CA  1 
ATOM   551  C  C   . LEU B 2 22 ? 5.491   -12.292 8.173   1.00 34.22 ? 227 LEU B C   1 
ATOM   552  O  O   . LEU B 2 22 ? 4.771   -11.633 7.459   1.00 35.69 ? 227 LEU B O   1 
ATOM   553  C  CB  . LEU B 2 22 ? 4.118   -13.797 9.511   1.00 32.69 ? 227 LEU B CB  1 
ATOM   554  C  CG  . LEU B 2 22 ? 3.496   -15.161 9.795   1.00 31.55 ? 227 LEU B CG  1 
ATOM   555  C  CD1 . LEU B 2 22 ? 2.567   -15.112 10.968  1.00 30.62 ? 227 LEU B CD1 1 
ATOM   556  C  CD2 . LEU B 2 22 ? 2.812   -15.725 8.563   1.00 27.72 ? 227 LEU B CD2 1 
ATOM   557  N  N   . GLU B 2 23 ? 6.530   -11.800 8.821   1.00 34.10 ? 228 GLU B N   1 
ATOM   558  C  CA  . GLU B 2 23 ? 6.940   -10.429 8.698   1.00 34.29 ? 228 GLU B CA  1 
ATOM   559  C  C   . GLU B 2 23 ? 7.584   -10.156 7.361   1.00 33.90 ? 228 GLU B C   1 
ATOM   560  O  O   . GLU B 2 23 ? 7.238   -9.185  6.716   1.00 33.02 ? 228 GLU B O   1 
ATOM   561  C  CB  . GLU B 2 23 ? 7.927   -10.119 9.783   1.00 34.75 ? 228 GLU B CB  1 
ATOM   562  C  CG  . GLU B 2 23 ? 7.352   -9.252  10.863  1.00 36.88 ? 228 GLU B CG  1 
ATOM   563  C  CD  . GLU B 2 23 ? 8.437   -8.723  11.775  1.00 40.42 ? 228 GLU B CD  1 
ATOM   564  O  OE1 . GLU B 2 23 ? 9.478   -8.253  11.290  1.00 44.14 ? 228 GLU B OE1 1 
ATOM   565  O  OE2 . GLU B 2 23 ? 8.256   -8.767  12.980  1.00 42.00 ? 228 GLU B OE2 1 
ATOM   566  N  N   . GLN B 2 24 ? 8.557   -10.985 6.988   1.00 34.02 ? 229 GLN B N   1 
ATOM   567  C  CA  . GLN B 2 24 ? 9.177   -10.930 5.682   1.00 34.97 ? 229 GLN B CA  1 
ATOM   568  C  C   . GLN B 2 24 ? 8.129   -11.070 4.617   1.00 34.59 ? 229 GLN B C   1 
ATOM   569  O  O   . GLN B 2 24 ? 8.227   -10.431 3.608   1.00 35.39 ? 229 GLN B O   1 
ATOM   570  C  CB  . GLN B 2 24 ? 10.185  -12.055 5.464   1.00 35.71 ? 229 GLN B CB  1 
ATOM   571  C  CG  . GLN B 2 24 ? 11.493  -11.669 4.733   1.00 42.33 ? 229 GLN B CG  1 
ATOM   572  C  CD  . GLN B 2 24 ? 11.288  -10.731 3.494   1.00 54.53 ? 229 GLN B CD  1 
ATOM   573  O  OE1 . GLN B 2 24 ? 10.757  -11.183 2.447   1.00 61.21 ? 229 GLN B OE1 1 
ATOM   574  N  NE2 . GLN B 2 24 ? 11.678  -9.429  3.618   1.00 54.02 ? 229 GLN B NE2 1 
ATOM   575  N  N   . ASP B 2 25 ? 7.116   -11.897 4.803   1.00 34.66 ? 230 ASP B N   1 
ATOM   576  C  CA  . ASP B 2 25 ? 6.194   -12.133 3.695   1.00 34.11 ? 230 ASP B CA  1 
ATOM   577  C  C   . ASP B 2 25 ? 5.361   -10.916 3.408   1.00 32.82 ? 230 ASP B C   1 
ATOM   578  O  O   . ASP B 2 25 ? 5.111   -10.577 2.243   1.00 32.32 ? 230 ASP B O   1 
ATOM   579  C  CB  . ASP B 2 25 ? 5.286   -13.323 3.960   1.00 34.88 ? 230 ASP B CB  1 
ATOM   580  C  CG  . ASP B 2 25 ? 6.026   -14.616 3.946   1.00 39.13 ? 230 ASP B CG  1 
ATOM   581  O  OD1 . ASP B 2 25 ? 7.071   -14.663 3.263   1.00 40.35 ? 230 ASP B OD1 1 
ATOM   582  O  OD2 . ASP B 2 25 ? 5.653   -15.639 4.623   1.00 48.32 ? 230 ASP B OD2 1 
ATOM   583  N  N   . PHE B 2 26 ? 4.926   -10.282 4.486   1.00 31.81 ? 231 PHE B N   1 
ATOM   584  C  CA  . PHE B 2 26 ? 4.118   -9.113  4.404   1.00 32.40 ? 231 PHE B CA  1 
ATOM   585  C  C   . PHE B 2 26 ? 4.922   -8.017  3.736   1.00 33.83 ? 231 PHE B C   1 
ATOM   586  O  O   . PHE B 2 26 ? 4.442   -7.354  2.834   1.00 35.57 ? 231 PHE B O   1 
ATOM   587  C  CB  . PHE B 2 26 ? 3.706   -8.665  5.790   1.00 31.63 ? 231 PHE B CB  1 
ATOM   588  C  CG  . PHE B 2 26 ? 2.878   -7.443  5.778   1.00 32.07 ? 231 PHE B CG  1 
ATOM   589  C  CD1 . PHE B 2 26 ? 1.497   -7.523  5.794   1.00 32.72 ? 231 PHE B CD1 1 
ATOM   590  C  CD2 . PHE B 2 26 ? 3.470   -6.193  5.696   1.00 34.03 ? 231 PHE B CD2 1 
ATOM   591  C  CE1 . PHE B 2 26 ? 0.681   -6.355  5.758   1.00 32.37 ? 231 PHE B CE1 1 
ATOM   592  C  CE2 . PHE B 2 26 ? 2.663   -5.031  5.620   1.00 33.98 ? 231 PHE B CE2 1 
ATOM   593  C  CZ  . PHE B 2 26 ? 1.254   -5.122  5.643   1.00 30.16 ? 231 PHE B CZ  1 
ATOM   594  N  N   . VAL B 2 27 ? 6.147   -7.831  4.185   1.00 34.65 ? 232 VAL B N   1 
ATOM   595  C  CA  . VAL B 2 27 ? 6.972   -6.737  3.758   1.00 36.12 ? 232 VAL B CA  1 
ATOM   596  C  C   . VAL B 2 27 ? 7.285   -6.942  2.292   1.00 36.28 ? 232 VAL B C   1 
ATOM   597  O  O   . VAL B 2 27 ? 7.330   -6.012  1.479   1.00 36.65 ? 232 VAL B O   1 
ATOM   598  C  CB  . VAL B 2 27 ? 8.279   -6.641  4.677   1.00 36.97 ? 232 VAL B CB  1 
ATOM   599  C  CG1 . VAL B 2 27 ? 9.378   -5.817  4.036   1.00 37.73 ? 232 VAL B CG1 1 
ATOM   600  C  CG2 . VAL B 2 27 ? 7.934   -6.048  6.074   1.00 36.39 ? 232 VAL B CG2 1 
ATOM   601  N  N   . SER B 2 28 ? 7.466   -8.176  1.917   1.00 36.98 ? 233 SER B N   1 
ATOM   602  C  CA  . SER B 2 28 ? 7.916   -8.389  0.561   1.00 38.90 ? 233 SER B CA  1 
ATOM   603  C  C   . SER B 2 28 ? 6.760   -8.169  -0.448  1.00 38.70 ? 233 SER B C   1 
ATOM   604  O  O   . SER B 2 28 ? 6.972   -7.859  -1.640  1.00 38.42 ? 233 SER B O   1 
ATOM   605  C  CB  . SER B 2 28 ? 8.621   -9.743  0.446   1.00 38.40 ? 233 SER B CB  1 
ATOM   606  O  OG  . SER B 2 28 ? 7.810   -10.571 -0.344  1.00 44.21 ? 233 SER B OG  1 
ATOM   607  N  N   . ARG B 2 29 ? 5.541   -8.281  0.074   1.00 39.02 ? 234 ARG B N   1 
ATOM   608  C  CA  . ARG B 2 29 ? 4.348   -7.914  -0.658  1.00 39.63 ? 234 ARG B CA  1 
ATOM   609  C  C   . ARG B 2 29 ? 4.186   -6.422  -0.816  1.00 39.40 ? 234 ARG B C   1 
ATOM   610  O  O   . ARG B 2 29 ? 3.747   -5.941  -1.860  1.00 40.11 ? 234 ARG B O   1 
ATOM   611  C  CB  . ARG B 2 29 ? 3.135   -8.479  0.034   1.00 39.88 ? 234 ARG B CB  1 
ATOM   612  C  CG  . ARG B 2 29 ? 2.417   -9.457  -0.874  1.00 45.35 ? 234 ARG B CG  1 
ATOM   613  C  CD  . ARG B 2 29 ? 1.114   -8.895  -1.406  1.00 54.48 ? 234 ARG B CD  1 
ATOM   614  N  NE  . ARG B 2 29 ? 0.567   -9.417  -2.675  1.00 57.08 ? 234 ARG B NE  1 
ATOM   615  C  CZ  . ARG B 2 29 ? -0.005  -10.611 -2.841  1.00 59.88 ? 234 ARG B CZ  1 
ATOM   616  N  NH1 . ARG B 2 29 ? -0.062  -11.516 -1.863  1.00 59.51 ? 234 ARG B NH1 1 
ATOM   617  N  NH2 . ARG B 2 29 ? -0.507  -10.920 -4.027  1.00 66.95 ? 234 ARG B NH2 1 
ATOM   618  N  N   . VAL B 2 30 ? 4.540   -5.675  0.221   1.00 39.30 ? 235 VAL B N   1 
ATOM   619  C  CA  . VAL B 2 30 ? 4.512   -4.214  0.128   1.00 38.59 ? 235 VAL B CA  1 
ATOM   620  C  C   . VAL B 2 30 ? 5.451   -3.745  -0.957  1.00 38.42 ? 235 VAL B C   1 
ATOM   621  O  O   . VAL B 2 30 ? 5.156   -2.833  -1.708  1.00 38.00 ? 235 VAL B O   1 
ATOM   622  C  CB  . VAL B 2 30 ? 4.867   -3.568  1.462   1.00 38.71 ? 235 VAL B CB  1 
ATOM   623  C  CG1 . VAL B 2 30 ? 5.336   -2.148  1.260   1.00 35.39 ? 235 VAL B CG1 1 
ATOM   624  C  CG2 . VAL B 2 30 ? 3.646   -3.645  2.401   1.00 36.58 ? 235 VAL B CG2 1 
ATOM   625  N  N   . THR B 2 31 ? 6.576   -4.420  -1.037  1.00 38.83 ? 236 THR B N   1 
ATOM   626  C  CA  . THR B 2 31 ? 7.542   -4.144  -2.065  1.00 39.37 ? 236 THR B CA  1 
ATOM   627  C  C   . THR B 2 31 ? 6.994   -4.464  -3.455  1.00 39.73 ? 236 THR B C   1 
ATOM   628  O  O   . THR B 2 31 ? 7.200   -3.690  -4.386  1.00 39.66 ? 236 THR B O   1 
ATOM   629  C  CB  . THR B 2 31 ? 8.868   -4.862  -1.708  1.00 39.57 ? 236 THR B CB  1 
ATOM   630  O  OG1 . THR B 2 31 ? 9.372   -4.237  -0.530  1.00 40.12 ? 236 THR B OG1 1 
ATOM   631  C  CG2 . THR B 2 31 ? 10.012  -4.686  -2.793  1.00 35.97 ? 236 THR B CG2 1 
ATOM   632  N  N   . GLU B 2 32 ? 6.275   -5.561  -3.608  1.00 40.04 ? 237 GLU B N   1 
ATOM   633  C  CA  . GLU B 2 32 ? 5.629   -5.766  -4.885  1.00 41.19 ? 237 GLU B CA  1 
ATOM   634  C  C   . GLU B 2 32 ? 4.800   -4.530  -5.312  1.00 40.33 ? 237 GLU B C   1 
ATOM   635  O  O   . GLU B 2 32 ? 4.888   -4.126  -6.453  1.00 40.52 ? 237 GLU B O   1 
ATOM   636  C  CB  . GLU B 2 32 ? 4.692   -6.931  -4.820  1.00 42.69 ? 237 GLU B CB  1 
ATOM   637  C  CG  . GLU B 2 32 ? 5.248   -8.337  -4.759  1.00 48.97 ? 237 GLU B CG  1 
ATOM   638  C  CD  . GLU B 2 32 ? 4.090   -9.358  -4.895  1.00 59.01 ? 237 GLU B CD  1 
ATOM   639  O  OE1 . GLU B 2 32 ? 2.935   -8.953  -5.275  1.00 59.77 ? 237 GLU B OE1 1 
ATOM   640  O  OE2 . GLU B 2 32 ? 4.313   -10.576 -4.624  1.00 63.73 ? 237 GLU B OE2 1 
ATOM   641  N  N   . CYS B 2 33 ? 3.994   -3.932  -4.431  1.00 39.54 ? 238 CYS B N   1 
ATOM   642  C  CA  . CYS B 2 33 ? 3.247   -2.720  -4.816  1.00 40.24 ? 238 CYS B CA  1 
ATOM   643  C  C   . CYS B 2 33 ? 4.141   -1.560  -5.146  1.00 39.50 ? 238 CYS B C   1 
ATOM   644  O  O   . CYS B 2 33 ? 4.067   -0.995  -6.243  1.00 39.55 ? 238 CYS B O   1 
ATOM   645  C  CB  . CYS B 2 33 ? 2.256   -2.266  -3.746  1.00 39.72 ? 238 CYS B CB  1 
ATOM   646  S  SG  . CYS B 2 33 ? 1.058   -3.564  -3.516  1.00 48.90 ? 238 CYS B SG  1 
ATOM   647  N  N   . LEU B 2 34 ? 4.979   -1.176  -4.187  1.00 38.87 ? 239 LEU B N   1 
ATOM   648  C  CA  . LEU B 2 34 ? 5.715   0.052   -4.355  1.00 37.67 ? 239 LEU B CA  1 
ATOM   649  C  C   . LEU B 2 34 ? 6.690   0.000   -5.556  1.00 38.29 ? 239 LEU B C   1 
ATOM   650  O  O   . LEU B 2 34 ? 6.839   0.996   -6.246  1.00 37.72 ? 239 LEU B O   1 
ATOM   651  C  CB  . LEU B 2 34 ? 6.346   0.490   -3.041  1.00 36.86 ? 239 LEU B CB  1 
ATOM   652  C  CG  . LEU B 2 34 ? 5.414   0.642   -1.851  1.00 32.70 ? 239 LEU B CG  1 
ATOM   653  C  CD1 . LEU B 2 34 ? 6.252   0.840   -0.657  1.00 32.50 ? 239 LEU B CD1 1 
ATOM   654  C  CD2 . LEU B 2 34 ? 4.622   1.848   -1.958  1.00 32.09 ? 239 LEU B CD2 1 
ATOM   655  N  N   . THR B 2 35 ? 7.299   -1.154  -5.846  1.00 38.68 ? 240 THR B N   1 
ATOM   656  C  CA  . THR B 2 35 ? 8.293   -1.184  -6.910  1.00 40.09 ? 240 THR B CA  1 
ATOM   657  C  C   . THR B 2 35 ? 7.660   -1.092  -8.273  1.00 41.59 ? 240 THR B C   1 
ATOM   658  O  O   . THR B 2 35 ? 8.329   -1.031  -9.324  1.00 42.18 ? 240 THR B O   1 
ATOM   659  C  CB  . THR B 2 35 ? 9.238   -2.369  -6.838  1.00 40.08 ? 240 THR B CB  1 
ATOM   660  O  OG1 . THR B 2 35 ? 8.497   -3.598  -6.738  1.00 41.49 ? 240 THR B OG1 1 
ATOM   661  C  CG2 . THR B 2 35 ? 10.136  -2.255  -5.589  1.00 38.59 ? 240 THR B CG2 1 
ATOM   662  N  N   . THR B 2 36 ? 6.348   -1.038  -8.231  1.00 43.25 ? 241 THR B N   1 
ATOM   663  C  CA  . THR B 2 36 ? 5.552   -0.743  -9.393  1.00 44.65 ? 241 THR B CA  1 
ATOM   664  C  C   . THR B 2 36 ? 5.867   0.668   -9.835  1.00 45.51 ? 241 THR B C   1 
ATOM   665  O  O   . THR B 2 36 ? 5.839   0.924   -11.026 1.00 46.38 ? 241 THR B O   1 
ATOM   666  C  CB  . THR B 2 36 ? 4.093   -0.873  -9.001  1.00 44.56 ? 241 THR B CB  1 
ATOM   667  O  OG1 . THR B 2 36 ? 3.699   -2.236  -9.197  1.00 45.05 ? 241 THR B OG1 1 
ATOM   668  C  CG2 . THR B 2 36 ? 3.198   -0.068  -9.901  1.00 45.10 ? 241 THR B CG2 1 
ATOM   669  N  N   . VAL B 2 37 ? 6.175   1.559   -8.882  1.00 45.98 ? 242 VAL B N   1 
ATOM   670  C  CA  . VAL B 2 37 ? 6.416   2.970   -9.156  1.00 46.21 ? 242 VAL B CA  1 
ATOM   671  C  C   . VAL B 2 37 ? 7.738   3.124   -9.876  1.00 47.97 ? 242 VAL B C   1 
ATOM   672  O  O   . VAL B 2 37 ? 8.645   2.302   -9.697  1.00 48.32 ? 242 VAL B O   1 
ATOM   673  C  CB  . VAL B 2 37 ? 6.353   3.818   -7.890  1.00 45.19 ? 242 VAL B CB  1 
ATOM   674  C  CG1 . VAL B 2 37 ? 6.598   5.238   -8.173  1.00 44.45 ? 242 VAL B CG1 1 
ATOM   675  C  CG2 . VAL B 2 37 ? 5.022   3.740   -7.333  1.00 44.99 ? 242 VAL B CG2 1 
ATOM   676  N  N   . LYS B 2 38 ? 7.817   4.174   -10.705 1.00 50.30 ? 243 LYS B N   1 
ATOM   677  C  CA  . LYS B 2 38 ? 8.908   4.361   -11.664 1.00 51.61 ? 243 LYS B CA  1 
ATOM   678  C  C   . LYS B 2 38 ? 10.246  4.343   -11.005 1.00 50.87 ? 243 LYS B C   1 
ATOM   679  O  O   . LYS B 2 38 ? 10.619  5.189   -10.159 1.00 50.60 ? 243 LYS B O   1 
ATOM   680  C  CB  . LYS B 2 38 ? 8.770   5.591   -12.587 1.00 52.70 ? 243 LYS B CB  1 
ATOM   681  C  CG  . LYS B 2 38 ? 9.325   5.282   -14.031 1.00 57.24 ? 243 LYS B CG  1 
ATOM   682  C  CD  . LYS B 2 38 ? 10.751  5.864   -14.319 1.00 61.93 ? 243 LYS B CD  1 
ATOM   683  C  CE  . LYS B 2 38 ? 10.992  6.049   -15.870 1.00 66.61 ? 243 LYS B CE  1 
ATOM   684  N  NZ  . LYS B 2 38 ? 11.174  7.485   -16.399 1.00 64.65 ? 243 LYS B NZ  1 
ATOM   685  N  N   . SER B 2 39 ? 10.972  3.360   -11.495 1.00 50.86 ? 244 SER B N   1 
ATOM   686  C  CA  . SER B 2 39 ? 12.094  2.780   -10.783 1.00 50.16 ? 244 SER B CA  1 
ATOM   687  C  C   . SER B 2 39 ? 12.438  3.527   -9.376  1.00 49.15 ? 244 SER B C   1 
ATOM   688  O  O   . SER B 2 39 ? 13.041  4.607   -9.269  1.00 48.20 ? 244 SER B O   1 
ATOM   689  C  CB  . SER B 2 39 ? 13.181  2.226   -11.809 1.00 51.21 ? 244 SER B CB  1 
ATOM   690  O  OG  . SER B 2 39 ? 12.587  1.342   -12.822 1.00 45.37 ? 244 SER B OG  1 
ATOM   691  N  N   . VAL B 2 40 ? 11.719  2.931   -8.412  1.00 48.03 ? 245 VAL B N   1 
ATOM   692  C  CA  . VAL B 2 40 ? 11.643  3.015   -6.970  1.00 46.25 ? 245 VAL B CA  1 
ATOM   693  C  C   . VAL B 2 40 ? 11.906  1.548   -6.539  1.00 46.34 ? 245 VAL B C   1 
ATOM   694  O  O   . VAL B 2 40 ? 11.169  0.631   -6.890  1.00 45.74 ? 245 VAL B O   1 
ATOM   695  C  CB  . VAL B 2 40 ? 10.153  3.308   -6.459  1.00 46.11 ? 245 VAL B CB  1 
ATOM   696  C  CG1 . VAL B 2 40 ? 9.864   2.793   -5.011  1.00 42.12 ? 245 VAL B CG1 1 
ATOM   697  C  CG2 . VAL B 2 40 ? 9.830   4.742   -6.501  1.00 45.43 ? 245 VAL B CG2 1 
ATOM   698  N  N   . ASN B 2 41 ? 12.948  1.413   -5.744  1.00 45.92 ? 246 ASN B N   1 
ATOM   699  C  CA  . ASN B 2 41 ? 13.641  0.254   -5.237  1.00 45.48 ? 246 ASN B CA  1 
ATOM   700  C  C   . ASN B 2 41 ? 13.011  -0.716  -4.251  1.00 45.36 ? 246 ASN B C   1 
ATOM   701  O  O   . ASN B 2 41 ? 12.213  -0.306  -3.361  1.00 44.52 ? 246 ASN B O   1 
ATOM   702  C  CB  . ASN B 2 41 ? 14.607  0.934   -4.298  1.00 45.95 ? 246 ASN B CB  1 
ATOM   703  C  CG  . ASN B 2 41 ? 15.903  0.921   -4.775  1.00 46.51 ? 246 ASN B CG  1 
ATOM   704  O  OD1 . ASN B 2 41 ? 16.637  0.056   -4.422  1.00 57.93 ? 246 ASN B OD1 1 
ATOM   705  N  ND2 . ASN B 2 41 ? 16.241  1.832   -5.616  1.00 46.42 ? 246 ASN B ND2 1 
ATOM   706  N  N   . LYS B 2 42 ? 13.519  -1.954  -4.280  1.00 44.34 ? 247 LYS B N   1 
ATOM   707  C  CA  . LYS B 2 42 ? 13.347  -2.831  -3.141  1.00 44.12 ? 247 LYS B CA  1 
ATOM   708  C  C   . LYS B 2 42 ? 13.834  -2.155  -1.861  1.00 43.92 ? 247 LYS B C   1 
ATOM   709  O  O   . LYS B 2 42 ? 13.181  -2.238  -0.834  1.00 44.48 ? 247 LYS B O   1 
ATOM   710  C  CB  . LYS B 2 42 ? 14.009  -4.176  -3.373  1.00 44.53 ? 247 LYS B CB  1 
ATOM   711  C  CG  . LYS B 2 42 ? 14.019  -5.103  -2.149  1.00 48.37 ? 247 LYS B CG  1 
ATOM   712  C  CD  . LYS B 2 42 ? 15.059  -6.265  -2.317  1.00 54.40 ? 247 LYS B CD  1 
ATOM   713  C  CE  . LYS B 2 42 ? 15.285  -7.121  -1.024  1.00 55.73 ? 247 LYS B CE  1 
ATOM   714  N  NZ  . LYS B 2 42 ? 14.783  -8.550  -1.172  1.00 57.98 ? 247 LYS B NZ  1 
ATOM   715  N  N   . THR B 2 43 ? 14.948  -1.441  -1.909  1.00 43.70 ? 248 THR B N   1 
ATOM   716  C  CA  . THR B 2 43 ? 15.453  -0.752  -0.708  1.00 43.78 ? 248 THR B CA  1 
ATOM   717  C  C   . THR B 2 43 ? 14.589  0.395   -0.224  1.00 43.91 ? 248 THR B C   1 
ATOM   718  O  O   . THR B 2 43 ? 14.288  0.487   0.975   1.00 43.53 ? 248 THR B O   1 
ATOM   719  C  CB  . THR B 2 43 ? 16.840  -0.167  -0.993  1.00 44.46 ? 248 THR B CB  1 
ATOM   720  O  OG1 . THR B 2 43 ? 17.662  -1.177  -1.596  1.00 45.16 ? 248 THR B OG1 1 
ATOM   721  C  CG2 . THR B 2 43 ? 17.556  0.259   0.309   1.00 42.79 ? 248 THR B CG2 1 
ATOM   722  N  N   . ASP B 2 44 ? 14.279  1.299   -1.176  1.00 43.84 ? 249 ASP B N   1 
ATOM   723  C  CA  . ASP B 2 44 ? 13.324  2.386   -1.034  1.00 42.82 ? 249 ASP B CA  1 
ATOM   724  C  C   . ASP B 2 44 ? 12.127  1.873   -0.323  1.00 41.55 ? 249 ASP B C   1 
ATOM   725  O  O   . ASP B 2 44 ? 11.674  2.489   0.643   1.00 41.78 ? 249 ASP B O   1 
ATOM   726  C  CB  . ASP B 2 44 ? 12.844  2.838   -2.410  1.00 44.35 ? 249 ASP B CB  1 
ATOM   727  C  CG  . ASP B 2 44 ? 13.854  3.727   -3.135  1.00 47.90 ? 249 ASP B CG  1 
ATOM   728  O  OD1 . ASP B 2 44 ? 14.277  4.736   -2.534  1.00 55.15 ? 249 ASP B OD1 1 
ATOM   729  O  OD2 . ASP B 2 44 ? 14.287  3.510   -4.292  1.00 48.16 ? 249 ASP B OD2 1 
ATOM   730  N  N   . SER B 2 45 ? 11.626  0.724   -0.762  1.00 39.16 ? 250 SER B N   1 
ATOM   731  C  CA  . SER B 2 45 ? 10.381  0.291   -0.209  1.00 39.32 ? 250 SER B CA  1 
ATOM   732  C  C   . SER B 2 45 ? 10.422  -0.230  1.207   1.00 38.42 ? 250 SER B C   1 
ATOM   733  O  O   . SER B 2 45 ? 9.476   0.006   2.013   1.00 37.66 ? 250 SER B O   1 
ATOM   734  C  CB  . SER B 2 45 ? 9.683   -0.681  -1.122  1.00 39.73 ? 250 SER B CB  1 
ATOM   735  O  OG  . SER B 2 45 ? 10.491  -1.795  -1.211  1.00 44.19 ? 250 SER B OG  1 
ATOM   736  N  N   . GLN B 2 46 ? 11.509  -0.927  1.536   1.00 38.06 ? 251 GLN B N   1 
ATOM   737  C  CA  . GLN B 2 46 ? 11.652  -1.430  2.910   1.00 37.27 ? 251 GLN B CA  1 
ATOM   738  C  C   . GLN B 2 46 ? 11.832  -0.242  3.832   1.00 35.62 ? 251 GLN B C   1 
ATOM   739  O  O   . GLN B 2 46 ? 11.185  -0.141  4.888   1.00 35.49 ? 251 GLN B O   1 
ATOM   740  C  CB  . GLN B 2 46 ? 12.779  -2.441  3.048   1.00 38.55 ? 251 GLN B CB  1 
ATOM   741  C  CG  . GLN B 2 46 ? 13.113  -3.230  1.779   1.00 41.70 ? 251 GLN B CG  1 
ATOM   742  C  CD  . GLN B 2 46 ? 13.353  -4.693  2.022   1.00 46.49 ? 251 GLN B CD  1 
ATOM   743  O  OE1 . GLN B 2 46 ? 12.934  -5.227  3.039   1.00 50.48 ? 251 GLN B OE1 1 
ATOM   744  N  NE2 . GLN B 2 46 ? 14.000  -5.367  1.068   1.00 49.63 ? 251 GLN B NE2 1 
ATOM   745  N  N   . THR B 2 47 ? 12.614  0.727   3.395   1.00 33.85 ? 252 THR B N   1 
ATOM   746  C  CA  . THR B 2 47 ? 12.774  1.931   4.231   1.00 33.48 ? 252 THR B CA  1 
ATOM   747  C  C   . THR B 2 47 ? 11.518  2.783   4.434   1.00 32.36 ? 252 THR B C   1 
ATOM   748  O  O   . THR B 2 47 ? 11.174  3.151   5.564   1.00 31.92 ? 252 THR B O   1 
ATOM   749  C  CB  . THR B 2 47 ? 13.834  2.839   3.679   1.00 33.38 ? 252 THR B CB  1 
ATOM   750  O  OG1 . THR B 2 47 ? 14.863  2.049   3.092   1.00 34.76 ? 252 THR B OG1 1 
ATOM   751  C  CG2 . THR B 2 47 ? 14.486  3.585   4.830   1.00 32.36 ? 252 THR B CG2 1 
ATOM   752  N  N   . LEU B 2 48 ? 10.914  3.161   3.314   1.00 30.78 ? 253 LEU B N   1 
ATOM   753  C  CA  . LEU B 2 48 ? 9.567   3.628   3.284   1.00 29.61 ? 253 LEU B CA  1 
ATOM   754  C  C   . LEU B 2 48 ? 8.676   2.950   4.334   1.00 28.72 ? 253 LEU B C   1 
ATOM   755  O  O   . LEU B 2 48 ? 8.153   3.605   5.242   1.00 27.01 ? 253 LEU B O   1 
ATOM   756  C  CB  . LEU B 2 48 ? 9.037   3.300   1.906   1.00 29.89 ? 253 LEU B CB  1 
ATOM   757  C  CG  . LEU B 2 48 ? 8.879   4.507   0.955   1.00 30.57 ? 253 LEU B CG  1 
ATOM   758  C  CD1 . LEU B 2 48 ? 9.416   5.858   1.553   1.00 25.02 ? 253 LEU B CD1 1 
ATOM   759  C  CD2 . LEU B 2 48 ? 9.356   4.211   -0.535  1.00 24.01 ? 253 LEU B CD2 1 
ATOM   760  N  N   . LEU B 2 49 ? 8.516   1.633   4.212   1.00 28.69 ? 254 LEU B N   1 
ATOM   761  C  CA  . LEU B 2 49 ? 7.564   0.915   5.065   1.00 28.83 ? 254 LEU B CA  1 
ATOM   762  C  C   . LEU B 2 49 ? 7.921   1.007   6.556   1.00 29.25 ? 254 LEU B C   1 
ATOM   763  O  O   . LEU B 2 49 ? 7.046   1.247   7.428   1.00 28.63 ? 254 LEU B O   1 
ATOM   764  C  CB  . LEU B 2 49 ? 7.387   -0.555  4.618   1.00 28.54 ? 254 LEU B CB  1 
ATOM   765  C  CG  . LEU B 2 49 ? 6.421   -1.383  5.490   1.00 27.35 ? 254 LEU B CG  1 
ATOM   766  C  CD1 . LEU B 2 49 ? 5.023   -0.745  5.662   1.00 26.83 ? 254 LEU B CD1 1 
ATOM   767  C  CD2 . LEU B 2 49 ? 6.303   -2.777  4.985   1.00 28.48 ? 254 LEU B CD2 1 
ATOM   768  N  N   . THR B 2 50 ? 9.197   0.834   6.855   1.00 29.60 ? 255 THR B N   1 
ATOM   769  C  CA  . THR B 2 50 ? 9.553   0.845   8.252   1.00 31.48 ? 255 THR B CA  1 
ATOM   770  C  C   . THR B 2 50 ? 9.561   2.237   8.855   1.00 32.44 ? 255 THR B C   1 
ATOM   771  O  O   . THR B 2 50 ? 9.403   2.334   10.069  1.00 34.02 ? 255 THR B O   1 
ATOM   772  C  CB  . THR B 2 50 ? 10.901  0.220   8.503   1.00 31.71 ? 255 THR B CB  1 
ATOM   773  O  OG1 . THR B 2 50 ? 11.878  0.956   7.761   1.00 32.70 ? 255 THR B OG1 1 
ATOM   774  C  CG2 . THR B 2 50 ? 10.959  -1.226  7.980   1.00 31.90 ? 255 THR B CG2 1 
ATOM   775  N  N   . THR B 2 51 ? 9.787   3.285   8.054   1.00 32.51 ? 256 THR B N   1 
ATOM   776  C  CA  . THR B 2 51 ? 9.699   4.650   8.533   1.00 33.02 ? 256 THR B CA  1 
ATOM   777  C  C   . THR B 2 51 ? 8.235   5.027   8.782   1.00 34.00 ? 256 THR B C   1 
ATOM   778  O  O   . THR B 2 51 ? 7.888   5.666   9.781   1.00 34.31 ? 256 THR B O   1 
ATOM   779  C  CB  . THR B 2 51 ? 10.280  5.596   7.499   1.00 33.21 ? 256 THR B CB  1 
ATOM   780  O  OG1 . THR B 2 51 ? 11.645  5.250   7.227   1.00 34.69 ? 256 THR B OG1 1 
ATOM   781  C  CG2 . THR B 2 51 ? 10.382  7.004   8.056   1.00 34.45 ? 256 THR B CG2 1 
ATOM   782  N  N   . PHE B 2 52 ? 7.367   4.659   7.856   1.00 34.99 ? 257 PHE B N   1 
ATOM   783  C  CA  . PHE B 2 52 ? 5.979   5.058   7.955   1.00 35.34 ? 257 PHE B CA  1 
ATOM   784  C  C   . PHE B 2 52 ? 5.155   4.111   8.805   1.00 36.41 ? 257 PHE B C   1 
ATOM   785  O  O   . PHE B 2 52 ? 4.159   4.530   9.401   1.00 36.03 ? 257 PHE B O   1 
ATOM   786  C  CB  . PHE B 2 52 ? 5.397   5.243   6.572   1.00 34.92 ? 257 PHE B CB  1 
ATOM   787  C  CG  . PHE B 2 52 ? 5.557   6.639   6.064   1.00 33.62 ? 257 PHE B CG  1 
ATOM   788  C  CD1 . PHE B 2 52 ? 6.532   6.937   5.106   1.00 31.35 ? 257 PHE B CD1 1 
ATOM   789  C  CD2 . PHE B 2 52 ? 4.755   7.662   6.572   1.00 31.41 ? 257 PHE B CD2 1 
ATOM   790  C  CE1 . PHE B 2 52 ? 6.726   8.230   4.664   1.00 30.42 ? 257 PHE B CE1 1 
ATOM   791  C  CE2 . PHE B 2 52 ? 4.909   8.969   6.137   1.00 31.86 ? 257 PHE B CE2 1 
ATOM   792  C  CZ  . PHE B 2 52 ? 5.898   9.262   5.183   1.00 33.63 ? 257 PHE B CZ  1 
ATOM   793  N  N   . GLY B 2 53 ? 5.585   2.850   8.895   1.00 37.05 ? 258 GLY B N   1 
ATOM   794  C  CA  . GLY B 2 53 ? 4.927   1.909   9.803   1.00 38.49 ? 258 GLY B CA  1 
ATOM   795  C  C   . GLY B 2 53 ? 3.856   1.021   9.175   1.00 39.17 ? 258 GLY B C   1 
ATOM   796  O  O   . GLY B 2 53 ? 3.726   -0.119  9.556   1.00 38.77 ? 258 GLY B O   1 
ATOM   797  N  N   . SER B 2 54 ? 3.132   1.570   8.194   1.00 40.01 ? 259 SER B N   1 
ATOM   798  C  CA  . SER B 2 54 ? 1.991   0.969   7.528   1.00 40.19 ? 259 SER B CA  1 
ATOM   799  C  C   . SER B 2 54 ? 1.761   1.726   6.253   1.00 40.19 ? 259 SER B C   1 
ATOM   800  O  O   . SER B 2 54 ? 2.134   2.869   6.127   1.00 39.74 ? 259 SER B O   1 
ATOM   801  C  CB  . SER B 2 54 ? 0.737   1.143   8.352   1.00 40.38 ? 259 SER B CB  1 
ATOM   802  O  OG  . SER B 2 54 ? 0.465   2.520   8.472   1.00 41.97 ? 259 SER B OG  1 
ATOM   803  N  N   . LEU B 2 55 ? 1.121   1.065   5.301   1.00 41.54 ? 260 LEU B N   1 
ATOM   804  C  CA  . LEU B 2 55 ? 0.759   1.676   4.040   1.00 41.59 ? 260 LEU B CA  1 
ATOM   805  C  C   . LEU B 2 55 ? -0.269  2.779   4.255   1.00 41.78 ? 260 LEU B C   1 
ATOM   806  O  O   . LEU B 2 55 ? -0.310  3.765   3.550   1.00 42.40 ? 260 LEU B O   1 
ATOM   807  C  CB  . LEU B 2 55 ? 0.193   0.609   3.150   1.00 41.31 ? 260 LEU B CB  1 
ATOM   808  C  CG  . LEU B 2 55 ? 1.279   0.036   2.248   1.00 43.51 ? 260 LEU B CG  1 
ATOM   809  C  CD1 . LEU B 2 55 ? 0.765   -1.225  1.572   1.00 45.74 ? 260 LEU B CD1 1 
ATOM   810  C  CD2 . LEU B 2 55 ? 1.736   1.036   1.172   1.00 45.26 ? 260 LEU B CD2 1 
ATOM   811  N  N   . GLU B 2 56 ? -1.091  2.627   5.256   1.00 41.40 ? 261 GLU B N   1 
ATOM   812  C  CA  . GLU B 2 56 ? -1.995  3.667   5.571   1.00 42.34 ? 261 GLU B CA  1 
ATOM   813  C  C   . GLU B 2 56 ? -1.269  4.982   5.876   1.00 41.70 ? 261 GLU B C   1 
ATOM   814  O  O   . GLU B 2 56 ? -1.682  6.004   5.421   1.00 41.89 ? 261 GLU B O   1 
ATOM   815  C  CB  . GLU B 2 56 ? -2.899  3.181   6.692   1.00 43.21 ? 261 GLU B CB  1 
ATOM   816  C  CG  . GLU B 2 56 ? -2.960  4.010   7.944   1.00 50.33 ? 261 GLU B CG  1 
ATOM   817  C  CD  . GLU B 2 56 ? -4.359  4.540   8.140   1.00 60.69 ? 261 GLU B CD  1 
ATOM   818  O  OE1 . GLU B 2 56 ? -4.912  4.447   9.291   1.00 66.19 ? 261 GLU B OE1 1 
ATOM   819  O  OE2 . GLU B 2 56 ? -4.909  5.019   7.114   1.00 63.35 ? 261 GLU B OE2 1 
ATOM   820  N  N   . GLN B 2 57 ? -0.182  4.992   6.627   1.00 41.44 ? 262 GLN B N   1 
ATOM   821  C  CA  . GLN B 2 57 ? 0.447   6.263   6.896   1.00 41.18 ? 262 GLN B CA  1 
ATOM   822  C  C   . GLN B 2 57 ? 1.145   6.694   5.623   1.00 41.13 ? 262 GLN B C   1 
ATOM   823  O  O   . GLN B 2 57 ? 1.233   7.880   5.287   1.00 40.69 ? 262 GLN B O   1 
ATOM   824  C  CB  . GLN B 2 57 ? 1.464   6.176   8.027   1.00 41.30 ? 262 GLN B CB  1 
ATOM   825  C  CG  . GLN B 2 57 ? 0.910   5.925   9.400   1.00 43.35 ? 262 GLN B CG  1 
ATOM   826  C  CD  . GLN B 2 57 ? -0.038  7.012   9.929   1.00 47.40 ? 262 GLN B CD  1 
ATOM   827  O  OE1 . GLN B 2 57 ? -0.196  8.073   9.336   1.00 49.87 ? 262 GLN B OE1 1 
ATOM   828  N  NE2 . GLN B 2 57 ? -0.677  6.727   11.048  1.00 48.96 ? 262 GLN B NE2 1 
ATOM   829  N  N   . LEU B 2 58 ? 1.629   5.718   4.898   1.00 41.11 ? 263 LEU B N   1 
ATOM   830  C  CA  . LEU B 2 58 ? 2.365   6.027   3.710   1.00 43.06 ? 263 LEU B CA  1 
ATOM   831  C  C   . LEU B 2 58 ? 1.557   6.787   2.642   1.00 44.93 ? 263 LEU B C   1 
ATOM   832  O  O   . LEU B 2 58 ? 2.092   7.634   1.939   1.00 46.20 ? 263 LEU B O   1 
ATOM   833  C  CB  . LEU B 2 58 ? 2.862   4.739   3.150   1.00 42.90 ? 263 LEU B CB  1 
ATOM   834  C  CG  . LEU B 2 58 ? 4.152   4.750   2.392   1.00 41.97 ? 263 LEU B CG  1 
ATOM   835  C  CD1 . LEU B 2 58 ? 4.527   3.282   2.313   1.00 43.80 ? 263 LEU B CD1 1 
ATOM   836  C  CD2 . LEU B 2 58 ? 3.849   5.221   1.075   1.00 40.19 ? 263 LEU B CD2 1 
ATOM   837  N  N   . ILE B 2 59 ? 0.277   6.508   2.512   1.00 45.91 ? 264 ILE B N   1 
ATOM   838  C  CA  . ILE B 2 59 ? -0.479  7.200   1.510   1.00 47.77 ? 264 ILE B CA  1 
ATOM   839  C  C   . ILE B 2 59 ? -1.189  8.458   2.079   1.00 49.30 ? 264 ILE B C   1 
ATOM   840  O  O   . ILE B 2 59 ? -1.307  9.464   1.400   1.00 51.11 ? 264 ILE B O   1 
ATOM   841  C  CB  . ILE B 2 59 ? -1.362  6.204   0.723   1.00 48.27 ? 264 ILE B CB  1 
ATOM   842  C  CG1 . ILE B 2 59 ? -2.481  5.586   1.553   1.00 46.39 ? 264 ILE B CG1 1 
ATOM   843  C  CG2 . ILE B 2 59 ? -0.509  4.983   0.270   1.00 49.79 ? 264 ILE B CG2 1 
ATOM   844  C  CD1 . ILE B 2 59 ? -2.829  4.176   1.044   1.00 40.38 ? 264 ILE B CD1 1 
ATOM   845  N  N   . ALA B 2 60 ? -1.598  8.443   3.335   1.00 50.14 ? 265 ALA B N   1 
ATOM   846  C  CA  . ALA B 2 60 ? -1.947  9.675   4.040   1.00 51.03 ? 265 ALA B CA  1 
ATOM   847  C  C   . ALA B 2 60 ? -0.839  10.769  4.015   1.00 52.51 ? 265 ALA B C   1 
ATOM   848  O  O   . ALA B 2 60 ? -1.093  11.921  4.454   1.00 53.10 ? 265 ALA B O   1 
ATOM   849  C  CB  . ALA B 2 60 ? -2.313  9.363   5.489   1.00 50.17 ? 265 ALA B CB  1 
ATOM   850  N  N   . ALA B 2 61 ? 0.365   10.410  3.534   1.00 53.06 ? 266 ALA B N   1 
ATOM   851  C  CA  . ALA B 2 61 ? 1.539   11.283  3.565   1.00 53.61 ? 266 ALA B CA  1 
ATOM   852  C  C   . ALA B 2 61 ? 1.549   12.329  2.434   1.00 54.52 ? 266 ALA B C   1 
ATOM   853  O  O   . ALA B 2 61 ? 1.049   12.055  1.331   1.00 55.03 ? 266 ALA B O   1 
ATOM   854  C  CB  . ALA B 2 61 ? 2.812   10.443  3.508   1.00 53.22 ? 266 ALA B CB  1 
ATOM   855  N  N   . SER B 2 62 ? 2.126   13.508  2.712   1.00 54.84 ? 267 SER B N   1 
ATOM   856  C  CA  . SER B 2 62 ? 2.387   14.545  1.700   1.00 55.55 ? 267 SER B CA  1 
ATOM   857  C  C   . SER B 2 62 ? 3.724   14.345  0.986   1.00 56.03 ? 267 SER B C   1 
ATOM   858  O  O   . SER B 2 62 ? 4.569   13.642  1.484   1.00 56.62 ? 267 SER B O   1 
ATOM   859  C  CB  . SER B 2 62 ? 2.402   15.917  2.354   1.00 55.53 ? 267 SER B CB  1 
ATOM   860  O  OG  . SER B 2 62 ? 3.228   15.921  3.495   1.00 55.52 ? 267 SER B OG  1 
ATOM   861  N  N   . ARG B 2 63 ? 3.927   14.973  -0.170  1.00 56.90 ? 268 ARG B N   1 
ATOM   862  C  CA  . ARG B 2 63 ? 5.166   14.801  -0.941  1.00 57.47 ? 268 ARG B CA  1 
ATOM   863  C  C   . ARG B 2 63 ? 6.325   15.271  -0.073  1.00 57.22 ? 268 ARG B C   1 
ATOM   864  O  O   . ARG B 2 63 ? 7.459   14.814  -0.209  1.00 57.37 ? 268 ARG B O   1 
ATOM   865  C  CB  . ARG B 2 63 ? 5.044   15.547  -2.277  1.00 58.01 ? 268 ARG B CB  1 
ATOM   866  C  CG  . ARG B 2 63 ? 6.301   16.160  -2.924  1.00 61.64 ? 268 ARG B CG  1 
ATOM   867  C  CD  . ARG B 2 63 ? 5.953   17.144  -4.107  1.00 70.24 ? 268 ARG B CD  1 
ATOM   868  N  NE  . ARG B 2 63 ? 4.492   17.424  -4.218  1.00 74.54 ? 268 ARG B NE  1 
ATOM   869  C  CZ  . ARG B 2 63 ? 3.724   17.183  -5.299  1.00 76.68 ? 268 ARG B CZ  1 
ATOM   870  N  NH1 . ARG B 2 63 ? 4.249   16.657  -6.415  1.00 77.55 ? 268 ARG B NH1 1 
ATOM   871  N  NH2 . ARG B 2 63 ? 2.424   17.466  -5.258  1.00 75.68 ? 268 ARG B NH2 1 
ATOM   872  N  N   . GLU B 2 64 ? 5.996   16.135  0.883   1.00 56.96 ? 269 GLU B N   1 
ATOM   873  C  CA  . GLU B 2 64 ? 6.945   16.642  1.851   1.00 56.43 ? 269 GLU B CA  1 
ATOM   874  C  C   . GLU B 2 64 ? 7.389   15.550  2.828   1.00 54.42 ? 269 GLU B C   1 
ATOM   875  O  O   . GLU B 2 64 ? 8.569   15.265  2.896   1.00 53.86 ? 269 GLU B O   1 
ATOM   876  C  CB  . GLU B 2 64 ? 6.330   17.837  2.565   1.00 57.63 ? 269 GLU B CB  1 
ATOM   877  C  CG  . GLU B 2 64 ? 6.985   18.170  3.906   1.00 64.12 ? 269 GLU B CG  1 
ATOM   878  C  CD  . GLU B 2 64 ? 8.003   19.314  3.809   1.00 71.99 ? 269 GLU B CD  1 
ATOM   879  O  OE1 . GLU B 2 64 ? 8.126   20.104  4.801   1.00 73.84 ? 269 GLU B OE1 1 
ATOM   880  O  OE2 . GLU B 2 64 ? 8.685   19.410  2.738   1.00 74.66 ? 269 GLU B OE2 1 
ATOM   881  N  N   . ASP B 2 65 ? 6.440   14.937  3.550   1.00 52.74 ? 270 ASP B N   1 
ATOM   882  C  CA  . ASP B 2 65 ? 6.695   13.777  4.427   1.00 51.08 ? 270 ASP B CA  1 
ATOM   883  C  C   . ASP B 2 65 ? 7.445   12.653  3.741   1.00 49.59 ? 270 ASP B C   1 
ATOM   884  O  O   . ASP B 2 65 ? 8.361   12.068  4.302   1.00 49.73 ? 270 ASP B O   1 
ATOM   885  C  CB  . ASP B 2 65 ? 5.402   13.230  5.004   1.00 51.10 ? 270 ASP B CB  1 
ATOM   886  C  CG  . ASP B 2 65 ? 4.792   14.163  6.046   1.00 55.22 ? 270 ASP B CG  1 
ATOM   887  O  OD1 . ASP B 2 65 ? 5.280   15.309  6.169   1.00 59.82 ? 270 ASP B OD1 1 
ATOM   888  O  OD2 . ASP B 2 65 ? 3.829   13.863  6.804   1.00 58.57 ? 270 ASP B OD2 1 
ATOM   889  N  N   . LEU B 2 66 ? 7.066   12.349  2.517   1.00 47.83 ? 271 LEU B N   1 
ATOM   890  C  CA  . LEU B 2 66 ? 7.726   11.301  1.773   1.00 46.14 ? 271 LEU B CA  1 
ATOM   891  C  C   . LEU B 2 66 ? 9.210   11.588  1.623   1.00 45.62 ? 271 LEU B C   1 
ATOM   892  O  O   . LEU B 2 66 ? 10.017  10.685  1.691   1.00 45.98 ? 271 LEU B O   1 
ATOM   893  C  CB  . LEU B 2 66 ? 7.079   11.149  0.396   1.00 46.14 ? 271 LEU B CB  1 
ATOM   894  C  CG  . LEU B 2 66 ? 5.672   10.534  0.305   1.00 44.19 ? 271 LEU B CG  1 
ATOM   895  C  CD1 . LEU B 2 66 ? 5.223   10.394  -1.152  1.00 37.79 ? 271 LEU B CD1 1 
ATOM   896  C  CD2 . LEU B 2 66 ? 5.609   9.190   1.047   1.00 40.87 ? 271 LEU B CD2 1 
ATOM   897  N  N   . ALA B 2 67 ? 9.564   12.851  1.449   1.00 44.98 ? 272 ALA B N   1 
ATOM   898  C  CA  . ALA B 2 67 ? 10.925  13.244  1.096   1.00 44.05 ? 272 ALA B CA  1 
ATOM   899  C  C   . ALA B 2 67 ? 11.881  13.179  2.305   1.00 43.50 ? 272 ALA B C   1 
ATOM   900  O  O   . ALA B 2 67 ? 13.108  12.905  2.187   1.00 43.81 ? 272 ALA B O   1 
ATOM   901  C  CB  . ALA B 2 67 ? 10.886  14.615  0.519   1.00 44.55 ? 272 ALA B CB  1 
ATOM   902  N  N   . LEU B 2 68 ? 11.279  13.398  3.464   1.00 42.27 ? 273 LEU B N   1 
ATOM   903  C  CA  . LEU B 2 68 ? 11.849  13.081  4.768   1.00 41.17 ? 273 LEU B CA  1 
ATOM   904  C  C   . LEU B 2 68 ? 12.242  11.620  5.006   1.00 40.34 ? 273 LEU B C   1 
ATOM   905  O  O   . LEU B 2 68 ? 13.011  11.352  5.906   1.00 41.04 ? 273 LEU B O   1 
ATOM   906  C  CB  . LEU B 2 68 ? 10.879  13.512  5.879   1.00 41.02 ? 273 LEU B CB  1 
ATOM   907  C  CG  . LEU B 2 68 ? 10.453  14.998  5.933   1.00 39.62 ? 273 LEU B CG  1 
ATOM   908  C  CD1 . LEU B 2 68 ? 9.271   15.177  6.916   1.00 36.88 ? 273 LEU B CD1 1 
ATOM   909  C  CD2 . LEU B 2 68 ? 11.665  15.951  6.261   1.00 37.11 ? 273 LEU B CD2 1 
ATOM   910  N  N   . CYS B 2 69 ? 11.722  10.666  4.248   1.00 39.34 ? 274 CYS B N   1 
ATOM   911  C  CA  . CYS B 2 69 ? 12.238  9.328   4.417   1.00 38.22 ? 274 CYS B CA  1 
ATOM   912  C  C   . CYS B 2 69 ? 13.675  9.436   3.962   1.00 39.71 ? 274 CYS B C   1 
ATOM   913  O  O   . CYS B 2 69 ? 13.924  9.849   2.854   1.00 40.30 ? 274 CYS B O   1 
ATOM   914  C  CB  . CYS B 2 69 ? 11.469  8.302   3.611   1.00 37.27 ? 274 CYS B CB  1 
ATOM   915  S  SG  . CYS B 2 69 ? 12.214  6.678   3.704   1.00 26.88 ? 274 CYS B SG  1 
ATOM   916  N  N   . PRO B 2 70 ? 14.604  9.103   4.841   1.00 40.75 ? 275 PRO B N   1 
ATOM   917  C  CA  . PRO B 2 70 ? 16.054  9.261   4.607   1.00 41.83 ? 275 PRO B CA  1 
ATOM   918  C  C   . PRO B 2 70 ? 16.483  8.470   3.406   1.00 42.61 ? 275 PRO B C   1 
ATOM   919  O  O   . PRO B 2 70 ? 16.127  7.303   3.381   1.00 44.15 ? 275 PRO B O   1 
ATOM   920  C  CB  . PRO B 2 70 ? 16.687  8.599   5.833   1.00 42.02 ? 275 PRO B CB  1 
ATOM   921  C  CG  . PRO B 2 70 ? 15.614  8.483   6.867   1.00 41.46 ? 275 PRO B CG  1 
ATOM   922  C  CD  . PRO B 2 70 ? 14.298  8.494   6.142   1.00 41.24 ? 275 PRO B CD  1 
ATOM   923  N  N   . GLY B 2 71 ? 17.236  9.036   2.463   1.00 43.46 ? 276 GLY B N   1 
ATOM   924  C  CA  . GLY B 2 71 ? 17.334  8.457   1.108   1.00 44.60 ? 276 GLY B CA  1 
ATOM   925  C  C   . GLY B 2 71 ? 16.076  8.802   0.299   1.00 45.61 ? 276 GLY B C   1 
ATOM   926  O  O   . GLY B 2 71 ? 15.056  9.291   0.845   1.00 45.71 ? 276 GLY B O   1 
ATOM   927  N  N   . LEU B 2 72 ? 16.089  8.589   -1.006  1.00 46.61 ? 277 LEU B N   1 
ATOM   928  C  CA  . LEU B 2 72 ? 14.858  8.894   -1.753  1.00 48.12 ? 277 LEU B CA  1 
ATOM   929  C  C   . LEU B 2 72 ? 14.914  10.292  -2.260  1.00 49.54 ? 277 LEU B C   1 
ATOM   930  O  O   . LEU B 2 72 ? 14.951  11.245  -1.455  1.00 49.10 ? 277 LEU B O   1 
ATOM   931  C  CB  . LEU B 2 72 ? 13.608  8.836   -0.836  1.00 47.49 ? 277 LEU B CB  1 
ATOM   932  C  CG  . LEU B 2 72 ? 12.290  8.343   -1.438  1.00 46.75 ? 277 LEU B CG  1 
ATOM   933  C  CD1 . LEU B 2 72 ? 12.246  6.800   -1.454  1.00 45.94 ? 277 LEU B CD1 1 
ATOM   934  C  CD2 . LEU B 2 72 ? 11.099  8.911   -0.716  1.00 43.92 ? 277 LEU B CD2 1 
ATOM   935  N  N   . GLY B 2 73 ? 14.853  10.434  -3.587  1.00 51.74 ? 278 GLY B N   1 
ATOM   936  C  CA  . GLY B 2 73 ? 14.866  11.764  -4.200  1.00 52.60 ? 278 GLY B CA  1 
ATOM   937  C  C   . GLY B 2 73 ? 13.909  12.720  -3.476  1.00 52.53 ? 278 GLY B C   1 
ATOM   938  O  O   . GLY B 2 73 ? 13.259  12.366  -2.493  1.00 52.12 ? 278 GLY B O   1 
ATOM   939  N  N   . PRO B 2 74 ? 13.829  13.953  -3.954  1.00 52.78 ? 279 PRO B N   1 
ATOM   940  C  CA  . PRO B 2 74 ? 12.495  14.582  -4.053  1.00 52.66 ? 279 PRO B CA  1 
ATOM   941  C  C   . PRO B 2 74 ? 11.859  14.154  -5.447  1.00 52.43 ? 279 PRO B C   1 
ATOM   942  O  O   . PRO B 2 74 ? 10.642  14.204  -5.678  1.00 51.62 ? 279 PRO B O   1 
ATOM   943  C  CB  . PRO B 2 74 ? 12.793  16.074  -3.879  1.00 52.08 ? 279 PRO B CB  1 
ATOM   944  C  CG  . PRO B 2 74 ? 14.330  16.184  -4.113  1.00 52.80 ? 279 PRO B CG  1 
ATOM   945  C  CD  . PRO B 2 74 ? 14.933  14.834  -4.394  1.00 51.92 ? 279 PRO B CD  1 
ATOM   946  N  N   . GLN B 2 75 ? 12.728  13.671  -6.336  1.00 52.62 ? 280 GLN B N   1 
ATOM   947  C  CA  . GLN B 2 75 ? 12.320  13.068  -7.587  1.00 53.70 ? 280 GLN B CA  1 
ATOM   948  C  C   . GLN B 2 75 ? 11.439  11.834  -7.279  1.00 53.01 ? 280 GLN B C   1 
ATOM   949  O  O   . GLN B 2 75 ? 10.232  11.879  -7.562  1.00 53.24 ? 280 GLN B O   1 
ATOM   950  C  CB  . GLN B 2 75 ? 13.557  12.750  -8.461  1.00 54.36 ? 280 GLN B CB  1 
ATOM   951  C  CG  . GLN B 2 75 ? 13.247  12.301  -9.926  1.00 59.69 ? 280 GLN B CG  1 
ATOM   952  C  CD  . GLN B 2 75 ? 14.524  11.907  -10.758 1.00 66.05 ? 280 GLN B CD  1 
ATOM   953  O  OE1 . GLN B 2 75 ? 15.352  12.784  -11.114 1.00 68.49 ? 280 GLN B OE1 1 
ATOM   954  N  NE2 . GLN B 2 75 ? 14.670  10.596  -11.069 1.00 65.27 ? 280 GLN B NE2 1 
ATOM   955  N  N   . LYS B 2 76 ? 12.012  10.784  -6.651  1.00 51.97 ? 281 LYS B N   1 
ATOM   956  C  CA  . LYS B 2 76 ? 11.266  9.586   -6.222  1.00 50.19 ? 281 LYS B CA  1 
ATOM   957  C  C   . LYS B 2 76 ? 10.087  9.938   -5.354  1.00 49.93 ? 281 LYS B C   1 
ATOM   958  O  O   . LYS B 2 76 ? 9.025   9.361   -5.495  1.00 50.04 ? 281 LYS B O   1 
ATOM   959  C  CB  . LYS B 2 76 ? 12.151  8.644   -5.452  1.00 50.34 ? 281 LYS B CB  1 
ATOM   960  C  CG  . LYS B 2 76 ? 12.923  7.639   -6.287  1.00 51.21 ? 281 LYS B CG  1 
ATOM   961  C  CD  . LYS B 2 76 ? 14.251  7.299   -5.614  1.00 52.42 ? 281 LYS B CD  1 
ATOM   962  C  CE  . LYS B 2 76 ? 15.189  6.526   -6.522  1.00 53.63 ? 281 LYS B CE  1 
ATOM   963  N  NZ  . LYS B 2 76 ? 15.049  5.062   -6.389  1.00 54.14 ? 281 LYS B NZ  1 
ATOM   964  N  N   . ALA B 2 77 ? 10.252  10.902  -4.460  1.00 49.83 ? 282 ALA B N   1 
ATOM   965  C  CA  . ALA B 2 77 ? 9.116   11.402  -3.688  1.00 50.04 ? 282 ALA B CA  1 
ATOM   966  C  C   . ALA B 2 77 ? 7.944   11.939  -4.529  1.00 50.72 ? 282 ALA B C   1 
ATOM   967  O  O   . ALA B 2 77 ? 6.800   11.712  -4.161  1.00 50.91 ? 282 ALA B O   1 
ATOM   968  C  CB  . ALA B 2 77 ? 9.565   12.431  -2.669  1.00 49.77 ? 282 ALA B CB  1 
ATOM   969  N  N   . ARG B 2 78 ? 8.203   12.649  -5.635  1.00 51.57 ? 283 ARG B N   1 
ATOM   970  C  CA  . ARG B 2 78 ? 7.112   13.108  -6.518  1.00 52.51 ? 283 ARG B CA  1 
ATOM   971  C  C   . ARG B 2 78 ? 6.417   11.909  -7.174  1.00 51.21 ? 283 ARG B C   1 
ATOM   972  O  O   . ARG B 2 78 ? 5.203   11.731  -7.024  1.00 50.50 ? 283 ARG B O   1 
ATOM   973  C  CB  . ARG B 2 78 ? 7.634   14.052  -7.612  1.00 53.99 ? 283 ARG B CB  1 
ATOM   974  C  CG  . ARG B 2 78 ? 6.731   15.265  -8.018  1.00 60.09 ? 283 ARG B CG  1 
ATOM   975  C  CD  . ARG B 2 78 ? 7.538   16.531  -8.558  1.00 69.99 ? 283 ARG B CD  1 
ATOM   976  N  NE  . ARG B 2 78 ? 8.724   16.135  -9.362  1.00 76.46 ? 283 ARG B NE  1 
ATOM   977  C  CZ  . ARG B 2 78 ? 10.008  16.477  -9.103  1.00 79.42 ? 283 ARG B CZ  1 
ATOM   978  N  NH1 . ARG B 2 78 ? 10.306  17.263  -8.059  1.00 80.20 ? 283 ARG B NH1 1 
ATOM   979  N  NH2 . ARG B 2 78 ? 10.997  16.032  -9.896  1.00 78.77 ? 283 ARG B NH2 1 
ATOM   980  N  N   . ARG B 2 79 ? 7.199   11.074  -7.862  1.00 49.82 ? 284 ARG B N   1 
ATOM   981  C  CA  . ARG B 2 79 ? 6.657   9.963   -8.628  1.00 49.56 ? 284 ARG B CA  1 
ATOM   982  C  C   . ARG B 2 79 ? 5.691   9.147   -7.829  1.00 49.16 ? 284 ARG B C   1 
ATOM   983  O  O   . ARG B 2 79 ? 4.624   8.751   -8.317  1.00 50.20 ? 284 ARG B O   1 
ATOM   984  C  CB  . ARG B 2 79 ? 7.762   9.054   -9.100  1.00 49.71 ? 284 ARG B CB  1 
ATOM   985  C  CG  . ARG B 2 79 ? 8.790   9.753   -9.922  1.00 52.51 ? 284 ARG B CG  1 
ATOM   986  C  CD  . ARG B 2 79 ? 9.602   8.833   -10.783 1.00 58.56 ? 284 ARG B CD  1 
ATOM   987  N  NE  . ARG B 2 79 ? 10.920  9.422   -10.999 1.00 63.55 ? 284 ARG B NE  1 
ATOM   988  C  CZ  . ARG B 2 79 ? 11.564  9.418   -12.161 1.00 66.97 ? 284 ARG B CZ  1 
ATOM   989  N  NH1 . ARG B 2 79 ? 11.024  8.844   -13.260 1.00 67.04 ? 284 ARG B NH1 1 
ATOM   990  N  NH2 . ARG B 2 79 ? 12.757  10.002  -12.219 1.00 66.85 ? 284 ARG B NH2 1 
ATOM   991  N  N   . LEU B 2 80 ? 6.068   8.901   -6.587  1.00 48.02 ? 285 LEU B N   1 
ATOM   992  C  CA  . LEU B 2 80 ? 5.262   8.100   -5.717  1.00 46.66 ? 285 LEU B CA  1 
ATOM   993  C  C   . LEU B 2 80 ? 4.062   8.871   -5.210  1.00 46.53 ? 285 LEU B C   1 
ATOM   994  O  O   . LEU B 2 80 ? 2.977   8.319   -5.155  1.00 45.95 ? 285 LEU B O   1 
ATOM   995  C  CB  . LEU B 2 80 ? 6.111   7.550   -4.564  1.00 46.34 ? 285 LEU B CB  1 
ATOM   996  C  CG  . LEU B 2 80 ? 5.343   6.692   -3.562  1.00 43.28 ? 285 LEU B CG  1 
ATOM   997  C  CD1 . LEU B 2 80 ? 5.096   5.314   -4.075  1.00 44.02 ? 285 LEU B CD1 1 
ATOM   998  C  CD2 . LEU B 2 80 ? 6.063   6.639   -2.321  1.00 40.42 ? 285 LEU B CD2 1 
ATOM   999  N  N   . PHE B 2 81 ? 4.235   10.129  -4.818  1.00 47.13 ? 286 PHE B N   1 
ATOM   1000 C  CA  . PHE B 2 81 ? 3.063   10.897  -4.381  1.00 48.38 ? 286 PHE B CA  1 
ATOM   1001 C  C   . PHE B 2 81 ? 1.952   10.902  -5.462  1.00 49.57 ? 286 PHE B C   1 
ATOM   1002 O  O   . PHE B 2 81 ? 0.741   10.738  -5.162  1.00 49.32 ? 286 PHE B O   1 
ATOM   1003 C  CB  . PHE B 2 81 ? 3.401   12.332  -4.005  1.00 48.17 ? 286 PHE B CB  1 
ATOM   1004 C  CG  . PHE B 2 81 ? 2.235   13.072  -3.436  1.00 48.23 ? 286 PHE B CG  1 
ATOM   1005 C  CD1 . PHE B 2 81 ? 1.370   13.791  -4.272  1.00 51.87 ? 286 PHE B CD1 1 
ATOM   1006 C  CD2 . PHE B 2 81 ? 1.966   13.020  -2.083  1.00 47.54 ? 286 PHE B CD2 1 
ATOM   1007 C  CE1 . PHE B 2 81 ? 0.240   14.467  -3.747  1.00 52.53 ? 286 PHE B CE1 1 
ATOM   1008 C  CE2 . PHE B 2 81 ? 0.856   13.676  -1.535  1.00 50.65 ? 286 PHE B CE2 1 
ATOM   1009 C  CZ  . PHE B 2 81 ? -0.017  14.407  -2.369  1.00 52.85 ? 286 PHE B CZ  1 
ATOM   1010 N  N   . ASP B 2 82 ? 2.388   11.084  -6.715  1.00 50.48 ? 287 ASP B N   1 
ATOM   1011 C  CA  . ASP B 2 82 ? 1.521   11.001  -7.887  1.00 50.73 ? 287 ASP B CA  1 
ATOM   1012 C  C   . ASP B 2 82 ? 0.820   9.647   -7.943  1.00 51.22 ? 287 ASP B C   1 
ATOM   1013 O  O   . ASP B 2 82 ? -0.409  9.593   -7.760  1.00 52.33 ? 287 ASP B O   1 
ATOM   1014 C  CB  . ASP B 2 82 ? 2.319   11.271  -9.161  1.00 50.45 ? 287 ASP B CB  1 
ATOM   1015 C  CG  . ASP B 2 82 ? 2.880   12.688  -9.199  1.00 50.32 ? 287 ASP B CG  1 
ATOM   1016 O  OD1 . ASP B 2 82 ? 2.426   13.527  -8.390  1.00 48.19 ? 287 ASP B OD1 1 
ATOM   1017 O  OD2 . ASP B 2 82 ? 3.788   13.056  -9.985  1.00 49.97 ? 287 ASP B OD2 1 
ATOM   1018 N  N   . VAL B 2 83 ? 1.568   8.557   -8.143  1.00 50.63 ? 288 VAL B N   1 
ATOM   1019 C  CA  . VAL B 2 83 ? 0.921   7.258   -8.349  1.00 49.89 ? 288 VAL B CA  1 
ATOM   1020 C  C   . VAL B 2 83 ? -0.174  7.055   -7.303  1.00 51.01 ? 288 VAL B C   1 
ATOM   1021 O  O   . VAL B 2 83 ? -1.245  6.528   -7.588  1.00 51.54 ? 288 VAL B O   1 
ATOM   1022 C  CB  . VAL B 2 83 ? 1.930   6.107   -8.352  1.00 48.91 ? 288 VAL B CB  1 
ATOM   1023 C  CG1 . VAL B 2 83 ? 1.237   4.782   -8.404  1.00 47.38 ? 288 VAL B CG1 1 
ATOM   1024 C  CG2 . VAL B 2 83 ? 2.908   6.246   -9.496  1.00 47.40 ? 288 VAL B CG2 1 
ATOM   1025 N  N   . LEU B 2 84 ? 0.078   7.548   -6.100  1.00 52.39 ? 289 LEU B N   1 
ATOM   1026 C  CA  . LEU B 2 84 ? -0.838  7.374   -4.977  1.00 53.85 ? 289 LEU B CA  1 
ATOM   1027 C  C   . LEU B 2 84 ? -2.028  8.318   -4.979  1.00 54.68 ? 289 LEU B C   1 
ATOM   1028 O  O   . LEU B 2 84 ? -3.003  8.075   -4.285  1.00 54.08 ? 289 LEU B O   1 
ATOM   1029 C  CB  . LEU B 2 84 ? -0.077  7.609   -3.669  1.00 53.97 ? 289 LEU B CB  1 
ATOM   1030 C  CG  . LEU B 2 84 ? 0.911   6.591   -3.119  1.00 54.05 ? 289 LEU B CG  1 
ATOM   1031 C  CD1 . LEU B 2 84 ? 1.437   7.070   -1.775  1.00 53.26 ? 289 LEU B CD1 1 
ATOM   1032 C  CD2 . LEU B 2 84 ? 0.219   5.261   -2.976  1.00 54.00 ? 289 LEU B CD2 1 
ATOM   1033 N  N   . HIS B 2 85 ? -1.908  9.426   -5.701  1.00 56.57 ? 290 HIS B N   1 
ATOM   1034 C  CA  . HIS B 2 85 ? -2.884  10.509  -5.609  1.00 58.36 ? 290 HIS B CA  1 
ATOM   1035 C  C   . HIS B 2 85 ? -3.566  10.773  -6.932  1.00 59.54 ? 290 HIS B C   1 
ATOM   1036 O  O   . HIS B 2 85 ? -4.765  11.058  -6.968  1.00 59.70 ? 290 HIS B O   1 
ATOM   1037 C  CB  . HIS B 2 85 ? -2.268  11.756  -4.983  1.00 57.92 ? 290 HIS B CB  1 
ATOM   1038 C  CG  . HIS B 2 85 ? -2.004  11.588  -3.523  1.00 60.18 ? 290 HIS B CG  1 
ATOM   1039 N  ND1 . HIS B 2 85 ? -2.997  11.704  -2.568  1.00 62.63 ? 290 HIS B ND1 1 
ATOM   1040 C  CD2 . HIS B 2 85 ? -0.883  11.223  -2.854  1.00 61.14 ? 290 HIS B CD2 1 
ATOM   1041 C  CE1 . HIS B 2 85 ? -2.490  11.453  -1.369  1.00 62.18 ? 290 HIS B CE1 1 
ATOM   1042 N  NE2 . HIS B 2 85 ? -1.207  11.160  -1.516  1.00 62.29 ? 290 HIS B NE2 1 
ATOM   1043 N  N   . GLU B 2 86 ? -2.815  10.634  -8.019  1.00 60.90 ? 291 GLU B N   1 
ATOM   1044 C  CA  . GLU B 2 86 ? -3.416  10.630  -9.333  1.00 62.90 ? 291 GLU B CA  1 
ATOM   1045 C  C   . GLU B 2 86 ? -4.633  9.674   -9.364  1.00 63.75 ? 291 GLU B C   1 
ATOM   1046 O  O   . GLU B 2 86 ? -4.586  8.586   -8.801  1.00 63.86 ? 291 GLU B O   1 
ATOM   1047 C  CB  . GLU B 2 86 ? -2.376  10.274  -10.396 1.00 62.94 ? 291 GLU B CB  1 
ATOM   1048 C  CG  . GLU B 2 86 ? -2.252  8.798   -10.721 1.00 65.65 ? 291 GLU B CG  1 
ATOM   1049 C  CD  . GLU B 2 86 ? -1.418  8.569   -11.958 1.00 70.29 ? 291 GLU B CD  1 
ATOM   1050 O  OE1 . GLU B 2 86 ? -0.695  7.547   -12.065 1.00 72.77 ? 291 GLU B OE1 1 
ATOM   1051 O  OE2 . GLU B 2 86 ? -1.470  9.447   -12.829 1.00 72.95 ? 291 GLU B OE2 1 
ATOM   1052 N  N   . PRO B 2 87 ? -5.732  10.096  -10.003 1.00 65.19 ? 292 PRO B N   1 
ATOM   1053 C  CA  . PRO B 2 87 ? -6.981  9.295   -10.020 1.00 65.51 ? 292 PRO B CA  1 
ATOM   1054 C  C   . PRO B 2 87 ? -6.936  8.054   -10.946 1.00 65.22 ? 292 PRO B C   1 
ATOM   1055 O  O   . PRO B 2 87 ? -6.208  8.038   -11.939 1.00 64.36 ? 292 PRO B O   1 
ATOM   1056 C  CB  . PRO B 2 87 ? -8.031  10.307  -10.506 1.00 65.42 ? 292 PRO B CB  1 
ATOM   1057 C  CG  . PRO B 2 87 ? -7.229  11.257  -11.404 1.00 65.09 ? 292 PRO B CG  1 
ATOM   1058 C  CD  . PRO B 2 87 ? -5.880  11.366  -10.761 1.00 65.14 ? 292 PRO B CD  1 
ATOM   1059 N  N   . PHE B 2 88 ? -7.702  7.022   -10.606 1.00 65.35 ? 293 PHE B N   1 
ATOM   1060 C  CA  . PHE B 2 88 ? -7.727  5.829   -11.440 1.00 65.88 ? 293 PHE B CA  1 
ATOM   1061 C  C   . PHE B 2 88 ? -8.258  6.105   -12.852 1.00 67.54 ? 293 PHE B C   1 
ATOM   1062 O  O   . PHE B 2 88 ? -7.773  5.506   -13.837 1.00 67.83 ? 293 PHE B O   1 
ATOM   1063 C  CB  . PHE B 2 88 ? -8.612  4.787   -10.813 1.00 64.72 ? 293 PHE B CB  1 
ATOM   1064 C  CG  . PHE B 2 88 ? -8.131  4.317   -9.538  1.00 62.33 ? 293 PHE B CG  1 
ATOM   1065 C  CD1 . PHE B 2 88 ? -8.932  4.425   -8.420  1.00 60.74 ? 293 PHE B CD1 1 
ATOM   1066 C  CD2 . PHE B 2 88 ? -6.861  3.744   -9.436  1.00 61.69 ? 293 PHE B CD2 1 
ATOM   1067 C  CE1 . PHE B 2 88 ? -8.491  3.965   -7.203  1.00 59.83 ? 293 PHE B CE1 1 
ATOM   1068 C  CE2 . PHE B 2 88 ? -6.395  3.276   -8.233  1.00 59.75 ? 293 PHE B CE2 1 
ATOM   1069 C  CZ  . PHE B 2 88 ? -7.215  3.384   -7.106  1.00 60.49 ? 293 PHE B CZ  1 
ATOM   1070 N  N   . LEU B 2 89 ? -9.262  6.995   -12.929 1.00 68.72 ? 294 LEU B N   1 
ATOM   1071 C  CA  . LEU B 2 89 ? -9.960  7.315   -14.169 1.00 69.74 ? 294 LEU B CA  1 
ATOM   1072 C  C   . LEU B 2 89 ? -9.363  8.536   -14.886 1.00 70.94 ? 294 LEU B C   1 
ATOM   1073 O  O   . LEU B 2 89 ? -9.270  9.627   -14.313 1.00 70.19 ? 294 LEU B O   1 
ATOM   1074 C  CB  . LEU B 2 89 ? -11.449 7.540   -13.856 1.00 69.42 ? 294 LEU B CB  1 
ATOM   1075 C  CG  . LEU B 2 89 ? -12.556 6.459   -13.790 1.00 68.37 ? 294 LEU B CG  1 
ATOM   1076 C  CD1 . LEU B 2 89 ? -12.052 5.029   -13.818 1.00 68.72 ? 294 LEU B CD1 1 
ATOM   1077 C  CD2 . LEU B 2 89 ? -13.484 6.654   -12.583 1.00 67.30 ? 294 LEU B CD2 1 
ATOM   1078 N  N   . LYS B 2 90 ? -8.946  8.346   -16.136 1.00 73.35 ? 295 LYS B N   1 
ATOM   1079 C  CA  . LYS B 2 90 ? -8.733  9.499   -17.041 1.00 76.11 ? 295 LYS B CA  1 
ATOM   1080 C  C   . LYS B 2 90 ? -9.262  9.297   -18.517 1.00 77.42 ? 295 LYS B C   1 
ATOM   1081 O  O   . LYS B 2 90 ? -9.445  8.135   -18.955 1.00 77.94 ? 295 LYS B O   1 
ATOM   1082 C  CB  . LYS B 2 90 ? -7.263  10.012  -16.981 1.00 76.23 ? 295 LYS B CB  1 
ATOM   1083 C  CG  . LYS B 2 90 ? -7.132  11.581  -16.938 1.00 75.93 ? 295 LYS B CG  1 
ATOM   1084 C  CD  . LYS B 2 90 ? -6.695  12.172  -18.297 1.00 74.44 ? 295 LYS B CD  1 
ATOM   1085 C  CE  . LYS B 2 90 ? -5.842  13.399  -18.103 1.00 73.60 ? 295 LYS B CE  1 
ATOM   1086 N  NZ  . LYS B 2 90 ? -6.370  14.149  -16.939 1.00 72.29 ? 295 LYS B NZ  1 
ATOM   1087 N  N   . VAL B 2 91 ? -9.559  10.412  -19.227 1.00 78.36 ? 296 VAL B N   1 
ATOM   1088 C  CA  . VAL B 2 91 ? -9.534  10.505  -20.733 1.00 79.17 ? 296 VAL B CA  1 
ATOM   1089 C  C   . VAL B 2 91 ? -9.899  11.904  -21.237 1.00 79.36 ? 296 VAL B C   1 
ATOM   1090 O  O   . VAL B 2 91 ? -9.087  12.565  -21.888 1.00 79.53 ? 296 VAL B O   1 
ATOM   1091 C  CB  . VAL B 2 91 ? -10.316 9.356   -21.554 1.00 79.38 ? 296 VAL B CB  1 
ATOM   1092 C  CG1 . VAL B 2 91 ? -11.639 9.850   -22.142 1.00 79.14 ? 296 VAL B CG1 1 
ATOM   1093 C  CG2 . VAL B 2 91 ? -9.434  8.773   -22.683 1.00 79.37 ? 296 VAL B CG2 1 
HETATM 1094 HG HG  . HG  C 3 .  ? 13.476  6.036   2.034   0.70 53.11 ? 1   HG  B HG  1 
# 
